data_9FY9
#
_entry.id   9FY9
#
_cell.length_a   1.00
_cell.length_b   1.00
_cell.length_c   1.00
_cell.angle_alpha   90.00
_cell.angle_beta   90.00
_cell.angle_gamma   90.00
#
_symmetry.space_group_name_H-M   'P 1'
#
loop_
_entity.id
_entity.type
_entity.pdbx_description
1 polymer 'Chaperone protein FimC'
2 polymer 'Outer membrane usher protein FimD'
3 polymer 'Protein FimF'
4 polymer 'Protein FimG'
5 polymer 'Type 1 fimbrin D-mannose specific adhesin'
#
loop_
_entity_poly.entity_id
_entity_poly.type
_entity_poly.pdbx_seq_one_letter_code
_entity_poly.pdbx_strand_id
1 'polypeptide(L)'
;MGVALGATRVIYPAGQKQEQLAVTNNDENSTYLIQSWVENADGVKDGRFIVTPPLFAMKGKKENTLRILDATNNQLPQDR
ESLFWMNVKAIPSMDKSKLTENTLQLAIISRIKLYYRPAKLALPPDQAAEKLRFRRSANSLTLINPTPYYLTVTELNAGT
RVLENALVPPMGESTVKLPSDAGSNITYRTINDYGALTPKMTGVME
;
C
2 'polypeptide(L)'
;DLYFNPRFLADDPQAVADLSRFENGQELPPGTYRVDIYLNNGYMATRDVTFNTGDSEQGIVPCLTRAQLASMGLNTASVA
GMNLLADDACVPLTTMVQDATAHLDVGQQRLNLTIPQAFMSNRARGYIPPELWDPGINAGLLNYNFSGNSVQNRIGGNSH
YAYLNLQSGLNIGAWRLRDNTTWSYNSSDRSSGSKNKWQHINTWLERDIIPLRSRLTLGDGYTQGDIFDGINFRGAQLAS
DDNMLPDSQRGFAPVIHGIARGTAQVTIKQNGYDIYNSTVPPGPFTINDIYAAGNSGDLQVTIKEADGSTQIFTVPYSSV
PLLQREGHTRYSITAGEYRSGNAQQEKPRFFQSTLLHGLPAGWTIYGGTQLADRYRAFNFGIGKNMGALGALSVDMTQAN
STLPDDSQHDGQSVRFLYNKSLNESGTNIQLVGYRYSTSGYFNFADTTYSRMNGYNIETQDGVIQVKPKFTDYYNLAYNK
RGKLQLTVTQQLGRTSTLYLSGSHQTYWGTSNVDEQFQAGLNTAFEDINWTLSYSLTKNAWQKGRDQMLALNVNIPFSHW
LRSDSKSQWRHASASYSMSHDLNGRMTNLAGVYGTLLEDNNLSYSVQTGYAGGGDGNSGSTGYATLNYRGGYGNANIGYS
HSDDIKQLYYGVSGGVLAHANGVTLGQPLNDTVVLVKAPGAKDAKVENQTGVRTDWRGYAVLPYATEYRENRVALDTNTL
ADNVDLDNAVANVVPTRGAIVRAEFKARVGIKLLMTLTHNNKPLPFGAMVTSESSQSSGIVADNGQVYLSGMPLAGKVQV
KWGEEENAHCVANYQLPPESQQQLLTQLSAECRLVPRGSWSHPQFEK
;
D
3 'polypeptide(L)'
;ADSTITIRGYVRDNGCSVAAESTNFTVDLMENAAKQFNNIGATTPVVPFRILLSPCGNAVSAVKVGFTGVADSHNANLLA
LENTVSAASGLGIQLLNEQQNQIPLNAPSSALSWTTLTPGKPNTLNFYARLMATQVPVTAGHINATATFTLEYQ
;
F
4 'polypeptide(L)'
;ADVTITVNGKVVAKPCTVSTTNATVDLGDLYSFSLMSAGAASAWHDVALELTNCPVGTSRVTASFSGAADSTGYYKNQGT
AQNIQLELQDDSGNTLNTGATKTVQVDDSSQSAHFPLQVRALTVNGGATQGTIQAVISITYTYS
;
G
5 'polypeptide(L)'
;FACKTANGTAIPIGGGSANVYVNLAPVVNVGQNLVVDLSTQIFCHNDYPETITDYVTLQRGSAYGGVLSNFSGTVKYSGS
SYPFPTTSETPRVVYNSRTDKPWPVALYLTPVSSAGGVAIKAGSLIAVLILRQTNNYNSDDFQFVWNIYANNDVVVPTGG
CDVSARDVTVTLPDYPGSVPIPLTVYCAKSQNLGYYLSGTTADAGNSIFTNTASFSPAQGVGVQLTRNGTIIPANNTVSL
GAVGTSAVSLGLTANYARTGGQVTAGNVQSIIGVTFVYQ
;
H
#
# COMPACT_ATOMS: atom_id res chain seq x y z
N GLY A 2 -6.01 -11.96 35.00
CA GLY A 2 -5.97 -13.40 35.01
C GLY A 2 -4.93 -13.98 34.07
N VAL A 3 -4.10 -14.88 34.59
CA VAL A 3 -3.03 -15.46 33.78
C VAL A 3 -3.63 -16.40 32.74
N ALA A 4 -2.98 -16.45 31.58
CA ALA A 4 -3.39 -17.33 30.49
C ALA A 4 -2.16 -17.91 29.83
N LEU A 5 -2.15 -19.23 29.65
CA LEU A 5 -1.07 -19.88 28.93
C LEU A 5 -1.27 -19.72 27.43
N GLY A 6 -0.18 -19.88 26.69
CA GLY A 6 -0.22 -19.75 25.26
C GLY A 6 -0.62 -21.00 24.51
N ALA A 7 -0.79 -22.13 25.19
CA ALA A 7 -1.15 -23.36 24.51
C ALA A 7 -1.74 -24.34 25.53
N THR A 8 -2.58 -25.23 25.03
CA THR A 8 -3.12 -26.32 25.84
C THR A 8 -2.30 -27.60 25.71
N ARG A 9 -1.26 -27.59 24.90
CA ARG A 9 -0.35 -28.71 24.74
C ARG A 9 1.04 -28.18 24.42
N VAL A 10 2.06 -28.93 24.83
CA VAL A 10 3.44 -28.62 24.50
C VAL A 10 4.07 -29.88 23.94
N ILE A 11 4.42 -29.86 22.66
CA ILE A 11 5.09 -30.99 22.02
C ILE A 11 6.59 -30.75 22.10
N TYR A 12 7.29 -31.62 22.83
CA TYR A 12 8.73 -31.48 23.04
C TYR A 12 9.44 -32.54 22.20
N PRO A 13 10.04 -32.18 21.07
CA PRO A 13 10.79 -33.16 20.29
C PRO A 13 12.05 -33.59 21.01
N ALA A 14 12.43 -34.84 20.78
CA ALA A 14 13.68 -35.33 21.35
C ALA A 14 14.88 -34.67 20.68
N GLY A 15 15.88 -34.32 21.49
CA GLY A 15 17.09 -33.72 20.98
C GLY A 15 17.08 -32.20 20.94
N GLN A 16 15.95 -31.56 21.21
CA GLN A 16 15.89 -30.11 21.24
C GLN A 16 16.56 -29.57 22.50
N LYS A 17 17.14 -28.38 22.39
CA LYS A 17 17.77 -27.74 23.54
C LYS A 17 16.72 -27.34 24.57
N GLN A 18 15.65 -26.67 24.13
CA GLN A 18 14.58 -26.23 25.01
C GLN A 18 13.38 -25.86 24.17
N GLU A 19 12.21 -25.83 24.81
CA GLU A 19 10.97 -25.41 24.20
C GLU A 19 10.48 -24.12 24.86
N GLN A 20 9.54 -23.45 24.21
CA GLN A 20 9.11 -22.13 24.64
C GLN A 20 7.59 -22.10 24.81
N LEU A 21 7.16 -21.46 25.89
CA LEU A 21 5.74 -21.23 26.15
C LEU A 21 5.56 -19.79 26.58
N ALA A 22 4.32 -19.30 26.54
CA ALA A 22 4.01 -17.92 26.83
C ALA A 22 2.98 -17.84 27.94
N VAL A 23 3.11 -16.82 28.80
CA VAL A 23 2.13 -16.52 29.82
C VAL A 23 1.72 -15.06 29.65
N THR A 24 0.42 -14.79 29.79
CA THR A 24 -0.10 -13.45 29.58
C THR A 24 -1.00 -13.06 30.74
N ASN A 25 -0.78 -11.87 31.30
CA ASN A 25 -1.61 -11.30 32.35
C ASN A 25 -2.23 -10.02 31.80
N ASN A 26 -3.53 -10.07 31.55
CA ASN A 26 -4.25 -8.94 30.94
C ASN A 26 -4.84 -7.99 31.96
N ASP A 27 -4.78 -8.30 33.25
CA ASP A 27 -5.37 -7.45 34.27
C ASP A 27 -4.41 -6.31 34.58
N GLU A 28 -4.89 -5.07 34.39
CA GLU A 28 -4.03 -3.90 34.56
C GLU A 28 -3.63 -3.66 36.01
N ASN A 29 -4.42 -4.15 36.97
CA ASN A 29 -4.17 -3.87 38.38
C ASN A 29 -3.75 -5.09 39.19
N SER A 30 -3.87 -6.30 38.63
CA SER A 30 -3.53 -7.48 39.39
C SER A 30 -2.02 -7.69 39.45
N THR A 31 -1.59 -8.46 40.45
CA THR A 31 -0.19 -8.78 40.65
C THR A 31 -0.06 -10.25 41.00
N TYR A 32 0.82 -10.96 40.29
CA TYR A 32 0.89 -12.40 40.43
C TYR A 32 2.34 -12.84 40.65
N LEU A 33 2.49 -14.02 41.26
CA LEU A 33 3.75 -14.74 41.33
C LEU A 33 3.54 -16.07 40.61
N ILE A 34 4.22 -16.24 39.48
CA ILE A 34 4.07 -17.42 38.65
C ILE A 34 5.13 -18.43 39.05
N GLN A 35 4.69 -19.62 39.44
CA GLN A 35 5.57 -20.74 39.78
C GLN A 35 5.20 -21.91 38.87
N SER A 36 6.19 -22.44 38.15
CA SER A 36 5.94 -23.43 37.12
C SER A 36 6.77 -24.68 37.38
N TRP A 37 6.20 -25.84 37.09
CA TRP A 37 6.95 -27.09 37.22
C TRP A 37 6.32 -28.18 36.39
N VAL A 38 7.12 -29.19 36.07
CA VAL A 38 6.71 -30.31 35.21
C VAL A 38 6.81 -31.59 36.04
N GLU A 39 5.70 -32.30 36.16
CA GLU A 39 5.65 -33.58 36.86
C GLU A 39 5.49 -34.71 35.85
N ASN A 40 5.89 -35.91 36.26
CA ASN A 40 5.79 -37.06 35.38
C ASN A 40 4.35 -37.54 35.31
N ALA A 41 4.15 -38.65 34.58
CA ALA A 41 2.81 -39.20 34.44
C ALA A 41 2.22 -39.67 35.75
N ASP A 42 3.06 -39.95 36.75
CA ASP A 42 2.61 -40.39 38.07
C ASP A 42 2.35 -39.23 39.01
N GLY A 43 2.47 -37.99 38.55
CA GLY A 43 2.19 -36.84 39.38
C GLY A 43 3.18 -36.59 40.51
N VAL A 44 4.46 -36.83 40.27
CA VAL A 44 5.51 -36.49 41.23
C VAL A 44 6.59 -35.70 40.50
N LYS A 45 6.98 -34.57 41.08
CA LYS A 45 7.98 -33.70 40.45
C LYS A 45 9.33 -34.39 40.50
N ASP A 46 9.84 -34.80 39.34
CA ASP A 46 11.10 -35.54 39.26
C ASP A 46 12.25 -34.69 38.74
N GLY A 47 11.99 -33.44 38.36
CA GLY A 47 13.06 -32.61 37.83
C GLY A 47 13.53 -32.99 36.45
N ARG A 48 12.71 -33.72 35.70
CA ARG A 48 13.10 -34.12 34.35
C ARG A 48 13.03 -32.96 33.37
N PHE A 49 12.16 -31.98 33.63
CA PHE A 49 12.08 -30.79 32.82
C PHE A 49 12.06 -29.58 33.74
N ILE A 50 12.90 -28.61 33.45
CA ILE A 50 13.06 -27.41 34.29
C ILE A 50 12.46 -26.24 33.55
N VAL A 51 11.42 -25.64 34.12
CA VAL A 51 10.82 -24.44 33.53
C VAL A 51 11.52 -23.23 34.12
N THR A 52 12.11 -22.41 33.25
CA THR A 52 12.86 -21.24 33.67
C THR A 52 12.17 -19.97 33.17
N PRO A 53 11.97 -18.96 34.03
CA PRO A 53 12.28 -18.96 35.46
C PRO A 53 11.22 -19.72 36.25
N PRO A 54 11.64 -20.58 37.18
CA PRO A 54 10.66 -21.37 37.94
C PRO A 54 9.68 -20.52 38.75
N LEU A 55 10.10 -19.35 39.22
CA LEU A 55 9.24 -18.48 40.01
C LEU A 55 9.59 -17.04 39.66
N PHE A 56 8.61 -16.29 39.16
CA PHE A 56 8.84 -14.90 38.78
C PHE A 56 7.57 -14.08 38.99
N ALA A 57 7.75 -12.80 39.28
CA ALA A 57 6.65 -11.92 39.63
C ALA A 57 6.20 -11.11 38.42
N MET A 58 4.90 -11.09 38.16
CA MET A 58 4.30 -10.33 37.07
C MET A 58 3.44 -9.21 37.65
N LYS A 59 3.74 -7.98 37.25
CA LYS A 59 3.03 -6.79 37.72
C LYS A 59 2.13 -6.29 36.61
N GLY A 60 0.82 -6.27 36.86
CA GLY A 60 -0.11 -5.71 35.91
C GLY A 60 -0.17 -6.49 34.62
N LYS A 61 -0.46 -5.77 33.53
CA LYS A 61 -0.55 -6.37 32.21
C LYS A 61 0.86 -6.64 31.69
N LYS A 62 1.20 -7.92 31.51
CA LYS A 62 2.55 -8.28 31.09
C LYS A 62 2.50 -9.64 30.41
N GLU A 63 3.37 -9.83 29.43
CA GLU A 63 3.45 -11.08 28.68
C GLU A 63 4.88 -11.59 28.77
N ASN A 64 5.06 -12.73 29.44
CA ASN A 64 6.37 -13.29 29.71
C ASN A 64 6.51 -14.65 29.04
N THR A 65 7.76 -15.13 29.01
CA THR A 65 8.12 -16.33 28.28
C THR A 65 8.74 -17.35 29.23
N LEU A 66 8.28 -18.59 29.15
CA LEU A 66 8.80 -19.70 29.93
C LEU A 66 9.62 -20.61 29.02
N ARG A 67 10.79 -21.02 29.48
CA ARG A 67 11.67 -21.90 28.72
C ARG A 67 11.71 -23.25 29.42
N ILE A 68 11.16 -24.27 28.77
CA ILE A 68 11.20 -25.64 29.28
C ILE A 68 12.49 -26.29 28.82
N LEU A 69 13.34 -26.65 29.76
CA LEU A 69 14.66 -27.22 29.49
C LEU A 69 14.65 -28.70 29.80
N ASP A 70 15.15 -29.50 28.86
CA ASP A 70 15.23 -30.94 29.03
C ASP A 70 16.28 -31.30 30.07
N ALA A 71 16.08 -32.45 30.73
CA ALA A 71 17.12 -33.05 31.55
C ALA A 71 17.16 -34.56 31.41
N THR A 72 16.47 -35.12 30.41
CA THR A 72 16.41 -36.57 30.26
C THR A 72 17.78 -37.16 29.95
N ASN A 73 18.58 -36.46 29.13
CA ASN A 73 19.86 -36.98 28.64
C ASN A 73 19.67 -38.32 27.93
N ASN A 74 18.57 -38.42 27.16
CA ASN A 74 18.26 -39.61 26.37
C ASN A 74 18.15 -40.86 27.23
N GLN A 75 17.58 -40.71 28.43
CA GLN A 75 17.31 -41.84 29.30
C GLN A 75 15.86 -42.31 29.22
N LEU A 76 15.05 -41.68 28.38
CA LEU A 76 13.65 -42.02 28.18
C LEU A 76 13.49 -42.93 26.97
N PRO A 77 12.40 -43.70 26.91
CA PRO A 77 12.18 -44.57 25.75
C PRO A 77 12.12 -43.76 24.46
N GLN A 78 12.72 -44.33 23.41
CA GLN A 78 12.79 -43.68 22.10
C GLN A 78 11.84 -44.30 21.09
N ASP A 79 10.93 -45.17 21.52
CA ASP A 79 10.00 -45.83 20.63
C ASP A 79 8.56 -45.39 20.80
N ARG A 80 8.22 -44.72 21.90
CA ARG A 80 6.86 -44.29 22.15
C ARG A 80 6.85 -42.90 22.76
N GLU A 81 5.76 -42.19 22.54
CA GLU A 81 5.59 -40.86 23.12
C GLU A 81 5.44 -40.96 24.63
N SER A 82 5.97 -39.98 25.35
CA SER A 82 5.89 -39.94 26.80
C SER A 82 5.07 -38.75 27.24
N LEU A 83 4.38 -38.89 28.37
CA LEU A 83 3.45 -37.88 28.87
C LEU A 83 3.96 -37.29 30.18
N PHE A 84 4.01 -35.97 30.25
CA PHE A 84 4.25 -35.23 31.48
C PHE A 84 3.16 -34.18 31.64
N TRP A 85 3.05 -33.62 32.83
CA TRP A 85 2.07 -32.59 33.12
C TRP A 85 2.79 -31.31 33.51
N MET A 86 2.53 -30.23 32.78
CA MET A 86 3.11 -28.94 33.08
C MET A 86 2.10 -28.09 33.84
N ASN A 87 2.50 -27.61 35.01
CA ASN A 87 1.65 -26.83 35.89
C ASN A 87 2.21 -25.42 36.01
N VAL A 88 1.34 -24.42 35.89
CA VAL A 88 1.70 -23.02 36.05
C VAL A 88 0.73 -22.42 37.07
N LYS A 89 1.26 -22.01 38.22
CA LYS A 89 0.47 -21.53 39.34
C LYS A 89 0.67 -20.04 39.51
N ALA A 90 -0.41 -19.30 39.67
CA ALA A 90 -0.38 -17.85 39.80
C ALA A 90 -0.85 -17.47 41.20
N ILE A 91 0.10 -17.29 42.11
CA ILE A 91 -0.18 -16.84 43.47
C ILE A 91 -0.57 -15.36 43.42
N PRO A 92 -1.76 -14.98 43.85
CA PRO A 92 -2.11 -13.55 43.90
C PRO A 92 -1.28 -12.83 44.94
N SER A 93 -1.02 -11.56 44.68
CA SER A 93 -0.22 -10.75 45.62
C SER A 93 -0.65 -9.29 45.58
N GLU A 101 -7.29 -9.90 57.01
CA GLU A 101 -8.45 -9.24 56.43
C GLU A 101 -9.64 -10.20 56.34
N ASN A 102 -9.48 -11.38 56.94
CA ASN A 102 -10.51 -12.42 56.91
C ASN A 102 -10.90 -12.78 55.49
N THR A 103 -9.89 -12.93 54.63
CA THR A 103 -10.10 -13.18 53.21
C THR A 103 -9.55 -14.55 52.82
N LEU A 104 -10.41 -15.36 52.21
CA LEU A 104 -9.96 -16.57 51.53
C LEU A 104 -9.48 -16.21 50.13
N GLN A 105 -8.27 -16.67 49.80
CA GLN A 105 -7.64 -16.37 48.53
C GLN A 105 -7.49 -17.65 47.71
N LEU A 106 -7.45 -17.47 46.38
CA LEU A 106 -7.36 -18.58 45.44
C LEU A 106 -6.14 -18.39 44.55
N ALA A 107 -5.33 -19.44 44.45
CA ALA A 107 -4.20 -19.49 43.52
C ALA A 107 -4.58 -20.44 42.39
N ILE A 108 -4.50 -19.94 41.17
CA ILE A 108 -4.97 -20.69 40.01
C ILE A 108 -3.81 -21.47 39.41
N ILE A 109 -3.99 -22.78 39.27
CA ILE A 109 -3.03 -23.64 38.59
C ILE A 109 -3.62 -23.99 37.23
N SER A 110 -2.84 -23.79 36.17
CA SER A 110 -3.20 -24.22 34.83
C SER A 110 -2.34 -25.41 34.47
N ARG A 111 -2.99 -26.50 34.05
CA ARG A 111 -2.33 -27.77 33.81
C ARG A 111 -2.48 -28.16 32.35
N ILE A 112 -1.36 -28.45 31.69
CA ILE A 112 -1.35 -28.84 30.29
C ILE A 112 -0.51 -30.09 30.11
N LYS A 113 -0.62 -30.70 28.95
CA LYS A 113 0.08 -31.93 28.62
C LYS A 113 1.38 -31.62 27.90
N LEU A 114 2.47 -32.23 28.34
CA LEU A 114 3.77 -32.12 27.71
C LEU A 114 4.09 -33.47 27.08
N TYR A 115 4.06 -33.53 25.76
CA TYR A 115 4.26 -34.76 25.01
C TYR A 115 5.71 -34.82 24.55
N TYR A 116 6.51 -35.63 25.24
CA TYR A 116 7.87 -35.89 24.79
C TYR A 116 7.81 -36.83 23.60
N ARG A 117 8.16 -36.34 22.42
CA ARG A 117 8.05 -37.08 21.18
C ARG A 117 9.44 -37.51 20.72
N PRO A 118 9.77 -38.80 20.79
CA PRO A 118 11.08 -39.25 20.31
C PRO A 118 11.22 -39.02 18.82
N ALA A 119 12.45 -38.73 18.40
CA ALA A 119 12.73 -38.49 17.00
C ALA A 119 12.68 -39.81 16.22
N LYS A 120 12.59 -39.68 14.89
CA LYS A 120 12.59 -40.82 13.97
C LYS A 120 11.45 -41.79 14.28
N LEU A 121 10.26 -41.24 14.47
CA LEU A 121 9.07 -42.06 14.66
C LEU A 121 8.55 -42.54 13.32
N ALA A 122 7.94 -43.73 13.33
CA ALA A 122 7.49 -44.36 12.09
C ALA A 122 6.19 -43.76 11.59
N LEU A 123 5.12 -43.89 12.37
CA LEU A 123 3.81 -43.42 11.94
C LEU A 123 3.75 -41.90 12.02
N PRO A 124 3.28 -41.22 10.98
CA PRO A 124 3.11 -39.77 11.06
C PRO A 124 2.04 -39.42 12.08
N PRO A 125 2.15 -38.27 12.74
CA PRO A 125 1.13 -37.89 13.73
C PRO A 125 -0.26 -37.72 13.15
N ASP A 126 -0.36 -37.32 11.88
CA ASP A 126 -1.67 -37.08 11.28
C ASP A 126 -2.48 -38.37 11.17
N GLN A 127 -1.82 -39.47 10.82
CA GLN A 127 -2.49 -40.75 10.59
C GLN A 127 -2.52 -41.64 11.82
N ALA A 128 -2.48 -41.05 13.02
CA ALA A 128 -2.51 -41.83 14.25
C ALA A 128 -3.92 -42.05 14.77
N ALA A 129 -4.84 -41.10 14.52
CA ALA A 129 -6.20 -41.22 15.02
C ALA A 129 -7.02 -42.24 14.25
N GLU A 130 -6.58 -42.63 13.06
CA GLU A 130 -7.31 -43.60 12.24
C GLU A 130 -7.01 -45.04 12.60
N LYS A 131 -6.05 -45.29 13.49
CA LYS A 131 -5.57 -46.64 13.75
C LYS A 131 -6.08 -47.22 15.07
N LEU A 132 -6.96 -46.53 15.76
CA LEU A 132 -7.54 -47.10 16.98
C LEU A 132 -8.45 -48.27 16.64
N ARG A 133 -8.65 -49.14 17.62
CA ARG A 133 -9.64 -50.20 17.51
C ARG A 133 -10.45 -50.27 18.80
N PHE A 134 -11.66 -50.79 18.69
CA PHE A 134 -12.60 -50.85 19.79
C PHE A 134 -13.02 -52.29 20.04
N ARG A 135 -13.38 -52.58 21.29
CA ARG A 135 -14.05 -53.84 21.60
C ARG A 135 -15.07 -53.60 22.70
N ARG A 136 -16.28 -54.11 22.51
CA ARG A 136 -17.38 -53.87 23.43
C ARG A 136 -17.67 -55.11 24.25
N SER A 137 -17.86 -54.91 25.56
CA SER A 137 -18.18 -55.99 26.48
C SER A 137 -19.37 -55.59 27.34
N ALA A 138 -19.65 -56.38 28.38
CA ALA A 138 -20.77 -56.08 29.28
C ALA A 138 -20.44 -54.82 30.06
N ASN A 139 -21.09 -53.71 29.68
CA ASN A 139 -20.97 -52.42 30.36
C ASN A 139 -19.52 -51.94 30.42
N SER A 140 -18.81 -52.08 29.30
CA SER A 140 -17.44 -51.61 29.18
C SER A 140 -17.04 -51.58 27.72
N LEU A 141 -16.32 -50.53 27.32
CA LEU A 141 -15.79 -50.42 25.97
C LEU A 141 -14.30 -50.16 26.06
N THR A 142 -13.50 -51.04 25.47
CA THR A 142 -12.05 -50.95 25.55
C THR A 142 -11.51 -50.42 24.22
N LEU A 143 -10.75 -49.34 24.30
CA LEU A 143 -10.07 -48.76 23.14
C LEU A 143 -8.61 -49.19 23.17
N ILE A 144 -8.15 -49.79 22.07
CA ILE A 144 -6.77 -50.23 21.94
C ILE A 144 -6.10 -49.38 20.88
N ASN A 145 -4.92 -48.86 21.21
CA ASN A 145 -4.14 -47.99 20.33
C ASN A 145 -2.78 -48.61 20.07
N PRO A 146 -2.52 -49.14 18.87
CA PRO A 146 -1.19 -49.68 18.57
C PRO A 146 -0.17 -48.64 18.14
N THR A 147 -0.61 -47.41 17.86
CA THR A 147 0.32 -46.37 17.45
C THR A 147 1.19 -45.94 18.64
N PRO A 148 2.40 -45.44 18.37
CA PRO A 148 3.26 -44.90 19.43
C PRO A 148 2.95 -43.45 19.78
N TYR A 149 1.67 -43.14 19.96
CA TYR A 149 1.21 -41.80 20.26
C TYR A 149 0.16 -41.84 21.37
N TYR A 150 0.17 -40.80 22.19
CA TYR A 150 -0.86 -40.60 23.21
C TYR A 150 -2.08 -39.97 22.54
N LEU A 151 -3.19 -40.69 22.47
CA LEU A 151 -4.33 -40.26 21.66
C LEU A 151 -5.48 -39.84 22.57
N THR A 152 -5.89 -38.58 22.43
CA THR A 152 -6.94 -37.99 23.27
C THR A 152 -8.27 -38.09 22.53
N VAL A 153 -9.05 -39.11 22.85
CA VAL A 153 -10.33 -39.33 22.19
C VAL A 153 -11.41 -38.57 22.96
N THR A 154 -12.16 -37.74 22.25
CA THR A 154 -13.21 -36.92 22.82
C THR A 154 -14.47 -37.04 21.98
N GLU A 155 -15.59 -36.63 22.56
CA GLU A 155 -16.90 -36.68 21.89
C GLU A 155 -17.23 -38.10 21.44
N LEU A 156 -16.90 -39.08 22.28
CA LEU A 156 -17.32 -40.45 22.01
C LEU A 156 -18.83 -40.56 22.03
N ASN A 157 -19.39 -41.26 21.05
CA ASN A 157 -20.83 -41.47 20.97
C ASN A 157 -21.06 -42.92 20.55
N ALA A 158 -21.58 -43.73 21.46
CA ALA A 158 -21.94 -45.12 21.16
C ALA A 158 -23.42 -45.15 20.84
N GLY A 159 -23.75 -44.74 19.61
CA GLY A 159 -25.13 -44.64 19.20
C GLY A 159 -25.71 -43.27 19.51
N THR A 160 -26.46 -43.17 20.60
CA THR A 160 -27.03 -41.90 21.04
C THR A 160 -26.45 -41.39 22.35
N ARG A 161 -26.04 -42.27 23.25
CA ARG A 161 -25.46 -41.85 24.51
C ARG A 161 -24.06 -41.30 24.30
N VAL A 162 -23.69 -40.29 25.08
CA VAL A 162 -22.39 -39.65 24.99
C VAL A 162 -21.47 -40.29 26.02
N LEU A 163 -20.35 -40.84 25.57
CA LEU A 163 -19.39 -41.47 26.46
C LEU A 163 -18.33 -40.46 26.92
N GLU A 164 -17.61 -40.83 27.96
CA GLU A 164 -16.60 -39.95 28.53
C GLU A 164 -15.36 -39.89 27.65
N ASN A 165 -14.61 -38.80 27.80
CA ASN A 165 -13.35 -38.65 27.09
C ASN A 165 -12.31 -39.60 27.66
N ALA A 166 -11.24 -39.81 26.88
CA ALA A 166 -10.18 -40.72 27.32
C ALA A 166 -8.86 -40.30 26.70
N LEU A 167 -7.78 -40.73 27.34
CA LEU A 167 -6.41 -40.53 26.85
C LEU A 167 -5.77 -41.90 26.73
N VAL A 168 -5.81 -42.46 25.54
CA VAL A 168 -5.31 -43.83 25.32
C VAL A 168 -3.78 -43.76 25.19
N PRO A 169 -3.05 -44.54 25.98
CA PRO A 169 -1.58 -44.50 25.93
C PRO A 169 -1.06 -45.11 24.65
N PRO A 170 0.19 -44.81 24.27
CA PRO A 170 0.75 -45.40 23.05
C PRO A 170 0.97 -46.90 23.22
N MET A 171 0.61 -47.65 22.18
CA MET A 171 0.72 -49.10 22.19
C MET A 171 0.03 -49.69 23.40
N GLY A 172 -1.12 -49.13 23.75
CA GLY A 172 -1.80 -49.50 24.98
C GLY A 172 -3.30 -49.57 24.84
N GLU A 173 -4.02 -49.42 25.96
CA GLU A 173 -5.46 -49.53 25.94
C GLU A 173 -6.06 -48.74 27.09
N SER A 174 -7.35 -48.44 26.96
CA SER A 174 -8.12 -47.76 27.98
C SER A 174 -9.54 -48.31 27.99
N THR A 175 -10.25 -48.06 29.08
CA THR A 175 -11.59 -48.59 29.27
C THR A 175 -12.54 -47.46 29.64
N VAL A 176 -13.69 -47.42 28.98
CA VAL A 176 -14.72 -46.41 29.23
C VAL A 176 -16.02 -47.13 29.59
N LYS A 177 -16.68 -46.65 30.63
CA LYS A 177 -17.96 -47.23 31.03
C LYS A 177 -18.99 -47.07 29.92
N LEU A 178 -19.71 -48.14 29.61
CA LEU A 178 -20.69 -48.15 28.53
C LEU A 178 -22.07 -48.49 29.07
N PRO A 179 -23.01 -47.56 29.07
CA PRO A 179 -24.38 -47.87 29.49
C PRO A 179 -25.03 -48.88 28.54
N SER A 180 -25.96 -49.66 29.08
CA SER A 180 -26.61 -50.71 28.30
C SER A 180 -27.37 -50.13 27.12
N ASP A 181 -28.08 -49.02 27.33
CA ASP A 181 -28.85 -48.38 26.27
C ASP A 181 -27.90 -47.60 25.34
N ALA A 182 -27.16 -48.37 24.55
CA ALA A 182 -26.19 -47.83 23.61
C ALA A 182 -26.36 -48.48 22.25
N GLY A 183 -25.98 -47.75 21.20
CA GLY A 183 -26.12 -48.24 19.85
C GLY A 183 -25.00 -49.18 19.45
N SER A 184 -25.03 -49.58 18.18
CA SER A 184 -24.03 -50.49 17.64
C SER A 184 -22.80 -49.76 17.13
N ASN A 185 -22.99 -48.67 16.38
CA ASN A 185 -21.88 -47.91 15.85
C ASN A 185 -21.38 -46.89 16.87
N ILE A 186 -20.09 -46.58 16.80
CA ILE A 186 -19.44 -45.63 17.69
C ILE A 186 -18.72 -44.59 16.84
N THR A 187 -18.92 -43.33 17.17
CA THR A 187 -18.26 -42.21 16.51
C THR A 187 -17.36 -41.48 17.50
N TYR A 188 -16.12 -41.22 17.09
CA TYR A 188 -15.13 -40.62 17.97
C TYR A 188 -14.37 -39.52 17.25
N ARG A 189 -13.83 -38.60 18.05
CA ARG A 189 -12.98 -37.53 17.56
C ARG A 189 -11.77 -37.41 18.47
N THR A 190 -10.61 -37.12 17.89
CA THR A 190 -9.39 -36.93 18.65
C THR A 190 -8.89 -35.50 18.46
N ILE A 191 -7.92 -35.13 19.29
CA ILE A 191 -7.33 -33.79 19.27
C ILE A 191 -5.89 -33.92 18.81
N ASN A 192 -5.54 -33.21 17.73
CA ASN A 192 -4.24 -33.35 17.11
C ASN A 192 -3.18 -32.62 17.94
N ASP A 193 -1.97 -32.53 17.40
CA ASP A 193 -0.87 -31.91 18.14
C ASP A 193 -1.02 -30.41 18.28
N TYR A 194 -1.89 -29.79 17.48
CA TYR A 194 -2.09 -28.34 17.51
C TYR A 194 -3.29 -27.93 18.34
N GLY A 195 -3.93 -28.87 19.04
CA GLY A 195 -5.08 -28.57 19.85
C GLY A 195 -6.40 -28.51 19.10
N ALA A 196 -6.40 -28.77 17.80
CA ALA A 196 -7.61 -28.72 17.00
C ALA A 196 -8.33 -30.06 17.01
N LEU A 197 -9.61 -30.04 16.67
CA LEU A 197 -10.43 -31.23 16.62
C LEU A 197 -10.31 -31.90 15.26
N THR A 198 -9.97 -33.18 15.26
CA THR A 198 -9.95 -33.97 14.04
C THR A 198 -11.37 -34.30 13.59
N PRO A 199 -11.56 -34.60 12.30
CA PRO A 199 -12.91 -34.93 11.82
C PRO A 199 -13.46 -36.20 12.48
N LYS A 200 -14.78 -36.23 12.61
CA LYS A 200 -15.43 -37.38 13.24
C LYS A 200 -15.15 -38.67 12.46
N MET A 201 -14.89 -39.75 13.19
CA MET A 201 -14.52 -41.02 12.60
C MET A 201 -15.37 -42.13 13.21
N THR A 202 -15.48 -43.24 12.48
CA THR A 202 -16.27 -44.38 12.92
C THR A 202 -15.34 -45.48 13.43
N GLY A 203 -15.59 -45.94 14.66
CA GLY A 203 -14.77 -46.98 15.22
C GLY A 203 -15.09 -48.35 14.64
N VAL A 204 -14.12 -49.25 14.78
CA VAL A 204 -14.22 -50.60 14.24
C VAL A 204 -14.05 -51.58 15.39
N MET A 205 -14.92 -52.59 15.44
CA MET A 205 -14.86 -53.58 16.51
C MET A 205 -13.62 -54.46 16.36
N GLU A 206 -13.33 -55.20 17.43
CA GLU A 206 -12.17 -56.10 17.49
C GLU A 206 -10.87 -55.37 17.19
N LEU B 113 -25.96 3.61 43.40
CA LEU B 113 -25.71 4.74 42.49
C LEU B 113 -25.81 4.31 41.03
N THR B 114 -26.90 4.68 40.38
CA THR B 114 -27.13 4.37 38.98
C THR B 114 -27.14 5.66 38.18
N ILE B 115 -26.30 5.72 37.14
CA ILE B 115 -26.18 6.90 36.29
C ILE B 115 -26.26 6.48 34.84
N PRO B 116 -27.02 7.18 34.00
CA PRO B 116 -27.00 6.87 32.56
C PRO B 116 -25.61 7.06 31.97
N GLN B 117 -25.26 6.22 31.02
CA GLN B 117 -23.92 6.26 30.44
C GLN B 117 -23.77 7.30 29.34
N ALA B 118 -24.84 8.05 29.02
CA ALA B 118 -24.73 9.09 28.01
C ALA B 118 -23.75 10.18 28.41
N PHE B 119 -23.52 10.35 29.71
CA PHE B 119 -22.59 11.36 30.22
C PHE B 119 -21.71 10.77 31.31
N MET B 120 -21.37 9.49 31.19
CA MET B 120 -20.48 8.82 32.13
C MET B 120 -19.02 8.89 31.71
N SER B 121 -18.71 9.57 30.60
CA SER B 121 -17.35 9.68 30.09
C SER B 121 -16.74 8.31 29.83
N ASN B 122 -17.50 7.44 29.18
CA ASN B 122 -17.02 6.12 28.84
C ASN B 122 -15.95 6.20 27.76
N ARG B 123 -14.96 5.31 27.84
CA ARG B 123 -13.85 5.28 26.92
C ARG B 123 -14.06 4.19 25.87
N ALA B 124 -13.64 4.49 24.64
CA ALA B 124 -13.76 3.55 23.55
C ALA B 124 -12.80 2.38 23.76
N ARG B 125 -13.13 1.25 23.14
CA ARG B 125 -12.26 0.09 23.19
C ARG B 125 -11.02 0.34 22.34
N GLY B 126 -9.85 0.03 22.90
CA GLY B 126 -8.60 0.38 22.26
C GLY B 126 -8.12 1.78 22.54
N TYR B 127 -8.65 2.45 23.56
CA TYR B 127 -8.25 3.81 23.90
C TYR B 127 -6.96 3.78 24.70
N ILE B 128 -5.93 4.40 24.16
CA ILE B 128 -4.62 4.51 24.80
C ILE B 128 -4.45 5.96 25.27
N PRO B 129 -4.26 6.20 26.56
CA PRO B 129 -4.15 7.58 27.04
C PRO B 129 -2.98 8.30 26.39
N PRO B 130 -3.12 9.60 26.11
CA PRO B 130 -2.03 10.34 25.45
C PRO B 130 -0.76 10.39 26.26
N GLU B 131 -0.81 10.20 27.57
CA GLU B 131 0.40 10.23 28.38
C GLU B 131 1.25 8.98 28.22
N LEU B 132 0.72 7.93 27.58
CA LEU B 132 1.48 6.73 27.31
C LEU B 132 2.21 6.76 25.97
N TRP B 133 1.95 7.77 25.14
CA TRP B 133 2.59 7.85 23.83
C TRP B 133 4.04 8.29 23.99
N ASP B 134 4.95 7.53 23.39
CA ASP B 134 6.38 7.75 23.56
C ASP B 134 6.90 8.68 22.48
N PRO B 135 7.48 9.84 22.83
CA PRO B 135 8.04 10.71 21.80
C PRO B 135 9.23 10.11 21.09
N GLY B 136 9.85 9.08 21.64
CA GLY B 136 11.03 8.48 21.07
C GLY B 136 12.30 8.92 21.77
N ILE B 137 13.42 8.68 21.10
CA ILE B 137 14.73 9.07 21.58
C ILE B 137 15.37 9.99 20.56
N ASN B 138 16.37 10.74 21.02
CA ASN B 138 17.14 11.59 20.11
C ASN B 138 18.10 10.74 19.30
N ALA B 139 18.04 10.88 17.98
CA ALA B 139 18.82 9.98 17.13
C ALA B 139 19.05 10.62 15.77
N GLY B 140 20.03 10.07 15.06
CA GLY B 140 20.27 10.41 13.66
C GLY B 140 19.89 9.22 12.81
N LEU B 141 19.39 9.50 11.61
CA LEU B 141 18.78 8.49 10.77
C LEU B 141 19.29 8.64 9.34
N LEU B 142 19.53 7.52 8.68
CA LEU B 142 19.94 7.54 7.28
C LEU B 142 19.30 6.38 6.55
N ASN B 143 18.84 6.63 5.33
CA ASN B 143 18.26 5.61 4.46
C ASN B 143 18.98 5.70 3.12
N TYR B 144 19.76 4.68 2.79
CA TYR B 144 20.46 4.65 1.52
C TYR B 144 19.81 3.63 0.60
N ASN B 145 19.71 3.97 -0.68
CA ASN B 145 19.10 3.08 -1.66
C ASN B 145 19.86 3.28 -2.98
N PHE B 146 20.77 2.36 -3.28
CA PHE B 146 21.57 2.41 -4.49
C PHE B 146 21.01 1.41 -5.49
N SER B 147 20.71 1.88 -6.69
CA SER B 147 20.25 1.03 -7.77
C SER B 147 21.07 1.32 -9.01
N GLY B 148 21.13 0.34 -9.91
CA GLY B 148 21.86 0.54 -11.14
C GLY B 148 21.55 -0.54 -12.14
N ASN B 149 21.88 -0.27 -13.39
CA ASN B 149 21.72 -1.27 -14.44
C ASN B 149 22.82 -1.11 -15.48
N SER B 150 23.15 -2.23 -16.12
CA SER B 150 24.15 -2.29 -17.18
C SER B 150 23.51 -2.89 -18.41
N VAL B 151 22.92 -2.04 -19.24
CA VAL B 151 22.20 -2.47 -20.43
C VAL B 151 23.20 -2.84 -21.52
N GLN B 152 22.85 -3.85 -22.32
CA GLN B 152 23.64 -4.26 -23.47
C GLN B 152 22.70 -4.45 -24.65
N ASN B 153 23.11 -3.96 -25.81
CA ASN B 153 22.29 -4.03 -27.01
C ASN B 153 23.07 -4.65 -28.15
N ARG B 154 22.35 -5.30 -29.06
CA ARG B 154 22.98 -5.81 -30.28
C ARG B 154 23.54 -4.67 -31.12
N ILE B 155 22.81 -3.57 -31.22
CA ILE B 155 23.26 -2.37 -31.91
C ILE B 155 23.24 -1.23 -30.90
N GLY B 156 24.41 -0.65 -30.63
CA GLY B 156 24.52 0.44 -29.68
C GLY B 156 25.60 0.21 -28.63
N GLY B 157 25.77 -1.04 -28.22
CA GLY B 157 26.81 -1.37 -27.25
C GLY B 157 26.32 -1.46 -25.83
N ASN B 158 27.11 -0.94 -24.89
CA ASN B 158 26.83 -1.01 -23.48
C ASN B 158 26.41 0.36 -22.95
N SER B 159 25.57 0.34 -21.92
CA SER B 159 25.13 1.55 -21.23
C SER B 159 25.08 1.27 -19.75
N HIS B 160 25.33 2.31 -18.95
CA HIS B 160 25.36 2.18 -17.50
C HIS B 160 24.51 3.27 -16.87
N TYR B 161 23.74 2.90 -15.84
CA TYR B 161 23.00 3.89 -15.06
C TYR B 161 23.10 3.52 -13.59
N ALA B 162 23.11 4.55 -12.74
CA ALA B 162 23.15 4.35 -11.30
C ALA B 162 22.46 5.51 -10.62
N TYR B 163 21.77 5.22 -9.52
CA TYR B 163 21.03 6.23 -8.77
C TYR B 163 21.12 5.88 -7.29
N LEU B 164 21.70 6.77 -6.50
CA LEU B 164 21.80 6.61 -5.06
C LEU B 164 20.87 7.63 -4.39
N ASN B 165 19.81 7.13 -3.77
CA ASN B 165 18.86 7.97 -3.05
C ASN B 165 19.21 7.93 -1.56
N LEU B 166 19.46 9.08 -0.98
CA LEU B 166 19.94 9.20 0.39
C LEU B 166 18.98 10.10 1.17
N GLN B 167 18.31 9.53 2.17
CA GLN B 167 17.38 10.29 3.00
C GLN B 167 17.94 10.38 4.41
N SER B 168 18.32 11.59 4.80
CA SER B 168 18.87 11.83 6.13
C SER B 168 17.78 12.35 7.05
N GLY B 169 18.02 12.22 8.35
CA GLY B 169 17.02 12.66 9.31
C GLY B 169 17.60 12.75 10.71
N LEU B 170 16.83 13.39 11.57
CA LEU B 170 17.28 13.66 12.93
C LEU B 170 16.06 13.89 13.81
N ASN B 171 16.00 13.19 14.94
CA ASN B 171 14.95 13.35 15.94
C ASN B 171 15.57 13.97 17.18
N ILE B 172 15.05 15.12 17.60
CA ILE B 172 15.49 15.79 18.81
C ILE B 172 14.26 15.96 19.69
N GLY B 173 13.99 14.98 20.53
CA GLY B 173 12.93 15.06 21.51
C GLY B 173 11.54 14.79 20.97
N ALA B 174 10.95 15.79 20.31
CA ALA B 174 9.60 15.68 19.77
C ALA B 174 9.48 16.20 18.35
N TRP B 175 10.57 16.66 17.75
CA TRP B 175 10.61 17.08 16.37
C TRP B 175 11.17 15.97 15.49
N ARG B 176 10.99 16.13 14.19
CA ARG B 176 11.52 15.16 13.22
C ARG B 176 11.94 15.95 11.99
N LEU B 177 13.24 16.02 11.73
CA LEU B 177 13.80 16.73 10.60
C LEU B 177 14.24 15.72 9.56
N ARG B 178 13.77 15.86 8.32
CA ARG B 178 14.09 14.92 7.27
C ARG B 178 14.52 15.66 6.01
N ASP B 179 15.41 15.01 5.25
CA ASP B 179 16.00 15.58 4.04
C ASP B 179 16.20 14.47 3.02
N ASN B 180 16.03 14.80 1.75
CA ASN B 180 16.20 13.86 0.65
C ASN B 180 17.25 14.38 -0.33
N THR B 181 18.03 13.47 -0.90
CA THR B 181 19.03 13.82 -1.90
C THR B 181 19.19 12.63 -2.82
N THR B 182 19.68 12.89 -4.04
CA THR B 182 19.86 11.83 -5.01
C THR B 182 21.08 12.12 -5.89
N TRP B 183 21.97 11.15 -5.99
CA TRP B 183 23.14 11.22 -6.86
C TRP B 183 22.94 10.28 -8.03
N SER B 184 22.89 10.84 -9.23
CA SER B 184 22.59 10.07 -10.44
C SER B 184 23.80 10.08 -11.37
N TYR B 185 24.16 8.90 -11.87
CA TYR B 185 25.26 8.75 -12.81
C TYR B 185 24.76 8.03 -14.04
N ASN B 186 25.11 8.56 -15.22
CA ASN B 186 24.66 8.01 -16.49
C ASN B 186 25.85 7.85 -17.42
N SER B 187 25.77 6.86 -18.30
CA SER B 187 26.83 6.62 -19.26
C SER B 187 26.26 6.24 -20.63
N ASN B 196 25.66 13.85 -12.84
CA ASN B 196 26.73 13.27 -12.03
C ASN B 196 26.94 14.09 -10.75
N LYS B 197 25.88 14.77 -10.31
CA LYS B 197 25.94 15.62 -9.13
C LYS B 197 24.72 15.37 -8.25
N TRP B 198 24.88 15.66 -6.97
CA TRP B 198 23.79 15.50 -6.02
C TRP B 198 22.68 16.50 -6.32
N GLN B 199 21.45 16.12 -5.99
CA GLN B 199 20.28 16.92 -6.30
C GLN B 199 19.31 16.85 -5.12
N HIS B 200 19.14 17.97 -4.42
CA HIS B 200 18.21 18.03 -3.30
C HIS B 200 16.78 17.85 -3.81
N ILE B 201 15.94 17.22 -2.98
CA ILE B 201 14.57 16.91 -3.38
C ILE B 201 13.58 17.54 -2.42
N ASN B 202 13.63 17.13 -1.16
CA ASN B 202 12.68 17.59 -0.15
C ASN B 202 13.42 17.79 1.17
N THR B 203 12.81 18.59 2.04
CA THR B 203 13.26 18.74 3.42
C THR B 203 12.09 19.28 4.23
N TRP B 204 11.90 18.70 5.41
CA TRP B 204 10.77 19.14 6.23
C TRP B 204 11.04 18.85 7.71
N LEU B 205 10.59 19.77 8.56
CA LEU B 205 10.67 19.63 10.01
C LEU B 205 9.24 19.54 10.54
N GLU B 206 8.94 18.46 11.26
CA GLU B 206 7.57 18.11 11.59
C GLU B 206 7.45 17.77 13.07
N ARG B 207 6.25 17.99 13.62
CA ARG B 207 5.93 17.56 14.97
C ARG B 207 4.43 17.35 15.07
N ASP B 208 4.00 16.68 16.13
CA ASP B 208 2.58 16.42 16.36
C ASP B 208 2.13 17.11 17.64
N ILE B 209 1.03 17.85 17.55
CA ILE B 209 0.47 18.56 18.70
C ILE B 209 -0.57 17.64 19.34
N ILE B 210 -0.23 17.08 20.49
CA ILE B 210 -1.15 16.16 21.17
C ILE B 210 -2.42 16.86 21.65
N PRO B 211 -2.35 18.01 22.34
CA PRO B 211 -3.60 18.63 22.83
C PRO B 211 -4.59 18.95 21.73
N LEU B 212 -4.12 19.35 20.56
CA LEU B 212 -4.99 19.66 19.43
C LEU B 212 -5.28 18.44 18.56
N ARG B 213 -4.64 17.30 18.84
CA ARG B 213 -4.74 16.11 17.98
C ARG B 213 -4.36 16.44 16.55
N SER B 214 -3.34 17.29 16.39
CA SER B 214 -2.95 17.81 15.09
C SER B 214 -1.48 17.49 14.82
N ARG B 215 -1.00 17.99 13.69
CA ARG B 215 0.39 17.79 13.28
C ARG B 215 0.81 19.00 12.44
N LEU B 216 1.94 19.59 12.79
CA LEU B 216 2.45 20.75 12.07
C LEU B 216 3.72 20.36 11.32
N THR B 217 3.76 20.70 10.04
CA THR B 217 4.88 20.43 9.15
C THR B 217 5.40 21.76 8.62
N LEU B 218 6.70 21.96 8.74
CA LEU B 218 7.38 23.13 8.21
C LEU B 218 8.35 22.69 7.12
N GLY B 219 8.27 23.33 5.96
CA GLY B 219 9.12 22.99 4.84
C GLY B 219 8.36 22.32 3.71
N ASP B 220 9.13 21.62 2.87
CA ASP B 220 8.55 21.00 1.68
C ASP B 220 7.45 20.01 2.07
N GLY B 221 6.32 20.11 1.40
CA GLY B 221 5.21 19.22 1.71
C GLY B 221 4.15 19.29 0.63
N TYR B 222 3.01 18.66 0.94
CA TYR B 222 1.88 18.65 0.03
C TYR B 222 0.59 18.75 0.84
N THR B 223 -0.46 19.24 0.19
CA THR B 223 -1.77 19.31 0.81
C THR B 223 -2.56 18.04 0.51
N GLN B 224 -3.81 18.00 0.95
CA GLN B 224 -4.66 16.83 0.81
C GLN B 224 -5.80 17.14 -0.15
N GLY B 225 -6.09 16.19 -1.05
CA GLY B 225 -7.07 16.40 -2.07
C GLY B 225 -8.48 16.00 -1.69
N ASP B 226 -8.84 16.17 -0.42
CA ASP B 226 -10.20 15.86 0.01
C ASP B 226 -11.21 16.80 -0.65
N ILE B 227 -10.89 18.09 -0.71
CA ILE B 227 -11.81 19.11 -1.19
C ILE B 227 -11.30 19.76 -2.47
N PHE B 228 -10.13 20.40 -2.41
CA PHE B 228 -9.50 20.96 -3.58
C PHE B 228 -8.53 19.92 -4.16
N ASP B 229 -7.70 20.33 -5.11
CA ASP B 229 -6.73 19.42 -5.71
C ASP B 229 -5.45 19.38 -4.90
N GLY B 230 -4.69 18.31 -5.08
CA GLY B 230 -3.41 18.16 -4.41
C GLY B 230 -2.42 19.22 -4.88
N ILE B 231 -1.76 19.88 -3.94
CA ILE B 231 -0.85 20.97 -4.24
C ILE B 231 0.43 20.75 -3.45
N ASN B 232 1.56 20.69 -4.14
CA ASN B 232 2.85 20.68 -3.48
C ASN B 232 3.27 22.11 -3.16
N PHE B 233 3.98 22.27 -2.05
CA PHE B 233 4.35 23.61 -1.60
C PHE B 233 5.54 23.52 -0.67
N ARG B 234 6.04 24.69 -0.27
CA ARG B 234 7.11 24.83 0.71
C ARG B 234 6.66 25.90 1.71
N GLY B 235 5.99 25.47 2.77
CA GLY B 235 5.52 26.40 3.78
C GLY B 235 5.22 25.73 5.10
N ALA B 236 4.13 26.15 5.74
CA ALA B 236 3.69 25.58 7.01
C ALA B 236 2.31 24.97 6.85
N GLN B 237 2.06 23.88 7.56
CA GLN B 237 0.77 23.21 7.47
C GLN B 237 0.44 22.56 8.80
N LEU B 238 -0.67 22.98 9.41
CA LEU B 238 -1.18 22.37 10.64
C LEU B 238 -2.47 21.65 10.30
N ALA B 239 -2.44 20.32 10.35
CA ALA B 239 -3.58 19.52 9.92
C ALA B 239 -3.90 18.47 10.97
N SER B 240 -5.18 18.17 11.14
CA SER B 240 -5.58 17.16 12.12
C SER B 240 -5.15 15.77 11.67
N ASP B 241 -4.78 14.94 12.64
CA ASP B 241 -4.31 13.59 12.39
C ASP B 241 -5.38 12.59 12.80
N ASP B 242 -5.69 11.65 11.91
CA ASP B 242 -6.70 10.63 12.17
C ASP B 242 -6.11 9.37 12.80
N ASN B 243 -4.79 9.26 12.91
CA ASN B 243 -4.19 8.10 13.55
C ASN B 243 -4.16 8.19 15.06
N MET B 244 -4.37 9.39 15.62
CA MET B 244 -4.43 9.52 17.07
C MET B 244 -5.74 8.97 17.63
N LEU B 245 -6.78 8.89 16.82
CA LEU B 245 -8.04 8.33 17.27
C LEU B 245 -7.93 6.81 17.43
N PRO B 246 -8.67 6.23 18.37
CA PRO B 246 -8.67 4.77 18.51
C PRO B 246 -9.17 4.10 17.24
N ASP B 247 -8.87 2.81 17.12
CA ASP B 247 -9.25 2.07 15.93
C ASP B 247 -10.76 1.97 15.76
N SER B 248 -11.52 2.19 16.83
CA SER B 248 -12.97 2.18 16.77
C SER B 248 -13.55 3.58 16.60
N GLN B 249 -12.71 4.60 16.46
CA GLN B 249 -13.14 5.97 16.24
C GLN B 249 -12.63 6.54 14.92
N ARG B 250 -12.25 5.67 13.99
CA ARG B 250 -11.76 6.08 12.68
C ARG B 250 -12.76 5.65 11.61
N GLY B 251 -13.06 6.55 10.69
CA GLY B 251 -14.01 6.27 9.63
C GLY B 251 -15.39 6.82 9.92
N PHE B 252 -16.42 6.15 9.42
CA PHE B 252 -17.80 6.53 9.68
C PHE B 252 -18.57 5.35 10.23
N ALA B 253 -19.39 5.60 11.26
CA ALA B 253 -20.24 4.60 11.86
C ALA B 253 -21.30 5.33 12.66
N PRO B 254 -22.55 4.90 12.62
CA PRO B 254 -23.61 5.64 13.32
C PRO B 254 -23.40 5.63 14.82
N VAL B 255 -23.85 6.70 15.45
CA VAL B 255 -23.88 6.79 16.91
C VAL B 255 -25.26 6.32 17.35
N ILE B 256 -25.32 5.15 17.98
CA ILE B 256 -26.60 4.56 18.35
C ILE B 256 -27.11 5.21 19.62
N HIS B 257 -28.27 5.85 19.52
CA HIS B 257 -28.92 6.49 20.65
C HIS B 257 -30.14 5.67 21.06
N GLY B 258 -30.32 5.49 22.36
CA GLY B 258 -31.49 4.75 22.82
C GLY B 258 -31.82 5.10 24.26
N ILE B 259 -32.94 4.55 24.72
CA ILE B 259 -33.37 4.71 26.10
C ILE B 259 -33.62 3.33 26.69
N ALA B 260 -33.35 3.20 27.99
CA ALA B 260 -33.51 1.94 28.71
C ALA B 260 -34.38 2.18 29.94
N ARG B 261 -35.40 1.33 30.12
CA ARG B 261 -36.27 1.46 31.27
C ARG B 261 -35.51 1.23 32.57
N GLY B 262 -34.63 0.23 32.59
CA GLY B 262 -33.80 -0.05 33.74
C GLY B 262 -32.44 -0.58 33.33
N THR B 263 -31.77 -1.28 34.24
CA THR B 263 -30.50 -1.93 33.90
C THR B 263 -30.74 -2.97 32.81
N ALA B 264 -30.24 -2.71 31.61
CA ALA B 264 -30.56 -3.53 30.45
C ALA B 264 -29.27 -4.03 29.80
N GLN B 265 -29.45 -4.85 28.77
CA GLN B 265 -28.34 -5.39 27.99
C GLN B 265 -28.55 -5.05 26.52
N VAL B 266 -27.55 -4.43 25.90
CA VAL B 266 -27.64 -3.96 24.52
C VAL B 266 -26.71 -4.81 23.67
N THR B 267 -27.26 -5.39 22.60
CA THR B 267 -26.46 -6.14 21.64
C THR B 267 -26.79 -5.68 20.23
N ILE B 268 -25.75 -5.47 19.44
CA ILE B 268 -25.84 -4.98 18.07
C ILE B 268 -25.40 -6.11 17.15
N LYS B 269 -26.30 -6.53 16.26
CA LYS B 269 -26.03 -7.62 15.33
C LYS B 269 -25.85 -7.06 13.93
N GLN B 270 -24.74 -7.42 13.30
CA GLN B 270 -24.51 -7.09 11.90
C GLN B 270 -24.19 -8.38 11.16
N ASN B 271 -24.95 -8.65 10.10
CA ASN B 271 -24.81 -9.87 9.31
C ASN B 271 -24.98 -11.12 10.16
N GLY B 272 -25.78 -11.02 11.22
CA GLY B 272 -26.09 -12.14 12.08
C GLY B 272 -25.10 -12.40 13.19
N TYR B 273 -24.00 -11.65 13.26
CA TYR B 273 -22.98 -11.84 14.27
C TYR B 273 -22.95 -10.66 15.22
N ASP B 274 -22.94 -10.95 16.52
CA ASP B 274 -22.92 -9.92 17.55
C ASP B 274 -21.59 -9.18 17.49
N ILE B 275 -21.63 -7.90 17.12
CA ILE B 275 -20.42 -7.08 17.05
C ILE B 275 -20.28 -6.13 18.24
N TYR B 276 -21.28 -6.03 19.09
CA TYR B 276 -21.21 -5.15 20.25
C TYR B 276 -22.17 -5.68 21.31
N ASN B 277 -21.65 -6.06 22.47
CA ASN B 277 -22.45 -6.50 23.60
C ASN B 277 -22.06 -5.70 24.82
N SER B 278 -23.04 -5.17 25.54
CA SER B 278 -22.73 -4.36 26.71
C SER B 278 -23.92 -4.37 27.66
N THR B 279 -23.65 -3.96 28.90
CA THR B 279 -24.68 -3.75 29.91
C THR B 279 -24.82 -2.24 30.15
N VAL B 280 -26.04 -1.76 30.14
CA VAL B 280 -26.34 -0.33 30.15
C VAL B 280 -27.14 -0.01 31.40
N PRO B 281 -26.73 0.98 32.20
CA PRO B 281 -27.53 1.38 33.36
C PRO B 281 -28.81 2.08 32.92
N PRO B 282 -29.80 2.20 33.81
CA PRO B 282 -31.06 2.84 33.43
C PRO B 282 -30.85 4.28 32.97
N GLY B 283 -31.63 4.68 31.98
CA GLY B 283 -31.55 6.02 31.43
C GLY B 283 -31.10 6.00 29.98
N PRO B 284 -31.05 7.18 29.36
CA PRO B 284 -30.60 7.26 27.96
C PRO B 284 -29.16 6.84 27.82
N PHE B 285 -28.84 6.23 26.68
CA PHE B 285 -27.50 5.77 26.39
C PHE B 285 -27.13 6.07 24.95
N THR B 286 -25.84 6.30 24.73
CA THR B 286 -25.27 6.54 23.41
C THR B 286 -24.06 5.64 23.23
N ILE B 287 -23.93 5.05 22.04
CA ILE B 287 -22.83 4.18 21.68
C ILE B 287 -22.14 4.76 20.45
N ASN B 288 -20.81 4.92 20.53
CA ASN B 288 -20.05 5.49 19.42
C ASN B 288 -18.74 4.75 19.17
N ASP B 289 -18.62 3.49 19.58
CA ASP B 289 -17.41 2.70 19.38
C ASP B 289 -17.52 1.75 18.20
N ILE B 290 -18.53 1.90 17.35
CA ILE B 290 -18.77 0.96 16.26
C ILE B 290 -17.64 1.06 15.25
N TYR B 291 -17.12 -0.11 14.86
CA TYR B 291 -16.08 -0.16 13.84
C TYR B 291 -16.65 0.22 12.48
N ALA B 292 -15.80 0.81 11.64
CA ALA B 292 -16.22 1.20 10.30
C ALA B 292 -16.33 -0.02 9.40
N ALA B 293 -17.51 -0.64 9.39
CA ALA B 293 -17.77 -1.86 8.62
C ALA B 293 -19.09 -1.73 7.87
N GLY B 294 -19.26 -0.61 7.16
CA GLY B 294 -20.51 -0.37 6.45
C GLY B 294 -20.80 -1.41 5.38
N ASN B 295 -19.75 -2.02 4.82
CA ASN B 295 -19.92 -3.02 3.78
C ASN B 295 -20.61 -4.29 4.27
N SER B 296 -20.69 -4.50 5.59
CA SER B 296 -21.36 -5.68 6.11
C SER B 296 -22.88 -5.56 6.04
N GLY B 297 -23.42 -4.35 6.19
CA GLY B 297 -24.85 -4.16 6.09
C GLY B 297 -25.45 -3.19 7.09
N ASP B 298 -26.41 -3.65 7.87
CA ASP B 298 -27.16 -2.82 8.81
C ASP B 298 -27.01 -3.37 10.23
N LEU B 299 -27.00 -2.46 11.19
CA LEU B 299 -26.83 -2.80 12.60
C LEU B 299 -28.21 -2.93 13.24
N GLN B 300 -28.61 -4.14 13.58
CA GLN B 300 -29.84 -4.36 14.33
C GLN B 300 -29.53 -4.30 15.81
N VAL B 301 -29.95 -3.22 16.47
CA VAL B 301 -29.71 -3.05 17.89
C VAL B 301 -30.92 -3.57 18.65
N THR B 302 -30.66 -4.43 19.65
CA THR B 302 -31.70 -4.95 20.52
C THR B 302 -31.30 -4.70 21.97
N ILE B 303 -32.24 -4.15 22.73
CA ILE B 303 -32.06 -3.83 24.14
C ILE B 303 -33.02 -4.70 24.94
N LYS B 304 -32.47 -5.56 25.80
CA LYS B 304 -33.26 -6.46 26.62
C LYS B 304 -33.26 -5.94 28.06
N GLU B 305 -34.45 -5.67 28.60
CA GLU B 305 -34.59 -5.27 29.98
C GLU B 305 -34.51 -6.51 30.89
N ALA B 306 -34.36 -6.27 32.19
CA ALA B 306 -34.24 -7.37 33.13
C ALA B 306 -35.48 -8.25 33.14
N ASP B 307 -36.67 -7.65 33.05
CA ASP B 307 -37.89 -8.42 33.05
C ASP B 307 -37.99 -9.33 31.82
N GLY B 308 -37.57 -8.83 30.66
CA GLY B 308 -37.60 -9.62 29.45
C GLY B 308 -38.05 -8.85 28.22
N SER B 309 -38.51 -7.63 28.42
CA SER B 309 -38.98 -6.82 27.30
C SER B 309 -37.82 -6.44 26.39
N THR B 310 -38.03 -6.57 25.09
CA THR B 310 -37.01 -6.30 24.10
C THR B 310 -37.42 -5.11 23.24
N GLN B 311 -36.47 -4.22 22.99
CA GLN B 311 -36.64 -3.08 22.10
C GLN B 311 -35.71 -3.29 20.90
N ILE B 312 -36.28 -3.28 19.69
CA ILE B 312 -35.56 -3.59 18.47
C ILE B 312 -35.59 -2.36 17.57
N PHE B 313 -34.43 -1.99 17.02
CA PHE B 313 -34.42 -1.01 15.95
C PHE B 313 -33.19 -1.22 15.09
N THR B 314 -33.35 -1.02 13.78
CA THR B 314 -32.29 -1.28 12.82
C THR B 314 -31.77 0.04 12.26
N VAL B 315 -30.45 0.20 12.27
CA VAL B 315 -29.79 1.36 11.69
C VAL B 315 -28.97 0.89 10.49
N PRO B 316 -29.42 1.15 9.27
CA PRO B 316 -28.56 0.90 8.09
C PRO B 316 -27.76 2.13 7.73
N TYR B 317 -26.52 1.90 7.30
CA TYR B 317 -25.64 3.03 7.04
C TYR B 317 -24.67 2.72 5.91
N SER B 318 -24.38 3.76 5.13
CA SER B 318 -23.35 3.74 4.10
C SER B 318 -22.59 5.07 4.17
N SER B 319 -21.35 5.06 3.72
CA SER B 319 -20.48 6.23 3.88
C SER B 319 -19.74 6.53 2.58
N VAL B 320 -19.77 7.80 2.18
CA VAL B 320 -18.89 8.31 1.15
C VAL B 320 -17.60 8.72 1.84
N PRO B 321 -16.49 8.92 1.13
CA PRO B 321 -15.22 9.23 1.81
C PRO B 321 -15.25 10.49 2.64
N LEU B 322 -16.17 11.41 2.39
CA LEU B 322 -16.22 12.70 3.08
C LEU B 322 -17.33 12.75 4.13
N LEU B 323 -17.62 11.63 4.78
CA LEU B 323 -18.56 11.60 5.89
C LEU B 323 -17.79 11.37 7.19
N GLN B 324 -18.06 12.21 8.18
CA GLN B 324 -17.39 12.17 9.47
C GLN B 324 -18.34 11.70 10.55
N ARG B 325 -17.79 11.01 11.55
CA ARG B 325 -18.59 10.56 12.67
C ARG B 325 -19.14 11.74 13.44
N GLU B 326 -20.27 11.54 14.12
CA GLU B 326 -20.95 12.62 14.81
C GLU B 326 -20.04 13.26 15.85
N GLY B 327 -19.96 14.58 15.84
CA GLY B 327 -19.14 15.31 16.77
C GLY B 327 -17.67 15.35 16.44
N HIS B 328 -17.26 14.75 15.33
CA HIS B 328 -15.85 14.70 14.94
C HIS B 328 -15.56 15.77 13.90
N THR B 329 -14.47 16.51 14.11
CA THR B 329 -14.09 17.64 13.29
C THR B 329 -12.70 17.41 12.74
N ARG B 330 -12.56 17.47 11.41
CA ARG B 330 -11.28 17.38 10.72
C ARG B 330 -10.96 18.72 10.09
N TYR B 331 -9.68 19.09 10.06
CA TYR B 331 -9.32 20.40 9.53
C TYR B 331 -7.89 20.38 9.03
N SER B 332 -7.57 21.39 8.21
CA SER B 332 -6.21 21.62 7.77
C SER B 332 -6.03 23.09 7.44
N ILE B 333 -4.91 23.66 7.86
CA ILE B 333 -4.56 25.05 7.58
C ILE B 333 -3.16 25.06 6.98
N THR B 334 -3.05 25.50 5.73
CA THR B 334 -1.80 25.48 4.99
C THR B 334 -1.50 26.88 4.50
N ALA B 335 -0.28 27.34 4.68
CA ALA B 335 0.16 28.63 4.15
C ALA B 335 1.56 28.46 3.59
N GLY B 336 1.75 28.74 2.31
CA GLY B 336 3.06 28.53 1.72
C GLY B 336 3.23 29.05 0.31
N GLU B 337 4.14 28.46 -0.45
CA GLU B 337 4.41 28.85 -1.82
C GLU B 337 4.26 27.63 -2.71
N TYR B 338 3.40 27.74 -3.72
CA TYR B 338 3.10 26.61 -4.59
C TYR B 338 4.33 26.14 -5.35
N ARG B 339 4.83 24.94 -5.02
CA ARG B 339 5.94 24.32 -5.72
C ARG B 339 5.38 23.33 -6.73
N SER B 340 5.82 23.45 -7.98
CA SER B 340 5.22 22.70 -9.08
C SER B 340 6.15 21.69 -9.72
N GLY B 341 7.46 21.93 -9.72
CA GLY B 341 8.38 21.06 -10.43
C GLY B 341 8.46 21.32 -11.92
N ASN B 342 7.85 22.40 -12.39
CA ASN B 342 7.87 22.77 -13.80
C ASN B 342 8.67 24.06 -13.98
N ALA B 343 9.50 24.11 -15.02
CA ALA B 343 10.36 25.25 -15.25
C ALA B 343 9.62 26.45 -15.83
N GLN B 344 8.41 26.25 -16.34
CA GLN B 344 7.61 27.33 -16.92
C GLN B 344 6.46 27.74 -16.01
N GLN B 345 6.39 27.23 -14.79
CA GLN B 345 5.28 27.48 -13.88
C GLN B 345 5.78 28.24 -12.67
N GLU B 346 5.07 29.31 -12.31
CA GLU B 346 5.50 30.20 -11.25
C GLU B 346 5.33 29.52 -9.88
N LYS B 347 5.74 30.23 -8.83
CA LYS B 347 5.65 29.75 -7.46
C LYS B 347 4.97 30.82 -6.61
N PRO B 348 3.65 30.94 -6.71
CA PRO B 348 2.93 31.98 -5.97
C PRO B 348 2.56 31.56 -4.56
N ARG B 349 2.49 32.55 -3.68
CA ARG B 349 2.10 32.31 -2.30
C ARG B 349 0.60 32.09 -2.20
N PHE B 350 0.21 31.21 -1.27
CA PHE B 350 -1.18 30.83 -1.14
C PHE B 350 -1.49 30.43 0.30
N PHE B 351 -2.79 30.45 0.62
CA PHE B 351 -3.29 30.02 1.92
C PHE B 351 -4.58 29.23 1.71
N GLN B 352 -4.59 27.98 2.15
CA GLN B 352 -5.73 27.09 1.96
C GLN B 352 -6.15 26.51 3.30
N SER B 353 -7.44 26.60 3.61
CA SER B 353 -7.97 26.06 4.85
C SER B 353 -9.22 25.24 4.56
N THR B 354 -9.24 24.00 5.07
CA THR B 354 -10.37 23.11 4.86
C THR B 354 -10.88 22.59 6.19
N LEU B 355 -12.18 22.34 6.27
CA LEU B 355 -12.85 21.89 7.48
C LEU B 355 -13.96 20.91 7.13
N LEU B 356 -14.18 19.94 8.02
CA LEU B 356 -15.26 18.98 7.91
C LEU B 356 -15.77 18.70 9.31
N HIS B 357 -17.09 18.65 9.48
CA HIS B 357 -17.71 18.47 10.79
C HIS B 357 -18.86 17.49 10.67
N GLY B 358 -18.79 16.38 11.41
CA GLY B 358 -19.92 15.48 11.48
C GLY B 358 -21.07 16.09 12.26
N LEU B 359 -22.28 15.65 11.95
CA LEU B 359 -23.48 16.23 12.54
C LEU B 359 -24.51 15.16 12.79
N PRO B 360 -25.40 15.36 13.76
CA PRO B 360 -26.40 14.34 14.10
C PRO B 360 -27.29 13.98 12.92
N ALA B 361 -28.01 12.88 13.09
CA ALA B 361 -28.85 12.28 12.05
C ALA B 361 -28.04 11.86 10.83
N GLY B 362 -26.75 11.60 11.01
CA GLY B 362 -25.91 11.16 9.92
C GLY B 362 -25.54 12.22 8.92
N TRP B 363 -25.45 13.49 9.34
CA TRP B 363 -25.09 14.58 8.45
C TRP B 363 -23.59 14.84 8.52
N THR B 364 -23.11 15.63 7.56
CA THR B 364 -21.75 16.11 7.60
C THR B 364 -21.71 17.41 6.81
N ILE B 365 -21.16 18.46 7.42
CA ILE B 365 -21.04 19.75 6.75
C ILE B 365 -19.57 20.09 6.61
N TYR B 366 -19.13 20.39 5.39
CA TYR B 366 -17.72 20.64 5.17
C TYR B 366 -17.55 21.79 4.19
N GLY B 367 -16.34 22.34 4.17
CA GLY B 367 -16.06 23.48 3.32
C GLY B 367 -14.57 23.78 3.33
N GLY B 368 -14.23 24.87 2.65
CA GLY B 368 -12.84 25.26 2.56
C GLY B 368 -12.68 26.47 1.68
N THR B 369 -11.44 26.97 1.64
CA THR B 369 -11.12 28.16 0.86
C THR B 369 -9.65 28.16 0.49
N GLN B 370 -9.38 28.60 -0.74
CA GLN B 370 -8.04 28.87 -1.24
C GLN B 370 -7.95 30.35 -1.57
N LEU B 371 -6.90 31.00 -1.08
CA LEU B 371 -6.67 32.41 -1.34
C LEU B 371 -5.26 32.58 -1.89
N ALA B 372 -5.14 33.31 -2.99
CA ALA B 372 -3.85 33.61 -3.60
C ALA B 372 -3.97 34.97 -4.29
N ASP B 373 -2.86 35.42 -4.88
CA ASP B 373 -2.85 36.71 -5.55
C ASP B 373 -3.78 36.72 -6.76
N ARG B 374 -3.82 35.62 -7.51
CA ARG B 374 -4.61 35.52 -8.73
C ARG B 374 -5.52 34.30 -8.69
N TYR B 375 -6.11 34.01 -7.53
CA TYR B 375 -7.02 32.90 -7.39
C TYR B 375 -7.77 33.02 -6.07
N ARG B 376 -9.07 32.79 -6.10
CA ARG B 376 -9.89 32.78 -4.89
C ARG B 376 -10.97 31.73 -5.08
N ALA B 377 -10.89 30.63 -4.32
CA ALA B 377 -11.83 29.53 -4.43
C ALA B 377 -12.51 29.32 -3.08
N PHE B 378 -13.83 29.18 -3.10
CA PHE B 378 -14.62 28.92 -1.90
C PHE B 378 -15.47 27.69 -2.14
N ASN B 379 -15.32 26.68 -1.29
CA ASN B 379 -16.01 25.41 -1.46
C ASN B 379 -16.89 25.15 -0.25
N PHE B 380 -18.11 24.67 -0.49
CA PHE B 380 -19.03 24.34 0.58
C PHE B 380 -19.86 23.13 0.17
N GLY B 381 -20.14 22.24 1.12
CA GLY B 381 -20.91 21.06 0.78
C GLY B 381 -21.44 20.34 2.00
N ILE B 382 -22.37 19.43 1.74
CA ILE B 382 -23.00 18.62 2.77
C ILE B 382 -23.10 17.18 2.27
N GLY B 383 -22.82 16.24 3.17
CA GLY B 383 -23.05 14.83 2.90
C GLY B 383 -24.05 14.27 3.89
N LYS B 384 -24.79 13.26 3.46
CA LYS B 384 -25.76 12.61 4.33
C LYS B 384 -25.68 11.10 4.17
N ASN B 385 -25.84 10.41 5.29
CA ASN B 385 -25.99 8.96 5.35
C ASN B 385 -27.47 8.63 5.28
N MET B 386 -28.01 8.52 4.06
CA MET B 386 -29.45 8.33 3.91
C MET B 386 -29.91 6.98 4.45
N GLY B 387 -29.02 6.02 4.59
CA GLY B 387 -29.39 4.74 5.16
C GLY B 387 -29.65 3.66 4.12
N ALA B 388 -30.93 3.37 3.88
CA ALA B 388 -31.28 2.37 2.86
C ALA B 388 -31.00 2.86 1.45
N LEU B 389 -30.86 4.17 1.25
CA LEU B 389 -30.57 4.73 -0.05
C LEU B 389 -29.08 5.00 -0.26
N GLY B 390 -28.24 4.73 0.73
CA GLY B 390 -26.82 4.97 0.62
C GLY B 390 -26.45 6.41 0.92
N ALA B 391 -25.15 6.64 1.03
CA ALA B 391 -24.62 7.95 1.36
C ALA B 391 -24.47 8.80 0.11
N LEU B 392 -24.79 10.09 0.23
CA LEU B 392 -24.65 11.02 -0.88
C LEU B 392 -24.05 12.31 -0.35
N SER B 393 -23.00 12.79 -1.00
CA SER B 393 -22.34 14.04 -0.62
C SER B 393 -22.28 14.97 -1.82
N VAL B 394 -22.80 16.19 -1.65
CA VAL B 394 -22.85 17.18 -2.70
C VAL B 394 -22.11 18.42 -2.24
N ASP B 395 -21.18 18.91 -3.07
CA ASP B 395 -20.48 20.14 -2.74
C ASP B 395 -20.33 21.00 -3.99
N MET B 396 -20.08 22.28 -3.76
CA MET B 396 -19.96 23.27 -4.82
C MET B 396 -18.78 24.20 -4.53
N THR B 397 -17.96 24.42 -5.55
CA THR B 397 -16.78 25.27 -5.46
C THR B 397 -16.93 26.43 -6.43
N GLN B 398 -16.82 27.66 -5.94
CA GLN B 398 -16.82 28.84 -6.78
C GLN B 398 -15.40 29.40 -6.83
N ALA B 399 -14.85 29.52 -8.03
CA ALA B 399 -13.47 29.94 -8.21
C ALA B 399 -13.41 31.16 -9.13
N ASN B 400 -12.77 32.22 -8.64
CA ASN B 400 -12.44 33.39 -9.44
C ASN B 400 -10.94 33.38 -9.68
N SER B 401 -10.54 33.32 -10.95
CA SER B 401 -9.15 33.11 -11.32
C SER B 401 -8.71 34.15 -12.34
N THR B 402 -7.50 34.68 -12.15
CA THR B 402 -6.88 35.57 -13.11
C THR B 402 -5.85 34.79 -13.91
N LEU B 403 -6.10 34.64 -15.21
CA LEU B 403 -5.30 33.80 -16.08
C LEU B 403 -3.94 34.46 -16.34
N PRO B 404 -2.96 33.70 -16.83
CA PRO B 404 -1.65 34.30 -17.12
C PRO B 404 -1.70 35.47 -18.09
N ASP B 405 -2.69 35.53 -18.98
CA ASP B 405 -2.85 36.65 -19.89
C ASP B 405 -3.63 37.80 -19.27
N ASP B 406 -3.69 37.87 -17.93
CA ASP B 406 -4.36 38.95 -17.21
C ASP B 406 -5.83 39.09 -17.61
N SER B 407 -6.50 37.95 -17.74
CA SER B 407 -7.93 37.91 -18.04
C SER B 407 -8.64 37.22 -16.90
N GLN B 408 -9.59 37.93 -16.28
CA GLN B 408 -10.30 37.40 -15.12
C GLN B 408 -11.46 36.52 -15.56
N HIS B 409 -11.67 35.44 -14.81
CA HIS B 409 -12.76 34.50 -15.07
C HIS B 409 -13.37 34.07 -13.75
N ASP B 410 -14.62 33.65 -13.80
CA ASP B 410 -15.30 33.07 -12.65
C ASP B 410 -16.03 31.80 -13.08
N GLY B 411 -16.09 30.84 -12.17
CA GLY B 411 -16.71 29.57 -12.50
C GLY B 411 -17.18 28.85 -11.26
N GLN B 412 -17.97 27.81 -11.48
CA GLN B 412 -18.62 27.06 -10.42
C GLN B 412 -18.61 25.58 -10.79
N SER B 413 -18.07 24.74 -9.93
CA SER B 413 -18.04 23.30 -10.16
C SER B 413 -18.85 22.60 -9.07
N VAL B 414 -19.73 21.70 -9.49
CA VAL B 414 -20.59 20.95 -8.59
C VAL B 414 -20.18 19.48 -8.65
N ARG B 415 -19.93 18.89 -7.48
CA ARG B 415 -19.51 17.50 -7.39
C ARG B 415 -20.47 16.71 -6.53
N PHE B 416 -20.96 15.59 -7.05
CA PHE B 416 -21.79 14.64 -6.32
C PHE B 416 -21.04 13.33 -6.18
N LEU B 417 -21.13 12.73 -5.00
CA LEU B 417 -20.59 11.40 -4.73
C LEU B 417 -21.68 10.55 -4.10
N TYR B 418 -21.77 9.29 -4.52
CA TYR B 418 -22.79 8.38 -4.05
C TYR B 418 -22.17 7.02 -3.75
N ASN B 419 -22.59 6.42 -2.65
CA ASN B 419 -22.01 5.16 -2.17
C ASN B 419 -23.12 4.31 -1.59
N LYS B 420 -23.23 3.07 -2.07
CA LYS B 420 -24.19 2.10 -1.55
C LYS B 420 -23.44 0.86 -1.10
N SER B 421 -23.76 0.37 0.09
CA SER B 421 -23.05 -0.76 0.68
C SER B 421 -23.53 -2.06 0.05
N LEU B 422 -23.04 -3.19 0.55
CA LEU B 422 -23.40 -4.49 0.01
C LEU B 422 -24.87 -4.79 0.29
N ASN B 423 -25.53 -5.37 -0.71
CA ASN B 423 -26.92 -5.78 -0.60
C ASN B 423 -26.98 -7.29 -0.36
N GLU B 424 -28.20 -7.83 -0.34
CA GLU B 424 -28.36 -9.28 -0.27
C GLU B 424 -27.79 -9.95 -1.51
N SER B 425 -27.97 -9.34 -2.68
CA SER B 425 -27.45 -9.87 -3.93
C SER B 425 -25.93 -9.81 -4.01
N GLY B 426 -25.27 -9.12 -3.09
CA GLY B 426 -23.83 -9.00 -3.09
C GLY B 426 -23.30 -7.77 -3.79
N THR B 427 -24.11 -7.12 -4.62
CA THR B 427 -23.67 -5.94 -5.35
C THR B 427 -23.46 -4.77 -4.40
N ASN B 428 -22.33 -4.09 -4.53
CA ASN B 428 -22.12 -2.82 -3.85
C ASN B 428 -21.59 -1.79 -4.84
N ILE B 429 -22.16 -0.60 -4.79
CA ILE B 429 -21.76 0.51 -5.63
C ILE B 429 -20.72 1.27 -4.80
N GLN B 430 -19.45 0.90 -4.97
CA GLN B 430 -18.40 1.51 -4.17
C GLN B 430 -18.31 3.00 -4.41
N LEU B 431 -18.50 3.44 -5.66
CA LEU B 431 -18.49 4.86 -5.91
C LEU B 431 -19.27 5.17 -7.19
N VAL B 432 -20.06 6.25 -7.15
CA VAL B 432 -20.58 6.88 -8.35
C VAL B 432 -20.39 8.38 -8.16
N GLY B 433 -19.51 8.98 -8.93
CA GLY B 433 -19.17 10.38 -8.78
C GLY B 433 -19.38 11.12 -10.08
N TYR B 434 -19.82 12.38 -9.96
CA TYR B 434 -19.99 13.23 -11.12
C TYR B 434 -19.63 14.66 -10.76
N ARG B 435 -18.71 15.25 -11.51
CA ARG B 435 -18.26 16.62 -11.29
C ARG B 435 -18.46 17.42 -12.57
N TYR B 436 -19.11 18.57 -12.46
CA TYR B 436 -19.38 19.43 -13.60
C TYR B 436 -18.84 20.82 -13.33
N SER B 437 -18.00 21.32 -14.23
CA SER B 437 -17.37 22.63 -14.09
C SER B 437 -17.75 23.50 -15.27
N THR B 438 -18.16 24.74 -14.99
CA THR B 438 -18.55 25.65 -16.05
C THR B 438 -17.33 26.09 -16.85
N SER B 439 -17.58 26.97 -17.83
CA SER B 439 -16.51 27.39 -18.74
C SER B 439 -15.42 28.15 -18.01
N GLY B 440 -15.79 28.99 -17.05
CA GLY B 440 -14.85 29.85 -16.36
C GLY B 440 -14.23 29.28 -15.10
N TYR B 441 -14.43 28.00 -14.82
CA TYR B 441 -13.85 27.38 -13.63
C TYR B 441 -12.47 26.84 -13.95
N PHE B 442 -11.45 27.36 -13.27
CA PHE B 442 -10.07 26.93 -13.44
C PHE B 442 -9.47 26.56 -12.10
N ASN B 443 -8.52 25.63 -12.12
CA ASN B 443 -7.84 25.21 -10.91
C ASN B 443 -6.70 26.19 -10.59
N PHE B 444 -6.14 26.04 -9.39
CA PHE B 444 -5.03 26.89 -8.97
C PHE B 444 -3.81 26.67 -9.84
N ALA B 445 -3.54 25.42 -10.23
CA ALA B 445 -2.39 25.13 -11.08
C ALA B 445 -2.54 25.71 -12.48
N ASP B 446 -3.75 26.09 -12.88
CA ASP B 446 -3.97 26.66 -14.20
C ASP B 446 -3.51 28.11 -14.28
N THR B 447 -3.60 28.85 -13.18
CA THR B 447 -3.24 30.26 -13.16
C THR B 447 -1.78 30.49 -12.76
N THR B 448 -1.01 29.42 -12.56
CA THR B 448 0.36 29.53 -12.09
C THR B 448 1.39 29.59 -13.20
N TYR B 449 0.96 29.47 -14.46
CA TYR B 449 1.91 29.48 -15.57
C TYR B 449 2.53 30.86 -15.72
N SER B 450 3.81 30.89 -16.10
CA SER B 450 4.52 32.15 -16.25
C SER B 450 3.97 32.95 -17.42
N ARG B 451 3.87 34.26 -17.23
CA ARG B 451 3.33 35.14 -18.25
C ARG B 451 4.30 35.30 -19.42
N TYR B 474 -0.78 26.96 -23.90
CA TYR B 474 -1.32 25.93 -23.02
C TYR B 474 -2.79 25.68 -23.32
N ASN B 475 -3.30 24.55 -22.84
CA ASN B 475 -4.70 24.18 -23.07
C ASN B 475 -5.62 24.87 -22.06
N LEU B 476 -5.52 26.19 -21.96
CA LEU B 476 -6.40 26.95 -21.07
C LEU B 476 -7.74 27.29 -21.72
N ALA B 477 -7.89 27.05 -23.02
CA ALA B 477 -9.17 27.16 -23.69
C ALA B 477 -9.89 25.83 -23.78
N TYR B 478 -9.29 24.75 -23.26
CA TYR B 478 -9.86 23.41 -23.30
C TYR B 478 -9.93 22.84 -21.89
N ASN B 479 -10.45 23.63 -20.94
CA ASN B 479 -10.65 23.12 -19.60
C ASN B 479 -11.75 22.05 -19.61
N LYS B 480 -11.96 21.44 -18.46
CA LYS B 480 -12.78 20.24 -18.37
C LYS B 480 -14.25 20.59 -18.17
N ARG B 481 -15.13 19.94 -18.95
CA ARG B 481 -16.56 20.08 -18.75
C ARG B 481 -17.04 19.23 -17.57
N GLY B 482 -16.78 17.93 -17.64
CA GLY B 482 -17.32 17.03 -16.63
C GLY B 482 -16.65 15.68 -16.55
N LYS B 483 -16.49 15.19 -15.33
CA LYS B 483 -15.85 13.90 -15.06
C LYS B 483 -16.85 12.98 -14.37
N LEU B 484 -17.00 11.78 -14.89
CA LEU B 484 -17.89 10.77 -14.34
C LEU B 484 -17.07 9.55 -13.95
N GLN B 485 -17.22 9.12 -12.70
CA GLN B 485 -16.49 7.98 -12.15
C GLN B 485 -17.47 6.91 -11.68
N LEU B 486 -17.16 5.66 -11.97
CA LEU B 486 -17.98 4.53 -11.59
C LEU B 486 -17.10 3.43 -11.03
N THR B 487 -17.56 2.81 -9.94
CA THR B 487 -16.82 1.72 -9.30
C THR B 487 -17.84 0.82 -8.63
N VAL B 488 -17.95 -0.42 -9.12
CA VAL B 488 -19.00 -1.35 -8.72
C VAL B 488 -18.38 -2.73 -8.50
N THR B 489 -18.90 -3.48 -7.54
CA THR B 489 -18.41 -4.84 -7.28
C THR B 489 -19.59 -5.78 -7.10
N GLN B 490 -19.47 -6.99 -7.63
CA GLN B 490 -20.49 -8.03 -7.56
C GLN B 490 -19.85 -9.32 -7.06
N GLN B 491 -20.57 -10.08 -6.25
CA GLN B 491 -20.12 -11.38 -5.77
C GLN B 491 -20.97 -12.45 -6.46
N LEU B 492 -20.38 -13.12 -7.44
CA LEU B 492 -21.10 -14.10 -8.24
C LEU B 492 -20.86 -15.51 -7.72
N GLY B 493 -21.31 -15.75 -6.50
CA GLY B 493 -21.15 -17.05 -5.87
C GLY B 493 -20.08 -17.02 -4.79
N ARG B 494 -19.78 -18.20 -4.28
CA ARG B 494 -18.84 -18.33 -3.16
C ARG B 494 -17.40 -18.15 -3.59
N THR B 495 -17.08 -18.30 -4.87
CA THR B 495 -15.69 -18.27 -5.32
C THR B 495 -15.47 -17.35 -6.52
N SER B 496 -16.41 -16.48 -6.86
CA SER B 496 -16.26 -15.63 -8.03
C SER B 496 -16.64 -14.19 -7.69
N THR B 497 -15.85 -13.24 -8.20
CA THR B 497 -16.04 -11.83 -7.94
C THR B 497 -15.87 -11.04 -9.24
N LEU B 498 -16.83 -10.18 -9.53
CA LEU B 498 -16.79 -9.32 -10.71
C LEU B 498 -16.58 -7.87 -10.28
N TYR B 499 -15.79 -7.13 -11.04
CA TYR B 499 -15.41 -5.78 -10.65
C TYR B 499 -15.46 -4.87 -11.87
N LEU B 500 -16.04 -3.67 -11.70
CA LEU B 500 -16.18 -2.70 -12.77
C LEU B 500 -15.63 -1.37 -12.29
N SER B 501 -14.80 -0.73 -13.13
CA SER B 501 -14.32 0.61 -12.87
C SER B 501 -14.30 1.40 -14.16
N GLY B 502 -14.55 2.70 -14.05
CA GLY B 502 -14.56 3.55 -15.22
C GLY B 502 -14.49 5.03 -14.93
N SER B 503 -13.80 5.77 -15.80
CA SER B 503 -13.72 7.22 -15.71
C SER B 503 -13.93 7.81 -17.10
N HIS B 504 -14.68 8.91 -17.16
CA HIS B 504 -15.02 9.56 -18.42
C HIS B 504 -14.91 11.06 -18.23
N GLN B 505 -13.94 11.67 -18.90
CA GLN B 505 -13.67 13.10 -18.79
C GLN B 505 -13.99 13.79 -20.10
N THR B 506 -14.84 14.81 -20.06
CA THR B 506 -15.21 15.59 -21.22
C THR B 506 -14.74 17.02 -21.02
N TYR B 507 -14.11 17.58 -22.05
CA TYR B 507 -13.49 18.90 -22.00
C TYR B 507 -14.37 19.95 -22.69
N TRP B 508 -14.01 21.21 -22.48
CA TRP B 508 -14.71 22.33 -23.11
C TRP B 508 -14.10 22.62 -24.47
N GLY B 509 -14.96 22.84 -25.45
CA GLY B 509 -14.51 23.16 -26.80
C GLY B 509 -14.26 21.93 -27.66
N THR B 510 -13.28 21.12 -27.29
CA THR B 510 -12.99 19.92 -28.06
C THR B 510 -14.06 18.86 -27.84
N SER B 511 -14.19 17.98 -28.83
CA SER B 511 -15.06 16.82 -28.72
C SER B 511 -14.32 15.57 -28.25
N ASN B 512 -13.02 15.68 -27.95
CA ASN B 512 -12.26 14.54 -27.45
C ASN B 512 -12.66 14.24 -26.01
N VAL B 513 -12.64 12.96 -25.67
CA VAL B 513 -13.01 12.49 -24.33
C VAL B 513 -11.93 11.55 -23.83
N ASP B 514 -11.58 11.69 -22.55
CA ASP B 514 -10.66 10.78 -21.89
C ASP B 514 -11.47 9.63 -21.29
N GLU B 515 -11.25 8.42 -21.81
CA GLU B 515 -12.01 7.26 -21.39
C GLU B 515 -11.09 6.25 -20.72
N GLN B 516 -11.57 5.66 -19.63
CA GLN B 516 -10.86 4.55 -18.99
C GLN B 516 -11.90 3.58 -18.48
N PHE B 517 -11.67 2.29 -18.71
CA PHE B 517 -12.59 1.24 -18.33
C PHE B 517 -11.79 0.01 -17.94
N GLN B 518 -12.25 -0.70 -16.92
CA GLN B 518 -11.50 -1.84 -16.39
C GLN B 518 -12.49 -2.79 -15.74
N ALA B 519 -12.61 -3.99 -16.30
CA ALA B 519 -13.55 -5.00 -15.80
C ALA B 519 -12.80 -6.29 -15.53
N GLY B 520 -12.98 -6.83 -14.33
CA GLY B 520 -12.26 -8.03 -13.93
C GLY B 520 -13.20 -9.10 -13.40
N LEU B 521 -12.77 -10.34 -13.56
CA LEU B 521 -13.49 -11.50 -13.03
C LEU B 521 -12.50 -12.43 -12.38
N ASN B 522 -12.66 -12.66 -11.08
CA ASN B 522 -11.74 -13.49 -10.30
C ASN B 522 -12.45 -14.74 -9.82
N THR B 523 -11.81 -15.89 -10.03
CA THR B 523 -12.31 -17.18 -9.57
C THR B 523 -11.26 -17.83 -8.68
N ALA B 524 -11.72 -18.46 -7.60
CA ALA B 524 -10.82 -19.00 -6.59
C ALA B 524 -10.55 -20.49 -6.71
N PHE B 525 -11.53 -21.28 -7.15
CA PHE B 525 -11.44 -22.75 -7.18
C PHE B 525 -11.07 -23.22 -5.77
N GLU B 526 -10.03 -24.05 -5.61
CA GLU B 526 -9.55 -24.44 -4.29
C GLU B 526 -8.26 -23.71 -3.94
N ASP B 527 -7.24 -23.81 -4.79
CA ASP B 527 -6.02 -23.03 -4.70
C ASP B 527 -5.58 -22.44 -6.02
N ILE B 528 -6.16 -22.88 -7.14
CA ILE B 528 -5.84 -22.33 -8.45
C ILE B 528 -6.66 -21.07 -8.66
N ASN B 529 -5.99 -19.93 -8.67
CA ASN B 529 -6.67 -18.64 -8.82
C ASN B 529 -6.67 -18.23 -10.28
N TRP B 530 -7.85 -17.96 -10.83
CA TRP B 530 -8.00 -17.52 -12.20
C TRP B 530 -8.45 -16.06 -12.21
N THR B 531 -7.87 -15.28 -13.11
CA THR B 531 -8.24 -13.88 -13.27
C THR B 531 -8.43 -13.58 -14.75
N LEU B 532 -9.54 -12.94 -15.09
CA LEU B 532 -9.83 -12.53 -16.46
C LEU B 532 -10.10 -11.04 -16.44
N SER B 533 -9.16 -10.26 -16.95
CA SER B 533 -9.23 -8.81 -16.86
C SER B 533 -9.31 -8.20 -18.26
N TYR B 534 -9.99 -7.06 -18.34
CA TYR B 534 -10.13 -6.31 -19.58
C TYR B 534 -9.94 -4.84 -19.27
N SER B 535 -9.13 -4.16 -20.07
CA SER B 535 -8.85 -2.74 -19.87
C SER B 535 -8.98 -2.00 -21.18
N LEU B 536 -9.45 -0.75 -21.09
CA LEU B 536 -9.76 0.09 -22.25
C LEU B 536 -9.40 1.52 -21.91
N THR B 537 -8.38 2.06 -22.57
CA THR B 537 -7.92 3.42 -22.28
C THR B 537 -7.86 4.23 -23.57
N LYS B 538 -8.44 5.42 -23.55
CA LYS B 538 -8.36 6.34 -24.67
C LYS B 538 -8.01 7.72 -24.12
N ASN B 539 -6.91 8.29 -24.61
CA ASN B 539 -6.49 9.63 -24.21
C ASN B 539 -7.06 10.67 -25.16
N ALA B 540 -7.30 11.87 -24.64
CA ALA B 540 -7.87 12.93 -25.46
C ALA B 540 -6.90 13.36 -26.55
N TRP B 541 -5.61 13.42 -26.24
CA TRP B 541 -4.62 13.96 -27.17
C TRP B 541 -4.14 12.96 -28.21
N GLN B 542 -4.61 11.72 -28.17
CA GLN B 542 -4.20 10.71 -29.13
C GLN B 542 -5.43 9.99 -29.67
N LYS B 543 -5.29 9.46 -30.88
CA LYS B 543 -6.37 8.74 -31.56
C LYS B 543 -6.13 7.25 -31.45
N GLY B 544 -7.17 6.52 -31.08
CA GLY B 544 -7.07 5.08 -30.92
C GLY B 544 -7.32 4.63 -29.49
N ARG B 545 -7.83 3.41 -29.33
CA ARG B 545 -8.15 2.86 -28.02
C ARG B 545 -7.16 1.75 -27.70
N ASP B 546 -6.48 1.88 -26.56
CA ASP B 546 -5.58 0.85 -26.04
C ASP B 546 -6.43 -0.15 -25.27
N GLN B 547 -6.64 -1.33 -25.86
CA GLN B 547 -7.43 -2.39 -25.26
C GLN B 547 -6.53 -3.54 -24.86
N MET B 548 -6.96 -4.28 -23.85
CA MET B 548 -6.19 -5.43 -23.38
C MET B 548 -7.15 -6.43 -22.75
N LEU B 549 -6.92 -7.71 -23.01
CA LEU B 549 -7.69 -8.80 -22.40
C LEU B 549 -6.69 -9.84 -21.91
N ALA B 550 -6.54 -9.95 -20.60
CA ALA B 550 -5.52 -10.79 -20.00
C ALA B 550 -6.15 -11.91 -19.18
N LEU B 551 -5.52 -13.08 -19.21
CA LEU B 551 -5.93 -14.24 -18.43
C LEU B 551 -4.75 -14.70 -17.61
N ASN B 552 -4.92 -14.77 -16.29
CA ASN B 552 -3.86 -15.15 -15.37
C ASN B 552 -4.29 -16.36 -14.56
N VAL B 553 -3.36 -17.29 -14.38
CA VAL B 553 -3.58 -18.51 -13.60
C VAL B 553 -2.45 -18.62 -12.59
N ASN B 554 -2.80 -18.83 -11.33
CA ASN B 554 -1.82 -18.96 -10.25
C ASN B 554 -2.07 -20.30 -9.53
N ILE B 555 -1.05 -21.15 -9.50
CA ILE B 555 -1.17 -22.48 -8.93
C ILE B 555 -0.05 -22.72 -7.93
N PRO B 556 -0.33 -22.82 -6.63
CA PRO B 556 0.72 -23.17 -5.67
C PRO B 556 1.26 -24.56 -5.92
N PHE B 557 2.55 -24.74 -5.63
CA PHE B 557 3.16 -26.05 -5.79
C PHE B 557 2.73 -27.03 -4.70
N SER B 558 2.20 -26.52 -3.58
CA SER B 558 1.65 -27.43 -2.56
C SER B 558 0.45 -28.19 -3.10
N HIS B 559 -0.22 -27.67 -4.12
CA HIS B 559 -1.29 -28.40 -4.76
C HIS B 559 -0.78 -29.68 -5.42
N TRP B 560 0.31 -29.57 -6.17
CA TRP B 560 0.88 -30.73 -6.85
C TRP B 560 1.65 -31.64 -5.90
N LEU B 561 2.25 -31.07 -4.85
CA LEU B 561 3.02 -31.84 -3.90
C LEU B 561 2.13 -32.22 -2.71
N ARG B 562 2.74 -32.76 -1.66
CA ARG B 562 2.01 -33.10 -0.45
C ARG B 562 1.83 -31.88 0.45
N SER B 567 10.82 -30.40 1.54
CA SER B 567 11.09 -29.86 0.20
C SER B 567 11.01 -28.34 0.20
N GLN B 568 11.91 -27.71 -0.57
CA GLN B 568 11.94 -26.26 -0.67
C GLN B 568 10.89 -25.68 -1.60
N TRP B 569 10.14 -26.53 -2.30
CA TRP B 569 9.13 -26.09 -3.23
C TRP B 569 7.76 -25.89 -2.61
N ARG B 570 7.63 -26.06 -1.28
CA ARG B 570 6.37 -25.77 -0.63
C ARG B 570 6.06 -24.27 -0.67
N HIS B 571 7.08 -23.44 -0.55
CA HIS B 571 6.91 -21.98 -0.65
C HIS B 571 7.21 -21.50 -2.06
N ALA B 572 6.48 -22.07 -3.02
CA ALA B 572 6.64 -21.71 -4.42
C ALA B 572 5.33 -21.92 -5.15
N SER B 573 5.20 -21.29 -6.31
CA SER B 573 3.98 -21.38 -7.10
C SER B 573 4.30 -21.03 -8.54
N ALA B 574 3.35 -21.30 -9.42
CA ALA B 574 3.51 -21.10 -10.86
C ALA B 574 2.44 -20.17 -11.38
N SER B 575 2.83 -19.24 -12.25
CA SER B 575 1.93 -18.25 -12.82
C SER B 575 1.99 -18.31 -14.33
N TYR B 576 0.82 -18.38 -14.96
CA TYR B 576 0.72 -18.38 -16.42
C TYR B 576 -0.19 -17.23 -16.85
N SER B 577 0.35 -16.33 -17.67
CA SER B 577 -0.38 -15.20 -18.18
C SER B 577 -0.51 -15.31 -19.70
N MET B 578 -1.67 -14.94 -20.21
CA MET B 578 -1.95 -14.90 -21.64
C MET B 578 -2.65 -13.59 -21.92
N SER B 579 -1.94 -12.66 -22.57
CA SER B 579 -2.45 -11.32 -22.80
C SER B 579 -2.71 -11.14 -24.29
N HIS B 580 -3.88 -10.59 -24.62
CA HIS B 580 -4.29 -10.34 -25.99
C HIS B 580 -4.55 -8.85 -26.14
N ASP B 581 -3.83 -8.22 -27.07
CA ASP B 581 -3.96 -6.78 -27.29
C ASP B 581 -5.24 -6.40 -28.02
N LEU B 582 -6.02 -7.39 -28.48
CA LEU B 582 -7.21 -7.17 -29.29
C LEU B 582 -6.89 -6.41 -30.58
N ASN B 583 -5.63 -6.47 -31.02
CA ASN B 583 -5.21 -5.88 -32.28
C ASN B 583 -4.24 -6.77 -33.03
N GLY B 584 -4.11 -8.04 -32.65
CA GLY B 584 -3.21 -8.98 -33.29
C GLY B 584 -2.12 -9.50 -32.36
N ARG B 585 -1.65 -8.67 -31.44
CA ARG B 585 -0.59 -9.07 -30.54
C ARG B 585 -1.07 -10.11 -29.54
N MET B 586 -0.13 -10.94 -29.07
CA MET B 586 -0.44 -11.96 -28.08
C MET B 586 0.84 -12.32 -27.35
N THR B 587 0.80 -12.30 -26.02
CA THR B 587 1.96 -12.60 -25.20
C THR B 587 1.62 -13.71 -24.21
N ASN B 588 2.41 -14.77 -24.23
CA ASN B 588 2.34 -15.82 -23.23
C ASN B 588 3.49 -15.67 -22.25
N LEU B 589 3.23 -16.02 -20.98
CA LEU B 589 4.22 -15.83 -19.93
C LEU B 589 4.05 -16.96 -18.93
N ALA B 590 5.16 -17.57 -18.52
CA ALA B 590 5.17 -18.64 -17.53
C ALA B 590 6.28 -18.39 -16.53
N GLY B 591 5.94 -18.36 -15.26
CA GLY B 591 6.90 -17.99 -14.23
C GLY B 591 6.76 -18.85 -12.99
N VAL B 592 7.87 -18.98 -12.27
CA VAL B 592 7.95 -19.69 -11.00
C VAL B 592 8.60 -18.75 -9.99
N TYR B 593 7.99 -18.61 -8.82
CA TYR B 593 8.48 -17.68 -7.82
C TYR B 593 8.26 -18.23 -6.43
N GLY B 594 9.03 -17.72 -5.48
CA GLY B 594 8.83 -18.07 -4.09
C GLY B 594 10.06 -17.79 -3.25
N THR B 595 9.89 -17.99 -1.95
CA THR B 595 10.98 -17.80 -1.01
C THR B 595 11.84 -19.05 -0.91
N LEU B 596 13.11 -18.84 -0.53
CA LEU B 596 14.11 -19.89 -0.63
C LEU B 596 14.76 -20.23 0.71
N LEU B 597 15.21 -19.23 1.48
CA LEU B 597 16.07 -19.50 2.62
C LEU B 597 15.27 -19.97 3.82
N GLU B 598 15.98 -20.30 4.90
CA GLU B 598 15.34 -20.85 6.10
C GLU B 598 14.39 -19.85 6.73
N ASP B 599 14.80 -18.59 6.83
CA ASP B 599 13.94 -17.52 7.31
C ASP B 599 13.08 -16.92 6.20
N ASN B 600 13.10 -17.52 5.01
CA ASN B 600 12.36 -17.02 3.86
C ASN B 600 12.75 -15.59 3.52
N ASN B 601 14.05 -15.29 3.65
CA ASN B 601 14.56 -13.98 3.24
C ASN B 601 14.67 -13.90 1.72
N LEU B 602 15.47 -14.78 1.12
CA LEU B 602 15.65 -14.76 -0.32
C LEU B 602 14.34 -15.09 -1.03
N SER B 603 14.05 -14.32 -2.07
CA SER B 603 12.87 -14.51 -2.90
C SER B 603 13.31 -14.54 -4.35
N TYR B 604 13.06 -15.65 -5.03
CA TYR B 604 13.41 -15.80 -6.43
C TYR B 604 12.15 -15.76 -7.29
N SER B 605 12.33 -15.33 -8.54
CA SER B 605 11.21 -15.26 -9.49
C SER B 605 11.77 -15.32 -10.90
N VAL B 606 11.58 -16.45 -11.57
CA VAL B 606 12.07 -16.67 -12.93
C VAL B 606 10.87 -16.84 -13.84
N GLN B 607 10.73 -15.95 -14.82
CA GLN B 607 9.58 -15.98 -15.71
C GLN B 607 10.04 -15.81 -17.15
N THR B 608 9.76 -16.81 -17.97
CA THR B 608 9.98 -16.72 -19.41
C THR B 608 8.68 -16.36 -20.11
N GLY B 609 8.79 -15.97 -21.37
CA GLY B 609 7.61 -15.62 -22.13
C GLY B 609 7.92 -15.42 -23.59
N TYR B 610 6.86 -15.45 -24.39
CA TYR B 610 6.95 -15.27 -25.83
C TYR B 610 5.87 -14.31 -26.29
N ALA B 611 6.27 -13.25 -26.99
CA ALA B 611 5.35 -12.30 -27.56
C ALA B 611 5.37 -12.42 -29.08
N GLY B 612 4.20 -12.26 -29.71
CA GLY B 612 4.14 -12.38 -31.16
C GLY B 612 2.85 -11.84 -31.72
N GLY B 613 2.92 -11.46 -32.99
CA GLY B 613 1.77 -10.92 -33.69
C GLY B 613 1.62 -9.42 -33.48
N GLY B 614 0.67 -8.86 -34.22
CA GLY B 614 0.38 -7.44 -34.14
C GLY B 614 1.31 -6.59 -34.99
N ASP B 615 2.55 -6.41 -34.52
CA ASP B 615 3.55 -5.65 -35.24
C ASP B 615 4.60 -6.53 -35.90
N GLY B 616 4.52 -7.85 -35.73
CA GLY B 616 5.50 -8.75 -36.29
C GLY B 616 6.77 -8.90 -35.51
N ASN B 617 6.89 -8.23 -34.36
CA ASN B 617 8.10 -8.29 -33.54
C ASN B 617 8.04 -9.50 -32.60
N SER B 618 8.03 -10.68 -33.21
CA SER B 618 8.03 -11.92 -32.43
C SER B 618 9.34 -12.05 -31.66
N GLY B 619 9.23 -12.44 -30.39
CA GLY B 619 10.42 -12.54 -29.56
C GLY B 619 10.15 -13.34 -28.30
N SER B 620 11.25 -13.72 -27.65
CA SER B 620 11.23 -14.43 -26.38
C SER B 620 11.95 -13.58 -25.34
N THR B 621 11.33 -13.46 -24.17
CA THR B 621 11.85 -12.57 -23.13
C THR B 621 11.82 -13.29 -21.78
N GLY B 622 12.91 -13.14 -21.03
CA GLY B 622 13.00 -13.74 -19.71
C GLY B 622 13.45 -12.80 -18.62
N TYR B 623 12.71 -12.77 -17.51
CA TYR B 623 13.06 -11.94 -16.36
C TYR B 623 13.35 -12.84 -15.17
N ALA B 624 14.53 -12.68 -14.58
CA ALA B 624 14.91 -13.42 -13.38
C ALA B 624 15.27 -12.43 -12.29
N THR B 625 14.57 -12.50 -11.17
CA THR B 625 14.76 -11.57 -10.06
C THR B 625 15.10 -12.35 -8.80
N LEU B 626 16.06 -11.82 -8.04
CA LEU B 626 16.51 -12.43 -6.79
C LEU B 626 16.62 -11.32 -5.75
N ASN B 627 15.72 -11.31 -4.77
CA ASN B 627 15.69 -10.30 -3.73
C ASN B 627 16.08 -10.93 -2.40
N TYR B 628 16.62 -10.11 -1.50
CA TYR B 628 17.12 -10.62 -0.23
C TYR B 628 16.91 -9.57 0.85
N ARG B 629 16.45 -10.01 2.02
CA ARG B 629 16.22 -9.14 3.17
C ARG B 629 17.04 -9.68 4.34
N GLY B 630 18.21 -9.09 4.56
CA GLY B 630 19.08 -9.49 5.65
C GLY B 630 18.93 -8.60 6.87
N GLY B 631 19.71 -8.94 7.90
CA GLY B 631 19.73 -8.15 9.11
C GLY B 631 20.53 -6.88 9.01
N TYR B 632 21.27 -6.69 7.93
CA TYR B 632 22.04 -5.47 7.70
C TYR B 632 21.52 -4.66 6.52
N GLY B 633 20.46 -5.12 5.86
CA GLY B 633 19.90 -4.40 4.73
C GLY B 633 19.37 -5.32 3.66
N ASN B 634 18.71 -4.75 2.65
CA ASN B 634 18.17 -5.51 1.54
C ASN B 634 19.09 -5.41 0.33
N ALA B 635 19.02 -6.42 -0.53
CA ALA B 635 19.73 -6.42 -1.79
C ALA B 635 18.83 -7.04 -2.85
N ASN B 636 19.14 -6.74 -4.12
CA ASN B 636 18.36 -7.34 -5.19
C ASN B 636 19.18 -7.37 -6.47
N ILE B 637 18.98 -8.43 -7.25
CA ILE B 637 19.57 -8.60 -8.57
C ILE B 637 18.45 -8.94 -9.53
N GLY B 638 18.65 -8.59 -10.79
CA GLY B 638 17.67 -8.91 -11.82
C GLY B 638 18.35 -9.01 -13.17
N TYR B 639 17.80 -9.85 -14.03
CA TYR B 639 18.34 -10.04 -15.37
C TYR B 639 17.16 -10.14 -16.33
N SER B 640 17.11 -9.21 -17.28
CA SER B 640 16.04 -9.17 -18.28
C SER B 640 16.66 -9.39 -19.65
N HIS B 641 16.39 -10.53 -20.26
CA HIS B 641 16.90 -10.86 -21.59
C HIS B 641 15.74 -10.77 -22.56
N SER B 642 15.75 -9.73 -23.40
CA SER B 642 14.75 -9.57 -24.44
C SER B 642 15.28 -10.19 -25.73
N ASP B 643 14.61 -9.89 -26.86
CA ASP B 643 15.08 -10.40 -28.14
C ASP B 643 16.46 -9.84 -28.48
N ASP B 644 16.67 -8.54 -28.24
CA ASP B 644 17.95 -7.90 -28.47
C ASP B 644 18.55 -7.31 -27.21
N ILE B 645 17.75 -6.57 -26.44
CA ILE B 645 18.24 -5.89 -25.24
C ILE B 645 18.44 -6.92 -24.13
N LYS B 646 19.62 -6.90 -23.52
CA LYS B 646 19.92 -7.74 -22.36
C LYS B 646 20.44 -6.83 -21.26
N GLN B 647 19.69 -6.71 -20.17
CA GLN B 647 20.06 -5.76 -19.13
C GLN B 647 20.12 -6.46 -17.78
N LEU B 648 21.01 -5.96 -16.93
CA LEU B 648 21.24 -6.50 -15.60
C LEU B 648 21.07 -5.38 -14.59
N TYR B 649 20.16 -5.59 -13.65
CA TYR B 649 19.86 -4.63 -12.58
C TYR B 649 20.47 -5.12 -11.28
N TYR B 650 21.06 -4.21 -10.53
CA TYR B 650 21.60 -4.52 -9.21
C TYR B 650 21.19 -3.41 -8.25
N GLY B 651 21.09 -3.76 -6.97
CA GLY B 651 20.76 -2.74 -5.99
C GLY B 651 20.93 -3.18 -4.56
N VAL B 652 21.20 -2.23 -3.67
CA VAL B 652 21.33 -2.48 -2.25
C VAL B 652 20.72 -1.31 -1.48
N SER B 653 19.93 -1.60 -0.47
CA SER B 653 19.26 -0.57 0.32
C SER B 653 19.37 -0.90 1.79
N GLY B 654 19.26 0.12 2.63
CA GLY B 654 19.36 -0.12 4.05
C GLY B 654 19.19 1.16 4.84
N GLY B 655 19.22 1.01 6.16
CA GLY B 655 19.09 2.12 7.06
C GLY B 655 20.13 2.05 8.16
N VAL B 656 20.58 3.23 8.58
CA VAL B 656 21.60 3.40 9.60
C VAL B 656 21.05 4.31 10.68
N LEU B 657 21.22 3.90 11.94
CA LEU B 657 20.69 4.64 13.08
C LEU B 657 21.85 4.98 14.01
N ALA B 658 22.01 6.27 14.32
CA ALA B 658 23.06 6.73 15.23
C ALA B 658 22.41 7.19 16.52
N HIS B 659 22.84 6.60 17.64
CA HIS B 659 22.26 6.91 18.93
C HIS B 659 23.37 6.92 19.97
N ALA B 660 22.98 7.11 21.23
CA ALA B 660 23.95 7.24 22.32
C ALA B 660 24.78 5.99 22.49
N ASN B 661 24.33 4.86 21.96
CA ASN B 661 25.05 3.59 22.07
C ASN B 661 25.82 3.22 20.81
N GLY B 662 25.93 4.14 19.85
CA GLY B 662 26.77 3.93 18.68
C GLY B 662 25.95 4.00 17.39
N VAL B 663 26.21 3.04 16.50
CA VAL B 663 25.60 2.98 15.19
C VAL B 663 25.06 1.58 14.96
N THR B 664 23.84 1.50 14.43
CA THR B 664 23.16 0.23 14.19
C THR B 664 22.64 0.20 12.76
N LEU B 665 22.95 -0.86 12.02
CA LEU B 665 22.50 -1.03 10.65
C LEU B 665 21.30 -1.96 10.61
N GLY B 666 20.47 -1.77 9.59
CA GLY B 666 19.31 -2.63 9.45
C GLY B 666 18.60 -2.39 8.14
N GLN B 667 17.43 -3.01 8.02
CA GLN B 667 16.63 -2.90 6.81
C GLN B 667 16.12 -1.47 6.64
N PRO B 668 15.76 -1.08 5.40
CA PRO B 668 15.30 0.29 5.15
C PRO B 668 14.21 0.75 6.11
N LEU B 669 14.48 1.84 6.83
CA LEU B 669 13.58 2.31 7.86
C LEU B 669 12.32 2.92 7.27
N ASN B 670 11.19 2.66 7.93
CA ASN B 670 9.93 3.29 7.56
C ASN B 670 9.76 4.55 8.40
N ASP B 671 8.55 5.12 8.43
CA ASP B 671 8.30 6.34 9.19
C ASP B 671 8.63 6.16 10.67
N THR B 672 8.09 5.11 11.29
CA THR B 672 8.30 4.84 12.71
C THR B 672 9.21 3.62 12.86
N VAL B 673 10.20 3.74 13.73
CA VAL B 673 11.22 2.70 13.91
C VAL B 673 11.29 2.34 15.38
N VAL B 674 11.56 1.06 15.65
CA VAL B 674 11.79 0.56 16.99
C VAL B 674 13.22 0.04 17.07
N LEU B 675 13.98 0.52 18.04
CA LEU B 675 15.32 0.00 18.29
C LEU B 675 15.27 -1.05 19.40
N VAL B 676 15.86 -2.21 19.14
CA VAL B 676 15.84 -3.32 20.09
C VAL B 676 17.19 -3.32 20.80
N LYS B 677 17.25 -2.69 21.96
CA LYS B 677 18.48 -2.64 22.76
C LYS B 677 18.51 -3.84 23.67
N ALA B 678 19.29 -4.86 23.30
CA ALA B 678 19.49 -6.05 24.12
C ALA B 678 20.97 -6.40 24.14
N PRO B 679 21.78 -5.62 24.83
CA PRO B 679 23.23 -5.88 24.85
C PRO B 679 23.52 -7.26 25.45
N GLY B 680 24.50 -7.94 24.87
CA GLY B 680 24.88 -9.27 25.28
C GLY B 680 24.27 -10.37 24.45
N ALA B 681 23.20 -10.09 23.70
CA ALA B 681 22.56 -11.06 22.84
C ALA B 681 23.08 -10.87 21.42
N LYS B 682 23.83 -11.85 20.92
CA LYS B 682 24.49 -11.70 19.63
C LYS B 682 23.49 -11.82 18.49
N ASP B 683 22.84 -12.96 18.35
CA ASP B 683 21.88 -13.20 17.26
C ASP B 683 20.59 -13.72 17.88
N ALA B 684 19.72 -12.80 18.29
CA ALA B 684 18.41 -13.12 18.83
C ALA B 684 17.37 -12.70 17.80
N LYS B 685 16.58 -13.65 17.34
CA LYS B 685 15.62 -13.39 16.29
C LYS B 685 14.41 -12.64 16.85
N VAL B 686 14.18 -11.43 16.35
CA VAL B 686 12.98 -10.70 16.71
C VAL B 686 11.79 -11.38 16.03
N GLU B 687 11.00 -12.12 16.80
CA GLU B 687 9.96 -12.94 16.20
C GLU B 687 8.87 -12.07 15.59
N ASN B 688 8.16 -12.64 14.61
CA ASN B 688 7.17 -11.97 13.79
C ASN B 688 7.78 -10.89 12.90
N GLN B 689 9.08 -10.97 12.65
CA GLN B 689 9.76 -10.07 11.72
C GLN B 689 10.69 -10.89 10.85
N THR B 690 10.77 -10.53 9.57
CA THR B 690 11.52 -11.33 8.59
C THR B 690 12.95 -10.81 8.47
N GLY B 691 13.91 -11.67 8.80
CA GLY B 691 15.31 -11.36 8.59
C GLY B 691 15.92 -10.43 9.61
N VAL B 692 15.20 -10.07 10.67
CA VAL B 692 15.70 -9.14 11.66
C VAL B 692 16.46 -9.91 12.73
N ARG B 693 17.74 -9.59 12.89
CA ARG B 693 18.59 -10.17 13.92
C ARG B 693 19.39 -9.07 14.59
N THR B 694 19.75 -9.29 15.85
CA THR B 694 20.55 -8.31 16.56
C THR B 694 21.97 -8.30 16.03
N ASP B 695 22.63 -7.16 16.20
CA ASP B 695 24.01 -7.00 15.75
C ASP B 695 24.94 -7.82 16.63
N TRP B 696 26.24 -7.73 16.36
CA TRP B 696 27.22 -8.38 17.23
C TRP B 696 27.25 -7.75 18.62
N ARG B 697 26.64 -6.58 18.80
CA ARG B 697 26.57 -5.93 20.10
C ARG B 697 25.24 -6.15 20.81
N GLY B 698 24.15 -6.30 20.06
CA GLY B 698 22.87 -6.60 20.68
C GLY B 698 21.76 -5.65 20.32
N TYR B 699 22.00 -4.77 19.34
CA TYR B 699 21.03 -3.77 18.93
C TYR B 699 20.51 -4.09 17.53
N ALA B 700 19.19 -4.10 17.37
CA ALA B 700 18.56 -4.32 16.08
C ALA B 700 17.45 -3.29 15.90
N VAL B 701 17.33 -2.77 14.69
CA VAL B 701 16.31 -1.77 14.37
C VAL B 701 15.18 -2.48 13.62
N LEU B 702 13.95 -2.32 14.12
CA LEU B 702 12.79 -2.82 13.41
C LEU B 702 12.32 -1.75 12.44
N PRO B 703 12.30 -2.03 11.13
CA PRO B 703 11.96 -0.96 10.17
C PRO B 703 10.56 -0.39 10.34
N TYR B 704 9.60 -1.18 10.82
CA TYR B 704 8.21 -0.74 10.86
C TYR B 704 7.67 -0.80 12.28
N ALA B 705 6.82 0.17 12.62
CA ALA B 705 6.10 0.18 13.88
C ALA B 705 4.85 1.04 13.68
N THR B 706 3.75 0.63 14.31
CA THR B 706 2.49 1.34 14.16
C THR B 706 2.43 2.50 15.14
N GLU B 707 2.27 3.71 14.61
CA GLU B 707 2.25 4.89 15.46
C GLU B 707 0.98 4.96 16.29
N TYR B 708 1.11 5.44 17.52
CA TYR B 708 0.00 5.64 18.45
C TYR B 708 -0.74 4.35 18.76
N ARG B 709 -0.10 3.20 18.58
CA ARG B 709 -0.70 1.91 18.89
C ARG B 709 0.31 1.06 19.65
N GLU B 710 -0.21 0.10 20.41
CA GLU B 710 0.66 -0.80 21.17
C GLU B 710 1.30 -1.81 20.24
N ASN B 711 2.63 -1.84 20.23
CA ASN B 711 3.39 -2.77 19.41
C ASN B 711 4.21 -3.68 20.31
N ARG B 712 4.17 -4.98 20.04
CA ARG B 712 4.85 -5.98 20.84
C ARG B 712 6.17 -6.34 20.17
N VAL B 713 7.27 -6.10 20.87
CA VAL B 713 8.61 -6.42 20.40
C VAL B 713 9.10 -7.60 21.24
N ALA B 714 9.34 -8.73 20.59
CA ALA B 714 9.72 -9.95 21.30
C ALA B 714 10.99 -10.51 20.71
N LEU B 715 11.78 -11.17 21.56
CA LEU B 715 12.98 -11.88 21.15
C LEU B 715 12.75 -13.38 21.26
N ASP B 716 13.17 -14.11 20.23
CA ASP B 716 13.00 -15.56 20.21
C ASP B 716 14.05 -16.20 21.12
N THR B 717 13.59 -16.84 22.20
CA THR B 717 14.51 -17.48 23.13
C THR B 717 15.14 -18.76 22.57
N ASN B 718 14.58 -19.31 21.49
CA ASN B 718 15.19 -20.46 20.85
C ASN B 718 16.49 -20.11 20.12
N THR B 719 16.76 -18.82 19.89
CA THR B 719 17.94 -18.38 19.18
C THR B 719 19.01 -17.79 20.08
N LEU B 720 18.73 -17.62 21.37
CA LEU B 720 19.72 -17.09 22.29
C LEU B 720 20.84 -18.09 22.50
N ALA B 721 22.01 -17.58 22.87
CA ALA B 721 23.14 -18.45 23.16
C ALA B 721 22.87 -19.28 24.42
N ASP B 722 23.76 -20.22 24.69
CA ASP B 722 23.59 -21.11 25.83
C ASP B 722 23.86 -20.44 27.16
N ASN B 723 24.40 -19.22 27.18
CA ASN B 723 24.70 -18.52 28.41
C ASN B 723 23.95 -17.20 28.55
N VAL B 724 23.03 -16.90 27.65
CA VAL B 724 22.28 -15.64 27.67
C VAL B 724 20.86 -15.93 28.13
N ASP B 725 20.42 -15.24 29.17
CA ASP B 725 19.05 -15.36 29.67
C ASP B 725 18.44 -13.96 29.74
N LEU B 726 17.30 -13.77 29.08
CA LEU B 726 16.60 -12.50 29.10
C LEU B 726 15.70 -12.42 30.32
N ASP B 727 15.76 -11.30 31.03
CA ASP B 727 14.88 -11.10 32.18
C ASP B 727 13.41 -11.10 31.75
N ASN B 728 13.10 -10.42 30.66
CA ASN B 728 11.80 -10.48 30.02
C ASN B 728 12.00 -10.34 28.53
N ALA B 729 11.59 -11.35 27.77
CA ALA B 729 11.87 -11.39 26.34
C ALA B 729 10.91 -10.55 25.52
N VAL B 730 9.86 -10.01 26.12
CA VAL B 730 8.80 -9.32 25.41
C VAL B 730 8.61 -7.95 26.04
N ALA B 731 8.54 -6.91 25.19
CA ALA B 731 8.30 -5.54 25.62
C ALA B 731 7.20 -4.94 24.75
N ASN B 732 6.58 -3.88 25.25
CA ASN B 732 5.50 -3.19 24.56
C ASN B 732 5.86 -1.73 24.41
N VAL B 733 5.67 -1.19 23.20
CA VAL B 733 6.04 0.19 22.90
C VAL B 733 4.84 0.90 22.28
N VAL B 734 4.66 2.16 22.65
CA VAL B 734 3.58 2.99 22.08
C VAL B 734 4.22 4.23 21.48
N PRO B 735 4.66 4.19 20.23
CA PRO B 735 5.39 5.32 19.66
C PRO B 735 4.48 6.33 18.98
N THR B 736 5.00 7.55 18.87
CA THR B 736 4.40 8.58 18.04
C THR B 736 4.97 8.47 16.63
N ARG B 737 4.41 9.25 15.71
CA ARG B 737 4.83 9.16 14.32
C ARG B 737 6.26 9.65 14.16
N GLY B 738 7.09 8.85 13.51
CA GLY B 738 8.49 9.16 13.32
C GLY B 738 9.38 8.86 14.50
N ALA B 739 8.83 8.35 15.60
CA ALA B 739 9.61 8.15 16.80
C ALA B 739 10.50 6.91 16.68
N ILE B 740 11.66 6.98 17.32
CA ILE B 740 12.57 5.85 17.44
C ILE B 740 12.59 5.47 18.91
N VAL B 741 11.87 4.41 19.27
CA VAL B 741 11.67 4.01 20.65
C VAL B 741 12.56 2.80 20.94
N ARG B 742 13.30 2.87 22.04
CA ARG B 742 14.09 1.73 22.48
C ARG B 742 13.19 0.68 23.10
N ALA B 743 13.52 -0.59 22.85
CA ALA B 743 12.92 -1.72 23.53
C ALA B 743 14.05 -2.39 24.31
N GLU B 744 14.31 -1.89 25.51
CA GLU B 744 15.45 -2.35 26.29
C GLU B 744 15.20 -3.73 26.87
N PHE B 745 16.16 -4.62 26.68
CA PHE B 745 16.12 -5.97 27.23
C PHE B 745 17.33 -6.18 28.11
N LYS B 746 17.13 -6.87 29.23
CA LYS B 746 18.21 -7.17 30.17
C LYS B 746 18.64 -8.61 29.96
N ALA B 747 19.73 -8.80 29.22
CA ALA B 747 20.24 -10.13 28.91
C ALA B 747 21.42 -10.42 29.83
N ARG B 748 21.19 -11.27 30.84
CA ARG B 748 22.26 -11.70 31.72
C ARG B 748 23.11 -12.75 31.02
N VAL B 749 24.42 -12.52 31.01
CA VAL B 749 25.37 -13.37 30.30
C VAL B 749 26.24 -14.08 31.33
N GLY B 750 26.23 -15.40 31.29
CA GLY B 750 26.96 -16.21 32.25
C GLY B 750 26.27 -17.54 32.41
N ILE B 751 26.86 -18.38 33.26
CA ILE B 751 26.32 -19.71 33.49
C ILE B 751 25.04 -19.60 34.32
N LYS B 752 24.00 -20.30 33.89
CA LYS B 752 22.76 -20.39 34.64
C LYS B 752 22.85 -21.55 35.63
N LEU B 753 22.30 -21.36 36.82
CA LEU B 753 22.43 -22.37 37.85
C LEU B 753 21.19 -22.37 38.73
N LEU B 754 21.01 -23.47 39.47
CA LEU B 754 19.83 -23.72 40.29
C LEU B 754 20.32 -24.22 41.66
N MET B 755 20.55 -23.28 42.57
CA MET B 755 21.04 -23.63 43.89
C MET B 755 19.93 -24.23 44.75
N THR B 756 20.32 -25.14 45.64
CA THR B 756 19.44 -25.69 46.66
C THR B 756 19.99 -25.21 48.00
N LEU B 757 19.42 -24.11 48.50
CA LEU B 757 19.93 -23.46 49.70
C LEU B 757 19.33 -24.11 50.95
N THR B 758 20.18 -24.35 51.94
CA THR B 758 19.77 -24.92 53.22
C THR B 758 20.26 -24.02 54.35
N HIS B 759 19.34 -23.59 55.21
CA HIS B 759 19.67 -22.78 56.38
C HIS B 759 19.20 -23.51 57.62
N ASN B 760 20.09 -23.65 58.60
CA ASN B 760 19.81 -24.35 59.85
C ASN B 760 19.30 -25.77 59.58
N ASN B 761 19.92 -26.43 58.60
CA ASN B 761 19.55 -27.79 58.18
C ASN B 761 18.10 -27.86 57.71
N LYS B 762 17.56 -26.74 57.25
CA LYS B 762 16.21 -26.67 56.72
C LYS B 762 16.21 -25.89 55.41
N PRO B 763 15.31 -26.22 54.49
CA PRO B 763 15.23 -25.47 53.25
C PRO B 763 14.80 -24.03 53.50
N LEU B 764 15.27 -23.13 52.65
CA LEU B 764 14.96 -21.72 52.79
C LEU B 764 13.46 -21.48 52.58
N PRO B 765 12.89 -20.50 53.28
CA PRO B 765 11.45 -20.27 53.16
C PRO B 765 11.05 -19.80 51.78
N PHE B 766 9.81 -20.13 51.41
CA PHE B 766 9.23 -19.71 50.14
C PHE B 766 9.22 -18.19 50.04
N GLY B 767 9.55 -17.68 48.86
CA GLY B 767 9.51 -16.26 48.60
C GLY B 767 10.72 -15.48 49.05
N ALA B 768 11.74 -16.12 49.59
CA ALA B 768 12.94 -15.41 50.02
C ALA B 768 13.70 -14.87 48.81
N MET B 769 14.12 -13.61 48.91
CA MET B 769 14.90 -12.98 47.84
C MET B 769 16.35 -13.44 47.91
N VAL B 770 16.95 -13.63 46.74
CA VAL B 770 18.35 -14.03 46.62
C VAL B 770 19.01 -13.11 45.61
N THR B 771 20.18 -12.58 45.96
CA THR B 771 20.88 -11.64 45.09
C THR B 771 22.37 -11.99 45.05
N SER B 772 22.95 -12.00 43.86
CA SER B 772 24.37 -12.21 43.73
C SER B 772 25.11 -10.90 44.01
N GLU B 773 26.24 -11.01 44.71
CA GLU B 773 27.01 -9.82 45.07
C GLU B 773 27.86 -9.34 43.90
N SER B 774 28.68 -10.23 43.34
CA SER B 774 29.59 -9.84 42.27
C SER B 774 28.81 -9.45 41.00
N SER B 775 27.85 -10.28 40.61
CA SER B 775 27.01 -9.98 39.45
C SER B 775 25.75 -9.26 39.90
N GLN B 776 24.78 -9.11 38.99
CA GLN B 776 23.53 -8.44 39.29
C GLN B 776 22.33 -9.39 39.26
N SER B 777 22.58 -10.70 39.28
CA SER B 777 21.48 -11.66 39.18
C SER B 777 20.67 -11.70 40.48
N SER B 778 19.38 -11.97 40.32
CA SER B 778 18.45 -12.05 41.43
C SER B 778 17.46 -13.17 41.18
N GLY B 779 16.83 -13.62 42.27
CA GLY B 779 15.86 -14.70 42.17
C GLY B 779 15.02 -14.77 43.42
N ILE B 780 13.97 -15.59 43.34
CA ILE B 780 13.05 -15.83 44.45
C ILE B 780 13.02 -17.33 44.72
N VAL B 781 13.13 -17.69 46.00
CA VAL B 781 13.23 -19.10 46.37
C VAL B 781 11.88 -19.77 46.15
N ALA B 782 11.87 -20.85 45.37
CA ALA B 782 10.67 -21.62 45.09
C ALA B 782 10.56 -22.75 46.11
N ASP B 783 9.71 -23.74 45.84
CA ASP B 783 9.59 -24.89 46.72
C ASP B 783 10.90 -25.66 46.79
N ASN B 784 11.12 -26.35 47.92
CA ASN B 784 12.30 -27.14 48.18
C ASN B 784 13.57 -26.31 48.28
N GLY B 785 13.43 -25.00 48.53
CA GLY B 785 14.59 -24.14 48.71
C GLY B 785 15.47 -24.01 47.49
N GLN B 786 14.89 -24.07 46.29
CA GLN B 786 15.65 -23.99 45.05
C GLN B 786 15.49 -22.62 44.43
N VAL B 787 16.61 -21.98 44.12
CA VAL B 787 16.64 -20.64 43.54
C VAL B 787 17.41 -20.70 42.22
N TYR B 788 16.83 -20.11 41.18
CA TYR B 788 17.42 -20.12 39.85
C TYR B 788 18.05 -18.77 39.58
N LEU B 789 19.35 -18.77 39.26
CA LEU B 789 20.11 -17.55 39.01
C LEU B 789 20.77 -17.63 37.65
N SER B 790 20.61 -16.57 36.86
CA SER B 790 21.16 -16.49 35.52
C SER B 790 22.33 -15.51 35.48
N GLY B 791 23.30 -15.80 34.63
CA GLY B 791 24.46 -14.93 34.49
C GLY B 791 25.34 -14.87 35.72
N MET B 792 25.54 -16.01 36.38
CA MET B 792 26.36 -16.11 37.58
C MET B 792 27.83 -16.34 37.20
N PRO B 793 28.76 -15.89 38.05
CA PRO B 793 30.17 -16.19 37.81
C PRO B 793 30.49 -17.63 38.16
N LEU B 794 31.72 -18.03 37.85
CA LEU B 794 32.15 -19.39 38.13
C LEU B 794 32.15 -19.66 39.64
N ALA B 795 32.58 -18.69 40.43
CA ALA B 795 32.56 -18.80 41.88
C ALA B 795 32.34 -17.42 42.48
N GLY B 796 31.46 -17.34 43.47
CA GLY B 796 31.14 -16.06 44.08
C GLY B 796 30.38 -16.17 45.38
N LYS B 797 29.55 -15.18 45.67
CA LYS B 797 28.80 -15.12 46.92
C LYS B 797 27.34 -14.82 46.62
N VAL B 798 26.46 -15.31 47.50
CA VAL B 798 25.01 -15.15 47.36
C VAL B 798 24.46 -14.62 48.67
N GLN B 799 23.64 -13.57 48.59
CA GLN B 799 22.99 -12.97 49.76
C GLN B 799 21.52 -13.34 49.74
N VAL B 800 21.04 -13.92 50.84
CA VAL B 800 19.65 -14.35 50.97
C VAL B 800 18.98 -13.50 52.02
N LYS B 801 17.78 -12.99 51.70
CA LYS B 801 17.02 -12.16 52.61
C LYS B 801 15.56 -12.60 52.58
N TRP B 802 15.00 -12.93 53.75
CA TRP B 802 13.60 -13.29 53.84
C TRP B 802 12.84 -12.50 54.90
N GLY B 803 13.51 -11.63 55.64
CA GLY B 803 12.83 -10.84 56.66
C GLY B 803 13.81 -9.93 57.35
N GLU B 804 13.28 -9.13 58.26
CA GLU B 804 14.10 -8.20 59.04
C GLU B 804 14.86 -8.92 60.15
N ALA B 808 21.45 -8.56 55.53
CA ALA B 808 21.25 -9.92 55.04
C ALA B 808 21.14 -10.91 56.20
N HIS B 809 20.63 -12.10 55.91
CA HIS B 809 20.48 -13.16 56.90
C HIS B 809 21.29 -14.41 56.61
N CYS B 810 21.73 -14.61 55.37
CA CYS B 810 22.51 -15.78 55.00
C CYS B 810 23.54 -15.41 53.94
N VAL B 811 24.66 -16.12 53.95
CA VAL B 811 25.70 -15.98 52.94
C VAL B 811 25.98 -17.37 52.37
N ALA B 812 25.98 -17.47 51.05
CA ALA B 812 26.19 -18.74 50.36
C ALA B 812 27.40 -18.61 49.44
N ASN B 813 28.28 -19.61 49.49
CA ASN B 813 29.46 -19.66 48.64
C ASN B 813 29.43 -20.94 47.82
N TYR B 814 29.89 -20.83 46.58
CA TYR B 814 29.88 -21.97 45.67
C TYR B 814 31.14 -21.93 44.81
N GLN B 815 31.52 -23.09 44.27
CA GLN B 815 32.69 -23.19 43.40
C GLN B 815 32.41 -24.29 42.40
N LEU B 816 31.93 -23.92 41.22
CA LEU B 816 31.66 -24.87 40.16
C LEU B 816 32.96 -25.33 39.52
N PRO B 817 32.97 -26.52 38.93
CA PRO B 817 34.14 -26.95 38.16
C PRO B 817 34.34 -26.05 36.95
N PRO B 818 35.57 -25.88 36.49
CA PRO B 818 35.81 -25.00 35.32
C PRO B 818 35.13 -25.47 34.04
N GLU B 819 34.75 -26.74 33.95
CA GLU B 819 34.09 -27.27 32.76
C GLU B 819 32.58 -27.31 32.90
N SER B 820 32.00 -26.49 33.77
CA SER B 820 30.56 -26.47 33.99
C SER B 820 29.84 -25.48 33.10
N GLN B 821 30.56 -24.73 32.27
CA GLN B 821 29.90 -23.76 31.38
C GLN B 821 29.20 -24.46 30.22
N GLN B 822 29.69 -25.64 29.82
CA GLN B 822 29.14 -26.32 28.66
C GLN B 822 27.67 -26.68 28.85
N GLN B 823 27.31 -27.16 30.03
CA GLN B 823 25.92 -27.52 30.30
C GLN B 823 25.03 -26.29 30.29
N LEU B 824 23.81 -26.45 29.75
CA LEU B 824 22.88 -25.33 29.70
C LEU B 824 22.47 -24.89 31.10
N LEU B 825 22.20 -25.84 31.98
CA LEU B 825 21.79 -25.53 33.35
C LEU B 825 22.54 -26.45 34.31
N THR B 826 22.95 -25.89 35.44
CA THR B 826 23.71 -26.63 36.44
C THR B 826 22.99 -26.56 37.79
N GLN B 827 23.17 -27.61 38.59
CA GLN B 827 22.54 -27.72 39.89
C GLN B 827 23.61 -27.95 40.96
N LEU B 828 23.40 -27.37 42.13
CA LEU B 828 24.37 -27.46 43.21
C LEU B 828 23.65 -27.28 44.54
N SER B 829 24.42 -27.34 45.63
CA SER B 829 23.90 -27.16 46.97
C SER B 829 24.80 -26.18 47.73
N ALA B 830 24.22 -25.49 48.70
CA ALA B 830 24.94 -24.47 49.45
C ALA B 830 24.56 -24.59 50.93
N GLU B 831 24.97 -23.60 51.70
CA GLU B 831 24.73 -23.56 53.13
C GLU B 831 24.53 -22.10 53.53
N CYS B 832 24.56 -21.81 54.83
CA CYS B 832 24.37 -20.47 55.34
C CYS B 832 25.33 -20.25 56.51
N ARG B 833 25.08 -19.18 57.27
CA ARG B 833 25.90 -18.85 58.42
C ARG B 833 25.85 -19.95 59.49
N ALA C 1 -0.18 -10.95 -11.53
CA ALA C 1 0.21 -10.43 -12.83
C ALA C 1 1.63 -9.88 -12.79
N ASP C 2 1.75 -8.55 -12.84
CA ASP C 2 3.06 -7.92 -12.80
C ASP C 2 3.76 -8.16 -11.47
N SER C 3 3.02 -8.05 -10.37
CA SER C 3 3.58 -8.34 -9.05
C SER C 3 2.57 -9.16 -8.26
N THR C 4 3.07 -9.85 -7.24
CA THR C 4 2.22 -10.63 -6.35
C THR C 4 2.61 -10.33 -4.90
N ILE C 5 1.62 -10.41 -4.02
CA ILE C 5 1.80 -10.33 -2.58
C ILE C 5 1.27 -11.61 -1.98
N THR C 6 2.15 -12.41 -1.38
CA THR C 6 1.81 -13.69 -0.79
C THR C 6 1.81 -13.52 0.73
N ILE C 7 0.63 -13.59 1.33
CA ILE C 7 0.46 -13.41 2.77
C ILE C 7 0.32 -14.78 3.41
N ARG C 8 1.24 -15.10 4.31
CA ARG C 8 1.26 -16.37 5.02
C ARG C 8 1.21 -16.11 6.52
N GLY C 9 0.71 -17.10 7.25
CA GLY C 9 0.65 -16.98 8.70
C GLY C 9 -0.01 -18.18 9.33
N TYR C 10 -0.20 -18.09 10.65
CA TYR C 10 -0.83 -19.16 11.39
C TYR C 10 -1.55 -18.58 12.60
N VAL C 11 -2.76 -19.07 12.88
CA VAL C 11 -3.54 -18.67 14.04
C VAL C 11 -3.56 -19.84 15.00
N ARG C 12 -3.03 -19.63 16.19
CA ARG C 12 -2.91 -20.66 17.21
C ARG C 12 -4.06 -20.57 18.22
N ASP C 13 -4.20 -21.64 19.00
CA ASP C 13 -5.18 -21.69 20.07
C ASP C 13 -4.47 -21.54 21.42
N ASN C 14 -5.22 -21.07 22.41
CA ASN C 14 -4.65 -20.72 23.70
C ASN C 14 -5.50 -21.30 24.82
N GLY C 15 -5.10 -21.01 26.05
CA GLY C 15 -5.83 -21.42 27.23
C GLY C 15 -6.94 -20.44 27.56
N CYS C 16 -7.39 -20.49 28.80
CA CYS C 16 -8.46 -19.64 29.29
C CYS C 16 -7.89 -18.67 30.33
N SER C 17 -8.11 -17.37 30.11
CA SER C 17 -7.74 -16.38 31.11
C SER C 17 -8.67 -16.54 32.31
N VAL C 18 -8.12 -17.06 33.40
CA VAL C 18 -8.90 -17.39 34.58
C VAL C 18 -8.69 -16.30 35.63
N ALA C 19 -9.79 -15.68 36.07
CA ALA C 19 -9.77 -14.68 37.11
C ALA C 19 -10.58 -15.19 38.29
N ALA C 20 -9.95 -15.24 39.46
CA ALA C 20 -10.62 -15.63 40.69
C ALA C 20 -10.87 -14.41 41.57
N GLU C 21 -11.79 -14.57 42.51
CA GLU C 21 -12.18 -13.49 43.41
C GLU C 21 -12.01 -13.95 44.85
N SER C 22 -11.36 -13.12 45.66
CA SER C 22 -11.21 -13.43 47.07
C SER C 22 -12.54 -13.31 47.79
N THR C 23 -12.70 -14.08 48.86
CA THR C 23 -13.94 -14.15 49.61
C THR C 23 -13.73 -13.53 50.99
N ASN C 24 -14.55 -12.54 51.34
CA ASN C 24 -14.44 -11.87 52.63
C ASN C 24 -15.38 -12.52 53.64
N PHE C 25 -14.94 -12.53 54.90
CA PHE C 25 -15.74 -13.08 55.98
C PHE C 25 -15.97 -12.03 57.06
N ASN C 39 -23.79 -25.75 68.66
CA ASN C 39 -23.68 -27.20 68.51
C ASN C 39 -22.65 -27.56 67.45
N ILE C 40 -22.25 -28.84 67.44
CA ILE C 40 -21.26 -29.30 66.47
C ILE C 40 -21.83 -29.23 65.06
N GLY C 41 -20.93 -29.11 64.09
CA GLY C 41 -21.34 -28.99 62.70
C GLY C 41 -22.08 -27.70 62.40
N ALA C 42 -21.70 -26.60 63.05
CA ALA C 42 -22.37 -25.33 62.85
C ALA C 42 -21.89 -24.71 61.54
N THR C 43 -22.84 -24.28 60.70
CA THR C 43 -22.55 -23.73 59.39
C THR C 43 -22.96 -22.27 59.34
N THR C 44 -22.02 -21.40 58.98
CA THR C 44 -22.29 -19.99 58.79
C THR C 44 -22.98 -19.76 57.44
N PRO C 45 -23.64 -18.61 57.25
CA PRO C 45 -24.23 -18.32 55.95
C PRO C 45 -23.18 -18.32 54.85
N VAL C 46 -23.57 -18.81 53.68
CA VAL C 46 -22.64 -19.00 52.56
C VAL C 46 -22.33 -17.66 51.93
N VAL C 47 -21.07 -17.46 51.58
CA VAL C 47 -20.61 -16.29 50.84
C VAL C 47 -20.25 -16.74 49.44
N PRO C 48 -20.81 -16.12 48.39
CA PRO C 48 -20.55 -16.59 47.03
C PRO C 48 -19.34 -15.92 46.40
N PHE C 49 -18.59 -16.71 45.62
CA PHE C 49 -17.51 -16.20 44.79
C PHE C 49 -17.59 -16.88 43.43
N ARG C 50 -16.87 -16.32 42.46
CA ARG C 50 -16.96 -16.79 41.09
C ARG C 50 -15.58 -16.88 40.47
N ILE C 51 -15.46 -17.78 39.50
CA ILE C 51 -14.27 -17.92 38.67
C ILE C 51 -14.67 -17.60 37.24
N LEU C 52 -14.03 -16.59 36.66
CA LEU C 52 -14.38 -16.12 35.33
C LEU C 52 -13.31 -16.58 34.34
N LEU C 53 -13.71 -17.40 33.37
CA LEU C 53 -12.85 -17.84 32.29
C LEU C 53 -13.19 -17.00 31.07
N SER C 54 -12.36 -16.00 30.78
CA SER C 54 -12.59 -15.10 29.67
C SER C 54 -11.33 -14.31 29.35
N PRO C 55 -10.89 -14.29 28.09
CA PRO C 55 -11.45 -14.99 26.92
C PRO C 55 -11.01 -16.45 26.86
N CYS C 56 -11.82 -17.32 26.28
CA CYS C 56 -11.50 -18.73 26.14
C CYS C 56 -11.40 -19.08 24.66
N GLY C 57 -10.31 -19.75 24.28
CA GLY C 57 -10.10 -20.10 22.89
C GLY C 57 -11.20 -21.00 22.35
N ASN C 58 -11.30 -21.01 21.02
CA ASN C 58 -12.37 -21.77 20.37
C ASN C 58 -12.23 -23.27 20.61
N ALA C 59 -11.01 -23.79 20.59
CA ALA C 59 -10.80 -25.23 20.76
C ALA C 59 -10.96 -25.69 22.19
N VAL C 60 -11.08 -24.78 23.16
CA VAL C 60 -11.27 -25.14 24.56
C VAL C 60 -12.71 -25.58 24.71
N SER C 61 -12.95 -26.89 24.71
CA SER C 61 -14.29 -27.46 24.81
C SER C 61 -14.63 -27.93 26.22
N ALA C 62 -13.73 -28.67 26.86
CA ALA C 62 -13.97 -29.15 28.21
C ALA C 62 -12.70 -28.99 29.03
N VAL C 63 -12.88 -28.72 30.33
CA VAL C 63 -11.77 -28.57 31.26
C VAL C 63 -12.11 -29.31 32.54
N LYS C 64 -11.07 -29.66 33.29
CA LYS C 64 -11.23 -30.31 34.59
C LYS C 64 -10.96 -29.29 35.69
N VAL C 65 -11.90 -29.16 36.62
CA VAL C 65 -11.79 -28.20 37.71
C VAL C 65 -11.67 -28.96 39.02
N GLY C 66 -10.69 -28.59 39.84
CA GLY C 66 -10.50 -29.22 41.13
C GLY C 66 -10.04 -28.21 42.16
N PHE C 67 -10.16 -28.59 43.42
CA PHE C 67 -9.76 -27.76 44.53
C PHE C 67 -8.73 -28.47 45.39
N THR C 68 -7.72 -27.74 45.84
CA THR C 68 -6.62 -28.28 46.61
C THR C 68 -6.33 -27.38 47.80
N GLY C 69 -5.93 -28.00 48.90
CA GLY C 69 -5.60 -27.25 50.10
C GLY C 69 -5.19 -28.19 51.21
N VAL C 70 -4.93 -27.60 52.37
CA VAL C 70 -4.54 -28.37 53.55
C VAL C 70 -5.80 -28.94 54.18
N ALA C 71 -5.88 -30.27 54.25
CA ALA C 71 -7.04 -30.92 54.85
C ALA C 71 -7.06 -30.66 56.36
N ASP C 72 -8.26 -30.50 56.91
CA ASP C 72 -8.40 -30.25 58.32
C ASP C 72 -8.08 -31.51 59.14
N SER C 73 -7.65 -31.29 60.38
CA SER C 73 -7.36 -32.41 61.27
C SER C 73 -8.62 -33.20 61.60
N HIS C 74 -9.75 -32.50 61.79
CA HIS C 74 -10.99 -33.18 62.13
C HIS C 74 -11.46 -34.08 60.99
N ASN C 75 -11.37 -33.59 59.75
CA ASN C 75 -11.81 -34.36 58.59
C ASN C 75 -11.04 -33.88 57.36
N ALA C 76 -10.84 -34.80 56.42
CA ALA C 76 -10.09 -34.50 55.21
C ALA C 76 -10.91 -33.75 54.17
N ASN C 77 -12.21 -33.63 54.35
CA ASN C 77 -13.08 -32.94 53.41
C ASN C 77 -13.24 -31.46 53.71
N LEU C 78 -12.55 -30.95 54.73
CA LEU C 78 -12.65 -29.55 55.12
C LEU C 78 -11.30 -28.87 54.91
N LEU C 79 -11.32 -27.71 54.27
CA LEU C 79 -10.11 -26.94 54.03
C LEU C 79 -9.66 -26.28 55.34
N ALA C 80 -8.48 -26.67 55.83
CA ALA C 80 -8.01 -26.16 57.11
C ALA C 80 -7.57 -24.70 56.99
N LEU C 81 -7.63 -23.99 58.11
CA LEU C 81 -7.22 -22.61 58.16
C LEU C 81 -5.69 -22.51 58.24
N GLU C 82 -5.19 -21.29 58.04
CA GLU C 82 -3.76 -21.05 58.16
C GLU C 82 -3.32 -21.14 59.62
N ASN C 83 -2.02 -21.37 59.80
CA ASN C 83 -1.44 -21.50 61.14
C ASN C 83 -1.25 -20.12 61.77
N THR C 84 -2.36 -19.40 61.91
CA THR C 84 -2.36 -18.06 62.48
C THR C 84 -2.15 -18.15 64.00
N VAL C 85 -1.43 -17.15 64.53
CA VAL C 85 -1.22 -17.09 65.97
C VAL C 85 -2.55 -16.94 66.70
N SER C 86 -3.54 -16.33 66.06
CA SER C 86 -4.89 -16.20 66.60
C SER C 86 -5.83 -16.88 65.61
N ALA C 87 -6.01 -18.19 65.76
CA ALA C 87 -6.84 -18.98 64.87
C ALA C 87 -7.82 -19.81 65.68
N ALA C 88 -9.06 -19.88 65.21
CA ALA C 88 -10.08 -20.65 65.91
C ALA C 88 -9.83 -22.14 65.78
N SER C 89 -10.05 -22.87 66.87
CA SER C 89 -9.87 -24.31 66.87
C SER C 89 -11.12 -24.99 66.34
N GLY C 90 -10.91 -26.00 65.50
CA GLY C 90 -12.03 -26.73 64.91
C GLY C 90 -12.90 -25.90 64.00
N LEU C 91 -12.31 -24.96 63.27
CA LEU C 91 -13.04 -24.12 62.32
C LEU C 91 -12.42 -24.30 60.95
N GLY C 92 -13.23 -24.76 59.99
CA GLY C 92 -12.77 -24.93 58.62
C GLY C 92 -13.68 -24.18 57.66
N ILE C 93 -13.29 -24.23 56.39
CA ILE C 93 -14.04 -23.58 55.31
C ILE C 93 -14.51 -24.66 54.35
N GLN C 94 -15.84 -24.80 54.23
CA GLN C 94 -16.44 -25.78 53.35
C GLN C 94 -16.85 -25.08 52.06
N LEU C 95 -16.51 -25.70 50.94
CA LEU C 95 -16.79 -25.15 49.61
C LEU C 95 -17.94 -25.92 48.97
N LEU C 96 -18.93 -25.17 48.50
CA LEU C 96 -20.12 -25.72 47.86
C LEU C 96 -20.14 -25.33 46.40
N ASN C 97 -20.56 -26.24 45.53
CA ASN C 97 -20.60 -25.96 44.10
C ASN C 97 -21.83 -25.14 43.78
N GLU C 98 -22.12 -24.98 42.48
CA GLU C 98 -23.27 -24.19 42.06
C GLU C 98 -24.59 -24.85 42.48
N GLN C 99 -24.58 -26.16 42.68
CA GLN C 99 -25.77 -26.90 43.10
C GLN C 99 -25.81 -27.14 44.61
N GLN C 100 -24.92 -26.48 45.36
CA GLN C 100 -24.85 -26.62 46.82
C GLN C 100 -24.54 -28.07 47.21
N ASN C 101 -23.41 -28.56 46.73
CA ASN C 101 -22.89 -29.87 47.09
C ASN C 101 -21.42 -29.75 47.42
N GLN C 102 -20.96 -30.57 48.37
CA GLN C 102 -19.59 -30.48 48.83
C GLN C 102 -18.62 -30.85 47.73
N ILE C 103 -17.59 -30.02 47.54
CA ILE C 103 -16.56 -30.27 46.54
C ILE C 103 -15.47 -31.12 47.19
N PRO C 104 -15.14 -32.29 46.63
CA PRO C 104 -14.11 -33.14 47.25
C PRO C 104 -12.74 -32.48 47.24
N LEU C 105 -12.22 -32.15 48.42
CA LEU C 105 -10.91 -31.53 48.53
C LEU C 105 -9.82 -32.53 48.18
N ASN C 106 -8.80 -32.05 47.47
CA ASN C 106 -7.67 -32.88 47.06
C ASN C 106 -8.14 -34.10 46.25
N ALA C 107 -9.16 -33.89 45.43
CA ALA C 107 -9.68 -34.99 44.62
C ALA C 107 -8.71 -35.31 43.49
N PRO C 108 -8.49 -36.58 43.19
CA PRO C 108 -7.61 -36.95 42.09
C PRO C 108 -8.27 -36.70 40.73
N SER C 109 -7.44 -36.79 39.69
CA SER C 109 -7.95 -36.59 38.33
C SER C 109 -8.98 -37.64 37.95
N SER C 110 -8.84 -38.86 38.50
CA SER C 110 -9.85 -39.88 38.24
C SER C 110 -11.20 -39.49 38.83
N ALA C 111 -11.20 -38.92 40.04
CA ALA C 111 -12.45 -38.50 40.65
C ALA C 111 -13.02 -37.27 39.97
N LEU C 112 -12.17 -36.36 39.50
CA LEU C 112 -12.65 -35.15 38.85
C LEU C 112 -13.34 -35.47 37.53
N SER C 113 -14.23 -34.58 37.11
CA SER C 113 -15.02 -34.76 35.90
C SER C 113 -14.87 -33.56 34.99
N TRP C 114 -15.13 -33.78 33.71
CA TRP C 114 -14.98 -32.74 32.69
C TRP C 114 -16.20 -31.83 32.69
N THR C 115 -15.97 -30.53 32.75
CA THR C 115 -17.02 -29.53 32.62
C THR C 115 -16.84 -28.80 31.29
N THR C 116 -17.94 -28.64 30.56
CA THR C 116 -17.90 -28.05 29.24
C THR C 116 -17.96 -26.53 29.32
N LEU C 117 -17.35 -25.88 28.33
CA LEU C 117 -17.37 -24.43 28.20
C LEU C 117 -17.79 -24.06 26.79
N THR C 118 -18.61 -23.02 26.67
CA THR C 118 -19.02 -22.53 25.36
C THR C 118 -17.92 -21.64 24.78
N PRO C 119 -17.43 -21.92 23.58
CA PRO C 119 -16.37 -21.08 23.01
C PRO C 119 -16.87 -19.68 22.71
N GLY C 120 -15.96 -18.72 22.80
CA GLY C 120 -16.29 -17.33 22.53
C GLY C 120 -16.81 -16.59 23.74
N LYS C 121 -18.02 -16.92 24.18
CA LYS C 121 -18.62 -16.22 25.30
C LYS C 121 -17.86 -16.52 26.60
N PRO C 122 -17.78 -15.54 27.51
CA PRO C 122 -17.13 -15.79 28.80
C PRO C 122 -17.88 -16.86 29.58
N ASN C 123 -17.12 -17.65 30.33
CA ASN C 123 -17.67 -18.70 31.16
C ASN C 123 -17.52 -18.33 32.63
N THR C 124 -18.49 -18.75 33.44
CA THR C 124 -18.48 -18.45 34.86
C THR C 124 -18.73 -19.73 35.66
N LEU C 125 -17.96 -19.89 36.73
CA LEU C 125 -18.14 -21.00 37.66
C LEU C 125 -18.37 -20.41 39.04
N ASN C 126 -19.60 -20.53 39.55
CA ASN C 126 -19.99 -19.90 40.80
C ASN C 126 -19.96 -20.93 41.93
N PHE C 127 -19.24 -20.61 43.00
CA PHE C 127 -19.15 -21.46 44.17
C PHE C 127 -19.50 -20.65 45.41
N TYR C 128 -19.70 -21.35 46.52
CA TYR C 128 -19.98 -20.72 47.81
C TYR C 128 -18.98 -21.24 48.84
N ALA C 129 -18.70 -20.42 49.84
CA ALA C 129 -17.84 -20.81 50.95
C ALA C 129 -18.56 -20.53 52.26
N ARG C 130 -18.47 -21.47 53.20
CA ARG C 130 -19.11 -21.27 54.49
C ARG C 130 -18.23 -21.82 55.61
N LEU C 131 -18.19 -21.10 56.72
CA LEU C 131 -17.41 -21.53 57.87
C LEU C 131 -18.14 -22.65 58.61
N MET C 132 -17.44 -23.75 58.84
CA MET C 132 -17.97 -24.90 59.56
C MET C 132 -17.20 -25.06 60.86
N ALA C 133 -17.93 -25.07 61.97
CA ALA C 133 -17.36 -25.23 63.31
C ALA C 133 -17.73 -26.63 63.81
N THR C 134 -16.73 -27.40 64.19
CA THR C 134 -16.92 -28.76 64.67
C THR C 134 -16.40 -29.01 66.07
N GLN C 135 -15.41 -28.26 66.54
CA GLN C 135 -14.87 -28.42 67.88
C GLN C 135 -15.53 -27.45 68.86
N VAL C 136 -16.84 -27.56 68.97
CA VAL C 136 -17.60 -26.71 69.89
C VAL C 136 -17.21 -27.05 71.32
N PRO C 137 -16.90 -26.05 72.17
CA PRO C 137 -16.91 -24.61 71.91
C PRO C 137 -15.72 -24.14 71.07
N VAL C 138 -15.99 -23.57 69.90
CA VAL C 138 -14.92 -23.09 69.02
C VAL C 138 -14.46 -21.72 69.50
N THR C 139 -13.15 -21.56 69.67
CA THR C 139 -12.59 -20.31 70.15
C THR C 139 -12.71 -19.22 69.08
N ALA C 140 -12.26 -18.02 69.43
CA ALA C 140 -12.30 -16.88 68.52
C ALA C 140 -10.90 -16.63 67.97
N GLY C 141 -10.79 -16.59 66.64
CA GLY C 141 -9.51 -16.37 66.00
C GLY C 141 -9.70 -15.87 64.58
N HIS C 142 -8.63 -15.29 64.04
CA HIS C 142 -8.65 -14.77 62.68
C HIS C 142 -8.77 -15.92 61.69
N ILE C 143 -9.58 -15.72 60.65
CA ILE C 143 -9.84 -16.72 59.64
C ILE C 143 -9.09 -16.34 58.37
N ASN C 144 -8.19 -17.21 57.93
CA ASN C 144 -7.43 -17.00 56.71
C ASN C 144 -7.20 -18.34 56.03
N ALA C 145 -7.31 -18.36 54.71
CA ALA C 145 -7.12 -19.57 53.94
C ALA C 145 -6.68 -19.23 52.52
N THR C 146 -5.79 -20.06 51.98
CA THR C 146 -5.30 -19.90 50.61
C THR C 146 -5.44 -21.24 49.91
N ALA C 147 -6.48 -21.38 49.09
CA ALA C 147 -6.74 -22.62 48.38
C ALA C 147 -6.23 -22.53 46.95
N THR C 148 -6.21 -23.67 46.27
CA THR C 148 -5.69 -23.77 44.91
C THR C 148 -6.80 -24.28 44.00
N PHE C 149 -7.03 -23.58 42.91
CA PHE C 149 -8.01 -23.95 41.90
C PHE C 149 -7.27 -24.51 40.70
N THR C 150 -7.36 -25.82 40.50
CA THR C 150 -6.62 -26.52 39.45
C THR C 150 -7.51 -26.66 38.23
N LEU C 151 -7.04 -26.15 37.09
CA LEU C 151 -7.76 -26.20 35.82
C LEU C 151 -6.90 -26.97 34.83
N GLU C 152 -7.30 -28.20 34.51
CA GLU C 152 -6.59 -29.06 33.60
C GLU C 152 -7.24 -28.99 32.22
N TYR C 153 -6.43 -28.79 31.19
CA TYR C 153 -6.94 -28.64 29.83
C TYR C 153 -6.99 -29.98 29.12
N GLN C 154 -8.07 -30.20 28.38
CA GLN C 154 -8.26 -31.42 27.60
C GLN C 154 -7.17 -31.56 26.53
N ALA D 1 10.65 32.81 -41.26
CA ALA D 1 10.15 33.89 -42.10
C ALA D 1 10.13 33.49 -43.57
N ASP D 2 11.33 33.26 -44.14
CA ASP D 2 11.41 32.86 -45.54
C ASP D 2 10.77 31.49 -45.76
N VAL D 3 11.08 30.53 -44.90
CA VAL D 3 10.47 29.21 -44.94
C VAL D 3 10.09 28.82 -43.52
N THR D 4 8.93 28.18 -43.35
CA THR D 4 8.46 27.77 -42.04
C THR D 4 8.44 26.26 -41.92
N ILE D 5 8.82 25.76 -40.75
CA ILE D 5 8.86 24.34 -40.44
C ILE D 5 7.96 24.10 -39.24
N THR D 6 7.00 23.20 -39.39
CA THR D 6 6.13 22.79 -38.31
C THR D 6 6.53 21.38 -37.90
N VAL D 7 7.13 21.25 -36.73
CA VAL D 7 7.63 19.98 -36.24
C VAL D 7 6.64 19.48 -35.19
N ASN D 8 5.94 18.40 -35.52
CA ASN D 8 4.98 17.76 -34.64
C ASN D 8 5.57 16.49 -34.05
N GLY D 9 4.96 16.03 -32.97
CA GLY D 9 5.39 14.81 -32.34
C GLY D 9 4.63 14.59 -31.05
N LYS D 10 5.01 13.55 -30.33
CA LYS D 10 4.37 13.28 -29.06
C LYS D 10 5.30 12.50 -28.16
N VAL D 11 5.13 12.70 -26.85
CA VAL D 11 5.81 11.91 -25.83
C VAL D 11 4.78 10.96 -25.23
N VAL D 12 5.10 9.67 -25.22
CA VAL D 12 4.20 8.64 -24.73
C VAL D 12 4.87 7.91 -23.57
N ALA D 13 4.05 7.36 -22.69
CA ALA D 13 4.52 6.72 -21.48
C ALA D 13 4.83 5.25 -21.76
N LYS D 14 6.06 4.84 -21.49
CA LYS D 14 6.49 3.48 -21.71
C LYS D 14 6.62 2.73 -20.39
N PRO D 15 6.45 1.41 -20.40
CA PRO D 15 6.52 0.64 -19.16
C PRO D 15 7.88 0.73 -18.48
N CYS D 16 7.85 0.70 -17.16
CA CYS D 16 9.07 0.60 -16.35
C CYS D 16 9.38 -0.87 -16.10
N THR D 17 10.34 -1.14 -15.23
CA THR D 17 10.67 -2.49 -14.81
C THR D 17 10.32 -2.66 -13.34
N VAL D 18 9.75 -3.81 -13.00
CA VAL D 18 9.27 -4.09 -11.65
C VAL D 18 10.40 -4.73 -10.86
N SER D 19 10.72 -4.15 -9.70
CA SER D 19 11.81 -4.67 -8.89
C SER D 19 11.34 -5.77 -7.95
N THR D 20 10.18 -5.60 -7.32
CA THR D 20 9.59 -6.59 -6.43
C THR D 20 8.45 -7.28 -7.16
N THR D 21 8.69 -8.51 -7.60
CA THR D 21 7.71 -9.27 -8.36
C THR D 21 6.93 -10.27 -7.52
N ASN D 22 7.51 -10.78 -6.43
CA ASN D 22 6.88 -11.83 -5.63
C ASN D 22 6.98 -11.50 -4.14
N ALA D 23 6.55 -10.30 -3.77
CA ALA D 23 6.67 -9.86 -2.39
C ALA D 23 5.83 -10.76 -1.47
N THR D 24 6.32 -10.95 -0.25
CA THR D 24 5.66 -11.81 0.71
C THR D 24 5.55 -11.11 2.06
N VAL D 25 4.49 -11.44 2.79
CA VAL D 25 4.25 -10.92 4.13
C VAL D 25 3.95 -12.10 5.05
N ASP D 26 4.81 -12.31 6.03
CA ASP D 26 4.66 -13.40 6.99
C ASP D 26 4.16 -12.82 8.31
N LEU D 27 2.85 -12.96 8.55
CA LEU D 27 2.24 -12.46 9.76
C LEU D 27 2.72 -13.17 11.02
N GLY D 28 3.39 -14.30 10.88
CA GLY D 28 3.83 -15.06 12.03
C GLY D 28 2.71 -15.86 12.64
N ASP D 29 2.92 -16.28 13.88
CA ASP D 29 1.94 -17.05 14.63
C ASP D 29 1.03 -16.10 15.39
N LEU D 30 -0.23 -16.06 15.02
CA LEU D 30 -1.22 -15.25 15.71
C LEU D 30 -1.95 -16.08 16.76
N TYR D 31 -2.53 -15.40 17.73
CA TYR D 31 -3.21 -16.04 18.85
C TYR D 31 -4.70 -15.75 18.79
N SER D 32 -5.50 -16.78 19.03
CA SER D 32 -6.95 -16.68 18.84
C SER D 32 -7.65 -15.88 19.92
N PHE D 33 -7.01 -15.66 21.07
CA PHE D 33 -7.65 -14.83 22.09
C PHE D 33 -7.64 -13.35 21.71
N SER D 34 -6.69 -12.93 20.87
CA SER D 34 -6.63 -11.55 20.40
C SER D 34 -7.49 -11.31 19.16
N LEU D 35 -7.95 -12.37 18.51
CA LEU D 35 -8.79 -12.27 17.32
C LEU D 35 -10.17 -12.87 17.57
N MET D 36 -10.73 -12.60 18.74
CA MET D 36 -12.01 -13.19 19.13
C MET D 36 -13.18 -12.25 18.89
N SER D 37 -13.07 -11.01 19.34
CA SER D 37 -14.16 -10.05 19.18
C SER D 37 -14.32 -9.66 17.72
N ALA D 38 -15.52 -9.21 17.37
CA ALA D 38 -15.80 -8.78 16.02
C ALA D 38 -15.05 -7.49 15.72
N GLY D 39 -14.36 -7.46 14.58
CA GLY D 39 -13.55 -6.33 14.20
C GLY D 39 -12.12 -6.37 14.71
N ALA D 40 -11.77 -7.34 15.55
CA ALA D 40 -10.41 -7.44 16.04
C ALA D 40 -9.45 -7.78 14.92
N ALA D 41 -8.24 -7.24 14.99
CA ALA D 41 -7.29 -7.37 13.90
C ALA D 41 -5.89 -7.62 14.46
N SER D 42 -5.02 -8.10 13.58
CA SER D 42 -3.62 -8.33 13.92
C SER D 42 -2.84 -7.03 13.78
N ALA D 43 -1.51 -7.11 13.89
CA ALA D 43 -0.67 -5.94 13.75
C ALA D 43 -0.32 -5.70 12.29
N TRP D 44 -0.19 -4.42 11.93
CA TRP D 44 0.12 -4.06 10.56
C TRP D 44 1.51 -4.54 10.16
N HIS D 45 1.62 -5.08 8.96
CA HIS D 45 2.89 -5.50 8.39
C HIS D 45 3.09 -4.76 7.08
N ASP D 46 4.23 -4.10 6.94
CA ASP D 46 4.49 -3.25 5.78
C ASP D 46 5.05 -4.05 4.62
N VAL D 47 4.55 -3.76 3.43
CA VAL D 47 5.08 -4.33 2.19
C VAL D 47 5.23 -3.18 1.20
N ALA D 48 6.36 -3.14 0.50
CA ALA D 48 6.67 -2.05 -0.42
C ALA D 48 6.91 -2.61 -1.81
N LEU D 49 6.30 -1.98 -2.82
CA LEU D 49 6.48 -2.35 -4.21
C LEU D 49 7.19 -1.20 -4.90
N GLU D 50 8.41 -1.44 -5.39
CA GLU D 50 9.20 -0.42 -6.05
C GLU D 50 9.42 -0.79 -7.50
N LEU D 51 9.41 0.22 -8.36
CA LEU D 51 9.71 0.09 -9.78
C LEU D 51 10.91 0.95 -10.11
N THR D 52 11.72 0.50 -11.07
CA THR D 52 12.95 1.19 -11.44
C THR D 52 13.00 1.34 -12.96
N ASN D 53 13.95 2.16 -13.41
CA ASN D 53 14.20 2.38 -14.82
C ASN D 53 12.94 2.83 -15.56
N CYS D 54 12.22 3.77 -14.96
CA CYS D 54 11.05 4.32 -15.63
C CYS D 54 11.49 5.22 -16.77
N PRO D 55 11.11 4.94 -18.01
CA PRO D 55 11.56 5.78 -19.12
C PRO D 55 10.98 7.19 -19.03
N VAL D 56 11.74 8.15 -19.57
CA VAL D 56 11.25 9.52 -19.61
C VAL D 56 10.00 9.59 -20.48
N GLY D 57 8.96 10.24 -19.94
CA GLY D 57 7.63 10.22 -20.53
C GLY D 57 6.61 9.53 -19.64
N THR D 58 7.06 8.64 -18.76
CA THR D 58 6.20 7.99 -17.78
C THR D 58 6.32 8.78 -16.48
N SER D 59 5.29 9.56 -16.17
CA SER D 59 5.30 10.39 -14.96
C SER D 59 4.46 9.81 -13.83
N ARG D 60 3.48 8.95 -14.13
CA ARG D 60 2.64 8.36 -13.11
C ARG D 60 2.49 6.87 -13.36
N VAL D 61 2.36 6.11 -12.27
CA VAL D 61 2.13 4.67 -12.34
C VAL D 61 0.90 4.35 -11.49
N THR D 62 -0.01 3.56 -12.04
CA THR D 62 -1.24 3.18 -11.37
C THR D 62 -1.23 1.67 -11.16
N ALA D 63 -1.29 1.24 -9.91
CA ALA D 63 -1.30 -0.17 -9.56
C ALA D 63 -2.72 -0.60 -9.22
N SER D 64 -3.18 -1.65 -9.89
CA SER D 64 -4.50 -2.23 -9.66
C SER D 64 -4.34 -3.57 -8.96
N PHE D 65 -5.07 -3.73 -7.86
CA PHE D 65 -4.99 -4.93 -7.03
C PHE D 65 -6.16 -5.85 -7.33
N SER D 66 -5.91 -7.16 -7.23
CA SER D 66 -6.94 -8.15 -7.53
C SER D 66 -6.72 -9.38 -6.69
N GLY D 67 -7.79 -9.92 -6.13
CA GLY D 67 -7.68 -11.13 -5.33
C GLY D 67 -9.06 -11.68 -5.02
N ALA D 68 -9.07 -12.92 -4.56
CA ALA D 68 -10.32 -13.58 -4.20
C ALA D 68 -10.84 -12.97 -2.90
N ALA D 69 -11.95 -12.25 -2.99
CA ALA D 69 -12.55 -11.59 -1.84
C ALA D 69 -13.84 -12.30 -1.46
N ASP D 70 -14.01 -12.58 -0.17
CA ASP D 70 -15.19 -13.27 0.30
C ASP D 70 -16.35 -12.29 0.44
N SER D 71 -17.42 -12.71 1.11
CA SER D 71 -18.62 -11.89 1.22
C SER D 71 -18.37 -10.61 2.02
N THR D 72 -17.29 -10.54 2.79
CA THR D 72 -17.01 -9.35 3.56
C THR D 72 -16.32 -8.26 2.75
N GLY D 73 -15.77 -8.60 1.59
CA GLY D 73 -15.08 -7.66 0.74
C GLY D 73 -13.57 -7.69 0.87
N TYR D 74 -13.05 -8.25 1.96
CA TYR D 74 -11.62 -8.41 2.14
C TYR D 74 -11.15 -9.71 1.50
N TYR D 75 -9.85 -9.78 1.23
CA TYR D 75 -9.31 -10.91 0.49
C TYR D 75 -9.51 -12.21 1.28
N LYS D 76 -9.96 -13.24 0.57
CA LYS D 76 -10.29 -14.50 1.22
C LYS D 76 -9.04 -15.22 1.68
N ASN D 77 -9.19 -16.02 2.73
CA ASN D 77 -8.12 -16.86 3.25
C ASN D 77 -8.28 -18.26 2.67
N GLN D 78 -7.27 -18.72 1.94
CA GLN D 78 -7.29 -20.07 1.38
C GLN D 78 -6.70 -21.10 2.33
N GLY D 79 -6.32 -20.70 3.54
CA GLY D 79 -5.82 -21.62 4.53
C GLY D 79 -6.93 -22.27 5.33
N THR D 80 -6.52 -23.01 6.37
CA THR D 80 -7.48 -23.72 7.20
C THR D 80 -8.20 -22.79 8.16
N ALA D 81 -7.54 -21.71 8.60
CA ALA D 81 -8.15 -20.79 9.54
C ALA D 81 -9.41 -20.17 8.96
N GLN D 82 -10.48 -20.16 9.74
CA GLN D 82 -11.77 -19.65 9.31
C GLN D 82 -12.14 -18.39 10.09
N ASN D 83 -13.19 -17.73 9.62
CA ASN D 83 -13.66 -16.48 10.22
C ASN D 83 -12.55 -15.43 10.26
N ILE D 84 -11.70 -15.43 9.25
CA ILE D 84 -10.61 -14.46 9.14
C ILE D 84 -10.52 -13.98 7.70
N GLN D 85 -10.04 -12.74 7.55
CA GLN D 85 -9.90 -12.11 6.25
C GLN D 85 -8.60 -11.32 6.25
N LEU D 86 -8.05 -11.09 5.06
CA LEU D 86 -6.79 -10.39 4.90
C LEU D 86 -7.07 -8.98 4.39
N GLU D 87 -6.58 -7.97 5.12
CA GLU D 87 -6.81 -6.58 4.80
C GLU D 87 -5.51 -5.95 4.29
N LEU D 88 -5.60 -5.19 3.20
CA LEU D 88 -4.49 -4.45 2.64
C LEU D 88 -4.87 -2.98 2.54
N GLN D 89 -3.92 -2.11 2.88
CA GLN D 89 -4.15 -0.67 2.82
C GLN D 89 -2.86 0.00 2.37
N ASP D 90 -2.96 1.28 2.05
CA ASP D 90 -1.79 2.10 1.82
C ASP D 90 -1.41 2.78 3.13
N ASP D 91 -0.47 3.71 3.08
CA ASP D 91 -0.12 4.48 4.26
C ASP D 91 -1.04 5.67 4.47
N SER D 92 -1.99 5.90 3.57
CA SER D 92 -2.96 6.97 3.69
C SER D 92 -4.28 6.51 4.30
N GLY D 93 -4.32 5.28 4.81
CA GLY D 93 -5.54 4.76 5.40
C GLY D 93 -6.67 4.53 4.43
N ASN D 94 -6.36 4.06 3.22
CA ASN D 94 -7.36 3.74 2.21
C ASN D 94 -7.32 2.25 1.94
N THR D 95 -8.48 1.60 2.03
CA THR D 95 -8.57 0.15 1.87
C THR D 95 -8.50 -0.20 0.39
N LEU D 96 -7.43 -0.89 -0.01
CA LEU D 96 -7.22 -1.27 -1.41
C LEU D 96 -7.69 -2.70 -1.59
N ASN D 97 -9.00 -2.88 -1.66
CA ASN D 97 -9.60 -4.19 -1.83
C ASN D 97 -9.43 -4.64 -3.27
N THR D 98 -10.03 -5.77 -3.62
CA THR D 98 -9.90 -6.29 -4.98
C THR D 98 -10.48 -5.30 -5.98
N GLY D 99 -9.72 -5.04 -7.04
CA GLY D 99 -10.10 -4.09 -8.06
C GLY D 99 -9.70 -2.65 -7.79
N ALA D 100 -9.21 -2.34 -6.59
CA ALA D 100 -8.85 -0.98 -6.26
C ALA D 100 -7.52 -0.58 -6.90
N THR D 101 -7.42 0.67 -7.31
CA THR D 101 -6.24 1.20 -7.98
C THR D 101 -5.69 2.38 -7.21
N LYS D 102 -4.37 2.45 -7.08
CA LYS D 102 -3.70 3.60 -6.49
C LYS D 102 -2.66 4.14 -7.45
N THR D 103 -2.57 5.46 -7.54
CA THR D 103 -1.67 6.12 -8.46
C THR D 103 -0.58 6.87 -7.70
N VAL D 104 0.66 6.74 -8.17
CA VAL D 104 1.80 7.43 -7.58
C VAL D 104 2.58 8.12 -8.69
N GLN D 105 3.36 9.11 -8.29
CA GLN D 105 4.22 9.86 -9.19
C GLN D 105 5.60 9.22 -9.25
N VAL D 106 6.31 9.48 -10.35
CA VAL D 106 7.64 8.93 -10.58
C VAL D 106 8.66 9.99 -10.21
N ASP D 107 9.59 9.64 -9.33
CA ASP D 107 10.65 10.55 -8.94
C ASP D 107 11.56 10.84 -10.11
N ASP D 108 11.64 12.11 -10.52
CA ASP D 108 12.37 12.46 -11.73
C ASP D 108 13.87 12.18 -11.57
N SER D 109 14.41 12.45 -10.39
CA SER D 109 15.85 12.32 -10.20
C SER D 109 16.33 10.88 -10.35
N SER D 110 15.56 9.93 -9.83
CA SER D 110 15.95 8.53 -9.84
C SER D 110 15.12 7.66 -10.78
N GLN D 111 14.07 8.21 -11.38
CA GLN D 111 13.21 7.48 -12.32
C GLN D 111 12.68 6.19 -11.68
N SER D 112 12.16 6.32 -10.46
CA SER D 112 11.70 5.17 -9.71
C SER D 112 10.38 5.50 -9.02
N ALA D 113 9.46 4.53 -9.04
CA ALA D 113 8.21 4.60 -8.29
C ALA D 113 8.29 3.69 -7.08
N HIS D 114 7.36 3.88 -6.15
CA HIS D 114 7.40 3.16 -4.88
C HIS D 114 6.01 3.19 -4.26
N PHE D 115 5.42 2.01 -4.06
CA PHE D 115 4.08 1.93 -3.48
C PHE D 115 4.21 1.52 -2.02
N PRO D 116 3.93 2.41 -1.07
CA PRO D 116 3.95 1.99 0.35
C PRO D 116 2.62 1.39 0.78
N LEU D 117 2.65 0.12 1.20
CA LEU D 117 1.44 -0.60 1.58
C LEU D 117 1.62 -1.18 2.97
N GLN D 118 0.55 -1.80 3.48
CA GLN D 118 0.58 -2.47 4.76
C GLN D 118 -0.55 -3.49 4.80
N VAL D 119 -0.25 -4.67 5.34
CA VAL D 119 -1.16 -5.81 5.32
C VAL D 119 -1.36 -6.29 6.75
N ARG D 120 -2.55 -6.84 7.01
CA ARG D 120 -2.85 -7.44 8.30
C ARG D 120 -3.95 -8.48 8.10
N ALA D 121 -4.23 -9.22 9.17
CA ALA D 121 -5.30 -10.20 9.20
C ALA D 121 -6.30 -9.81 10.27
N LEU D 122 -7.57 -9.72 9.90
CA LEU D 122 -8.61 -9.29 10.82
C LEU D 122 -9.79 -10.24 10.75
N THR D 123 -10.53 -10.31 11.85
CA THR D 123 -11.79 -11.05 11.89
C THR D 123 -12.94 -10.03 11.95
N VAL D 124 -13.93 -10.22 11.08
CA VAL D 124 -15.08 -9.32 11.04
C VAL D 124 -16.24 -9.91 11.83
N ASN D 125 -16.53 -11.19 11.64
CA ASN D 125 -17.60 -11.84 12.38
C ASN D 125 -17.16 -12.30 13.76
N GLY D 126 -15.86 -12.32 14.03
CA GLY D 126 -15.35 -12.76 15.31
C GLY D 126 -15.11 -14.26 15.35
N GLY D 127 -14.37 -14.69 16.37
CA GLY D 127 -14.07 -16.10 16.55
C GLY D 127 -13.19 -16.68 15.47
N ALA D 128 -11.94 -16.22 15.39
CA ALA D 128 -11.00 -16.70 14.39
C ALA D 128 -10.52 -18.09 14.77
N THR D 129 -10.85 -19.09 13.95
CA THR D 129 -10.49 -20.46 14.25
C THR D 129 -9.00 -20.70 13.98
N GLN D 130 -8.43 -21.63 14.76
CA GLN D 130 -7.04 -22.02 14.57
C GLN D 130 -6.82 -22.58 13.17
N GLY D 131 -5.69 -22.22 12.56
CA GLY D 131 -5.35 -22.76 11.27
C GLY D 131 -4.39 -21.87 10.52
N THR D 132 -3.99 -22.35 9.34
CA THR D 132 -3.04 -21.62 8.51
C THR D 132 -3.73 -20.46 7.78
N ILE D 133 -2.93 -19.47 7.41
CA ILE D 133 -3.39 -18.31 6.66
C ILE D 133 -2.57 -18.23 5.38
N GLN D 134 -3.24 -18.18 4.24
CA GLN D 134 -2.58 -18.09 2.95
C GLN D 134 -3.45 -17.30 2.00
N ALA D 135 -2.89 -16.23 1.43
CA ALA D 135 -3.62 -15.41 0.47
C ALA D 135 -2.64 -14.87 -0.56
N VAL D 136 -3.15 -14.56 -1.74
CA VAL D 136 -2.34 -14.02 -2.83
C VAL D 136 -3.09 -12.83 -3.45
N ILE D 137 -2.37 -11.73 -3.64
CA ILE D 137 -2.92 -10.53 -4.27
C ILE D 137 -2.08 -10.19 -5.49
N SER D 138 -2.70 -10.14 -6.65
CA SER D 138 -2.01 -9.85 -7.90
C SER D 138 -2.19 -8.39 -8.26
N ILE D 139 -1.09 -7.73 -8.61
CA ILE D 139 -1.06 -6.29 -8.86
C ILE D 139 -0.54 -6.05 -10.26
N THR D 140 -1.27 -5.25 -11.03
CA THR D 140 -0.89 -4.93 -12.40
C THR D 140 -0.72 -3.43 -12.55
N TYR D 141 0.32 -3.01 -13.25
CA TYR D 141 0.71 -1.62 -13.34
C TYR D 141 0.38 -1.05 -14.72
N THR D 142 -0.21 0.13 -14.74
CA THR D 142 -0.46 0.88 -15.96
C THR D 142 0.27 2.22 -15.86
N TYR D 143 1.06 2.55 -16.87
CA TYR D 143 1.96 3.69 -16.82
C TYR D 143 1.41 4.80 -17.70
N SER D 144 1.35 6.01 -17.15
CA SER D 144 0.81 7.14 -17.89
C SER D 144 1.68 8.39 -17.69
N PHE E 1 -11.37 43.26 -83.69
CA PHE E 1 -10.36 42.94 -82.69
C PHE E 1 -10.95 42.20 -81.51
N ALA E 2 -10.66 40.90 -81.39
CA ALA E 2 -11.17 40.06 -80.33
C ALA E 2 -10.01 39.38 -79.62
N CYS E 3 -10.01 39.44 -78.29
CA CYS E 3 -9.00 38.82 -77.45
C CYS E 3 -9.67 37.86 -76.48
N LYS E 4 -9.04 36.71 -76.28
CA LYS E 4 -9.59 35.68 -75.40
C LYS E 4 -8.47 34.80 -74.88
N THR E 5 -8.78 34.05 -73.83
CA THR E 5 -7.86 33.08 -73.26
C THR E 5 -8.61 31.78 -73.00
N ALA E 6 -7.87 30.66 -72.99
CA ALA E 6 -8.49 29.36 -72.89
C ALA E 6 -9.07 29.10 -71.50
N ASN E 7 -8.40 29.59 -70.46
CA ASN E 7 -8.79 29.24 -69.10
C ASN E 7 -9.94 30.12 -68.60
N GLY E 8 -9.75 31.44 -68.59
CA GLY E 8 -10.73 32.31 -67.98
C GLY E 8 -11.79 32.85 -68.92
N THR E 9 -11.36 33.46 -70.02
CA THR E 9 -12.24 34.11 -70.99
C THR E 9 -13.13 35.14 -70.28
N ALA E 10 -12.47 36.13 -69.69
CA ALA E 10 -13.18 37.16 -68.94
C ALA E 10 -13.95 38.08 -69.88
N ILE E 11 -15.13 38.51 -69.44
CA ILE E 11 -15.98 39.40 -70.22
C ILE E 11 -15.46 40.83 -70.10
N PRO E 12 -15.15 41.50 -71.20
CA PRO E 12 -14.70 42.90 -71.11
C PRO E 12 -15.84 43.81 -70.71
N ILE E 13 -15.57 44.69 -69.74
CA ILE E 13 -16.55 45.64 -69.22
C ILE E 13 -15.96 47.05 -69.31
N GLY E 14 -16.77 47.98 -69.81
CA GLY E 14 -16.30 49.35 -69.96
C GLY E 14 -15.41 49.55 -71.16
N GLY E 15 -15.93 49.28 -72.36
CA GLY E 15 -15.13 49.43 -73.56
C GLY E 15 -14.05 48.37 -73.62
N GLY E 16 -12.83 48.80 -73.90
CA GLY E 16 -11.71 47.88 -74.00
C GLY E 16 -11.18 47.37 -72.67
N SER E 17 -11.61 47.96 -71.56
CA SER E 17 -11.15 47.53 -70.25
C SER E 17 -11.68 46.12 -69.95
N ALA E 18 -10.83 45.30 -69.35
CA ALA E 18 -11.20 43.93 -69.03
C ALA E 18 -10.26 43.39 -67.97
N ASN E 19 -10.71 42.34 -67.28
CA ASN E 19 -9.89 41.59 -66.36
C ASN E 19 -9.44 40.30 -67.03
N VAL E 20 -8.72 39.46 -66.27
CA VAL E 20 -8.23 38.19 -66.79
C VAL E 20 -7.91 37.29 -65.61
N TYR E 21 -8.04 35.98 -65.82
CA TYR E 21 -7.71 34.97 -64.83
C TYR E 21 -6.74 33.98 -65.48
N VAL E 22 -5.45 34.11 -65.15
CA VAL E 22 -4.41 33.30 -65.78
C VAL E 22 -3.56 32.65 -64.70
N ASN E 23 -3.07 31.45 -65.01
CA ASN E 23 -2.19 30.75 -64.09
C ASN E 23 -0.81 31.41 -64.06
N LEU E 24 -0.13 31.23 -62.93
CA LEU E 24 1.18 31.83 -62.70
C LEU E 24 2.21 30.73 -62.49
N ALA E 25 3.35 30.85 -63.18
CA ALA E 25 4.47 29.93 -63.03
C ALA E 25 5.75 30.73 -62.84
N PRO E 26 5.92 31.37 -61.68
CA PRO E 26 7.11 32.21 -61.45
C PRO E 26 8.34 31.35 -61.21
N VAL E 27 9.40 31.61 -61.98
CA VAL E 27 10.64 30.86 -61.90
C VAL E 27 11.78 31.86 -61.73
N VAL E 28 12.69 31.58 -60.79
CA VAL E 28 13.84 32.45 -60.58
C VAL E 28 14.77 32.35 -61.78
N ASN E 29 15.23 33.50 -62.26
CA ASN E 29 16.12 33.57 -63.40
C ASN E 29 17.25 34.55 -63.11
N VAL E 30 18.31 34.45 -63.91
CA VAL E 30 19.46 35.35 -63.76
C VAL E 30 19.04 36.77 -64.12
N GLY E 31 19.39 37.72 -63.27
CA GLY E 31 19.03 39.10 -63.49
C GLY E 31 17.71 39.48 -62.86
N GLN E 32 16.62 38.96 -63.41
CA GLN E 32 15.28 39.22 -62.89
C GLN E 32 14.46 37.94 -63.00
N ASN E 33 13.40 37.87 -62.19
CA ASN E 33 12.56 36.68 -62.12
C ASN E 33 11.24 36.94 -62.84
N LEU E 34 10.88 36.06 -63.77
CA LEU E 34 9.62 36.21 -64.48
C LEU E 34 8.45 35.96 -63.54
N VAL E 35 7.37 36.72 -63.75
CA VAL E 35 6.16 36.61 -62.92
C VAL E 35 4.99 36.05 -63.72
N VAL E 36 4.59 36.74 -64.78
CA VAL E 36 3.48 36.31 -65.63
C VAL E 36 3.93 36.38 -67.08
N ASP E 37 3.72 35.30 -67.82
CA ASP E 37 4.03 35.24 -69.25
C ASP E 37 2.69 35.21 -70.01
N LEU E 38 2.23 36.40 -70.42
CA LEU E 38 0.95 36.53 -71.09
C LEU E 38 0.93 35.92 -72.49
N SER E 39 2.10 35.56 -73.04
CA SER E 39 2.15 35.01 -74.39
C SER E 39 1.40 33.69 -74.47
N THR E 40 1.55 32.83 -73.46
CA THR E 40 0.91 31.53 -73.47
C THR E 40 -0.58 31.58 -73.16
N GLN E 41 -1.10 32.73 -72.72
CA GLN E 41 -2.48 32.82 -72.28
C GLN E 41 -3.32 33.73 -73.17
N ILE E 42 -2.91 34.97 -73.38
CA ILE E 42 -3.72 35.93 -74.12
C ILE E 42 -3.55 35.68 -75.62
N PHE E 43 -4.66 35.47 -76.31
CA PHE E 43 -4.68 35.27 -77.75
C PHE E 43 -5.60 36.31 -78.38
N CYS E 44 -5.04 37.13 -79.27
CA CYS E 44 -5.77 38.21 -79.91
C CYS E 44 -5.77 38.03 -81.43
N HIS E 45 -6.86 38.46 -82.06
CA HIS E 45 -6.98 38.38 -83.51
C HIS E 45 -7.81 39.56 -84.00
N ASN E 46 -7.72 39.81 -85.29
CA ASN E 46 -8.46 40.90 -85.94
C ASN E 46 -9.67 40.32 -86.66
N ASP E 47 -10.86 40.84 -86.34
CA ASP E 47 -12.08 40.33 -86.96
C ASP E 47 -12.10 40.61 -88.45
N TYR E 48 -11.67 41.80 -88.87
CA TYR E 48 -11.68 42.22 -90.27
C TYR E 48 -10.29 42.70 -90.65
N PRO E 49 -9.34 41.78 -90.85
CA PRO E 49 -7.98 42.20 -91.21
C PRO E 49 -7.90 42.95 -92.52
N GLU E 50 -8.76 42.62 -93.49
CA GLU E 50 -8.66 43.24 -94.80
C GLU E 50 -9.12 44.69 -94.81
N THR E 51 -9.90 45.11 -93.81
CA THR E 51 -10.42 46.47 -93.75
C THR E 51 -9.76 47.33 -92.68
N ILE E 52 -9.51 46.78 -91.49
CA ILE E 52 -8.96 47.53 -90.37
C ILE E 52 -7.75 46.77 -89.82
N THR E 53 -6.65 47.47 -89.61
CA THR E 53 -5.44 46.93 -89.00
C THR E 53 -5.20 47.67 -87.70
N ASP E 54 -5.12 46.92 -86.60
CA ASP E 54 -5.03 47.51 -85.27
C ASP E 54 -3.56 47.68 -84.86
N TYR E 55 -3.33 48.66 -83.99
CA TYR E 55 -2.02 48.91 -83.40
C TYR E 55 -2.21 49.06 -81.90
N VAL E 56 -1.60 48.16 -81.13
CA VAL E 56 -1.77 48.14 -79.67
C VAL E 56 -0.44 48.48 -79.02
N THR E 57 -0.46 49.43 -78.09
CA THR E 57 0.73 49.84 -77.37
C THR E 57 0.40 49.98 -75.89
N LEU E 58 1.45 50.04 -75.07
CA LEU E 58 1.33 50.18 -73.63
C LEU E 58 1.76 51.59 -73.25
N GLN E 59 0.82 52.40 -72.76
CA GLN E 59 1.12 53.76 -72.39
C GLN E 59 1.83 53.80 -71.03
N ARG E 60 2.51 54.91 -70.77
CA ARG E 60 3.20 55.08 -69.50
C ARG E 60 2.21 55.13 -68.35
N GLY E 61 2.67 54.73 -67.17
CA GLY E 61 1.85 54.67 -65.99
C GLY E 61 1.44 53.27 -65.56
N SER E 62 1.65 52.26 -66.41
CA SER E 62 1.35 50.89 -66.04
C SER E 62 2.27 50.45 -64.91
N ALA E 63 1.69 49.79 -63.91
CA ALA E 63 2.46 49.41 -62.72
C ALA E 63 1.81 48.19 -62.09
N TYR E 64 2.23 47.87 -60.87
CA TYR E 64 1.68 46.77 -60.11
C TYR E 64 0.56 47.30 -59.21
N GLY E 65 0.04 46.45 -58.34
CA GLY E 65 -1.02 46.85 -57.43
C GLY E 65 -0.97 46.02 -56.16
N GLY E 66 -1.51 46.59 -55.10
CA GLY E 66 -1.50 45.90 -53.81
C GLY E 66 -0.08 45.71 -53.31
N VAL E 67 0.20 44.49 -52.83
CA VAL E 67 1.51 44.20 -52.22
C VAL E 67 2.63 44.34 -53.24
N LEU E 68 2.36 43.98 -54.50
CA LEU E 68 3.36 44.12 -55.56
C LEU E 68 3.58 45.58 -55.95
N SER E 69 2.72 46.50 -55.51
CA SER E 69 2.76 47.87 -56.02
C SER E 69 4.08 48.58 -55.70
N ASN E 70 4.87 48.07 -54.76
CA ASN E 70 6.13 48.68 -54.39
C ASN E 70 7.32 48.00 -55.05
N PHE E 71 7.10 47.14 -56.04
CA PHE E 71 8.16 46.41 -56.70
C PHE E 71 8.21 46.76 -58.18
N SER E 72 9.40 46.67 -58.76
CA SER E 72 9.61 47.01 -60.16
C SER E 72 10.34 45.89 -60.91
N GLY E 73 10.71 46.15 -62.15
CA GLY E 73 11.37 45.13 -62.97
C GLY E 73 11.50 45.54 -64.42
N THR E 74 11.08 44.66 -65.33
CA THR E 74 11.13 44.96 -66.75
C THR E 74 10.00 44.23 -67.46
N VAL E 75 9.76 44.62 -68.71
CA VAL E 75 8.74 43.99 -69.54
C VAL E 75 9.35 43.63 -70.88
N LYS E 76 9.11 42.41 -71.34
CA LYS E 76 9.51 41.95 -72.66
C LYS E 76 8.35 42.19 -73.61
N TYR E 77 8.39 43.30 -74.33
CA TYR E 77 7.35 43.69 -75.27
C TYR E 77 7.80 43.34 -76.68
N SER E 78 7.24 42.27 -77.23
CA SER E 78 7.60 41.79 -78.57
C SER E 78 9.09 41.53 -78.69
N GLY E 79 9.69 40.98 -77.63
CA GLY E 79 11.10 40.68 -77.61
C GLY E 79 12.00 41.85 -77.26
N SER E 80 11.44 43.00 -76.92
CA SER E 80 12.22 44.19 -76.60
C SER E 80 12.18 44.41 -75.09
N SER E 81 13.36 44.64 -74.49
CA SER E 81 13.48 44.86 -73.06
C SER E 81 13.17 46.32 -72.76
N TYR E 82 12.08 46.56 -72.03
CA TYR E 82 11.66 47.90 -71.65
C TYR E 82 11.63 48.01 -70.14
N PRO E 83 12.24 49.04 -69.55
CA PRO E 83 12.24 49.16 -68.09
C PRO E 83 10.85 49.34 -67.52
N PHE E 84 10.66 48.83 -66.31
CA PHE E 84 9.39 48.87 -65.59
C PHE E 84 9.58 49.57 -64.25
N PRO E 85 8.61 50.40 -63.81
CA PRO E 85 7.32 50.71 -64.44
C PRO E 85 7.43 51.56 -65.70
N THR E 86 6.35 51.63 -66.48
CA THR E 86 6.36 52.31 -67.77
C THR E 86 6.45 53.82 -67.55
N THR E 87 7.63 54.38 -67.80
CA THR E 87 7.83 55.82 -67.77
C THR E 87 7.70 56.47 -69.15
N SER E 88 7.45 55.67 -70.18
CA SER E 88 7.31 56.19 -71.54
C SER E 88 6.49 55.19 -72.34
N GLU E 89 6.05 55.62 -73.52
CA GLU E 89 5.19 54.80 -74.36
C GLU E 89 6.06 53.83 -75.16
N THR E 90 5.74 52.53 -75.06
CA THR E 90 6.47 51.49 -75.77
C THR E 90 6.04 51.46 -77.23
N PRO E 91 6.92 50.97 -78.12
CA PRO E 91 6.52 50.81 -79.52
C PRO E 91 5.32 49.88 -79.67
N ARG E 92 4.47 50.19 -80.64
CA ARG E 92 3.22 49.47 -80.83
C ARG E 92 3.46 48.14 -81.54
N VAL E 93 2.43 47.30 -81.49
CA VAL E 93 2.42 45.99 -82.16
C VAL E 93 1.22 45.97 -83.09
N VAL E 94 1.44 45.51 -84.31
CA VAL E 94 0.41 45.50 -85.34
C VAL E 94 -0.42 44.23 -85.24
N TYR E 95 -1.66 44.31 -85.73
CA TYR E 95 -2.58 43.17 -85.74
C TYR E 95 -3.42 43.28 -87.00
N ASN E 96 -3.15 42.40 -87.97
CA ASN E 96 -3.91 42.35 -89.22
C ASN E 96 -4.16 40.92 -89.65
N SER E 97 -4.53 40.06 -88.69
CA SER E 97 -4.76 38.65 -88.98
C SER E 97 -5.93 38.14 -88.15
N ARG E 98 -6.61 37.12 -88.69
CA ARG E 98 -7.73 36.47 -88.00
C ARG E 98 -7.28 35.36 -87.05
N THR E 99 -6.01 35.00 -87.08
CA THR E 99 -5.52 33.90 -86.25
C THR E 99 -5.22 34.39 -84.84
N ASP E 100 -5.52 33.55 -83.84
CA ASP E 100 -5.27 33.87 -82.44
C ASP E 100 -3.77 33.74 -82.17
N LYS E 101 -3.03 34.73 -82.64
CA LYS E 101 -1.59 34.76 -82.41
C LYS E 101 -1.29 35.12 -80.96
N PRO E 102 -0.24 34.53 -80.38
CA PRO E 102 0.13 34.87 -79.00
C PRO E 102 0.57 36.31 -78.89
N TRP E 103 0.33 36.89 -77.72
CA TRP E 103 0.71 38.28 -77.46
C TRP E 103 2.09 38.30 -76.83
N PRO E 104 3.12 38.76 -77.53
CA PRO E 104 4.48 38.69 -76.98
C PRO E 104 4.73 39.72 -75.89
N VAL E 105 4.23 39.46 -74.69
CA VAL E 105 4.44 40.34 -73.54
C VAL E 105 4.81 39.46 -72.35
N ALA E 106 5.94 39.79 -71.70
CA ALA E 106 6.39 39.10 -70.51
C ALA E 106 6.66 40.11 -69.41
N LEU E 107 6.45 39.70 -68.17
CA LEU E 107 6.60 40.57 -67.00
C LEU E 107 7.66 39.99 -66.07
N TYR E 108 8.58 40.84 -65.61
CA TYR E 108 9.66 40.42 -64.74
C TYR E 108 9.60 41.19 -63.43
N LEU E 109 10.45 40.77 -62.49
CA LEU E 109 10.56 41.38 -61.18
C LEU E 109 12.02 41.44 -60.79
N THR E 110 12.44 42.58 -60.26
CA THR E 110 13.83 42.80 -59.86
C THR E 110 14.07 42.19 -58.48
N PRO E 111 15.08 41.34 -58.31
CA PRO E 111 15.35 40.74 -57.00
C PRO E 111 15.78 41.81 -56.00
N VAL E 112 15.02 41.94 -54.91
CA VAL E 112 15.36 42.86 -53.83
C VAL E 112 15.63 42.14 -52.51
N SER E 113 15.33 40.85 -52.41
CA SER E 113 15.57 40.07 -51.21
C SER E 113 16.63 39.00 -51.49
N SER E 114 16.93 38.20 -50.47
CA SER E 114 17.87 37.10 -50.65
C SER E 114 17.18 35.88 -51.22
N ALA E 115 16.19 35.34 -50.52
CA ALA E 115 15.41 34.22 -51.03
C ALA E 115 13.93 34.31 -50.65
N GLY E 116 13.49 35.42 -50.08
CA GLY E 116 12.11 35.52 -49.64
C GLY E 116 11.15 35.73 -50.79
N GLY E 117 9.86 35.72 -50.43
CA GLY E 117 8.81 35.89 -51.43
C GLY E 117 7.54 36.42 -50.80
N VAL E 118 6.57 36.70 -51.66
CA VAL E 118 5.26 37.20 -51.26
C VAL E 118 4.20 36.28 -51.83
N ALA E 119 3.24 35.91 -50.99
CA ALA E 119 2.18 34.99 -51.38
C ALA E 119 0.95 35.79 -51.83
N ILE E 120 0.43 35.45 -53.00
CA ILE E 120 -0.75 36.08 -53.56
C ILE E 120 -1.86 35.04 -53.67
N LYS E 121 -3.02 35.36 -53.12
CA LYS E 121 -4.17 34.46 -53.16
C LYS E 121 -4.93 34.61 -54.47
N ALA E 122 -5.76 33.61 -54.76
CA ALA E 122 -6.56 33.63 -55.98
C ALA E 122 -7.59 34.75 -55.93
N GLY E 123 -7.86 35.36 -57.08
CA GLY E 123 -8.84 36.42 -57.17
C GLY E 123 -8.35 37.78 -56.77
N SER E 124 -7.05 37.94 -56.53
CA SER E 124 -6.47 39.22 -56.11
C SER E 124 -5.71 39.84 -57.27
N LEU E 125 -5.88 41.15 -57.45
CA LEU E 125 -5.20 41.86 -58.51
C LEU E 125 -3.69 41.88 -58.26
N ILE E 126 -2.93 41.87 -59.36
CA ILE E 126 -1.47 41.89 -59.30
C ILE E 126 -0.90 43.08 -60.07
N ALA E 127 -1.36 43.29 -61.30
CA ALA E 127 -0.82 44.36 -62.15
C ALA E 127 -1.96 45.14 -62.78
N VAL E 128 -1.71 46.44 -62.99
CA VAL E 128 -2.66 47.34 -63.64
C VAL E 128 -1.92 48.00 -64.79
N LEU E 129 -2.36 47.74 -66.01
CA LEU E 129 -1.70 48.21 -67.22
C LEU E 129 -2.62 49.16 -67.98
N ILE E 130 -2.01 50.13 -68.66
CA ILE E 130 -2.74 51.09 -69.48
C ILE E 130 -2.42 50.80 -70.94
N LEU E 131 -3.43 50.39 -71.70
CA LEU E 131 -3.26 50.04 -73.09
C LEU E 131 -3.93 51.08 -73.98
N ARG E 132 -3.31 51.35 -75.13
CA ARG E 132 -3.83 52.28 -76.12
C ARG E 132 -3.87 51.60 -77.47
N GLN E 133 -5.04 51.61 -78.11
CA GLN E 133 -5.23 50.96 -79.40
C GLN E 133 -5.68 51.98 -80.43
N THR E 134 -4.97 52.02 -81.54
CA THR E 134 -5.32 52.82 -82.72
C THR E 134 -5.58 51.88 -83.89
N ASN E 135 -6.01 52.45 -85.00
CA ASN E 135 -6.31 51.66 -86.20
C ASN E 135 -5.86 52.42 -87.44
N ASN E 136 -5.56 51.65 -88.49
CA ASN E 136 -5.22 52.25 -89.77
C ASN E 136 -6.45 52.71 -90.55
N TYR E 137 -7.64 52.24 -90.15
CA TYR E 137 -8.87 52.61 -90.85
C TYR E 137 -9.15 54.11 -90.71
N ASN E 138 -8.98 54.65 -89.51
CA ASN E 138 -9.27 56.06 -89.22
C ASN E 138 -8.48 56.47 -87.98
N SER E 139 -8.85 57.61 -87.41
CA SER E 139 -8.20 58.14 -86.22
C SER E 139 -8.86 57.67 -84.93
N ASP E 140 -9.54 56.53 -84.95
CA ASP E 140 -10.22 56.00 -83.76
C ASP E 140 -9.18 55.39 -82.83
N ASP E 141 -8.69 56.21 -81.90
CA ASP E 141 -7.73 55.78 -80.88
C ASP E 141 -8.42 55.78 -79.53
N PHE E 142 -8.34 54.65 -78.82
CA PHE E 142 -8.99 54.51 -77.53
C PHE E 142 -8.04 53.87 -76.52
N GLN E 143 -8.08 54.35 -75.29
CA GLN E 143 -7.24 53.86 -74.21
C GLN E 143 -8.10 53.22 -73.14
N PHE E 144 -7.61 52.12 -72.58
CA PHE E 144 -8.32 51.40 -71.52
C PHE E 144 -7.31 50.89 -70.49
N VAL E 145 -7.84 50.35 -69.40
CA VAL E 145 -7.05 49.85 -68.28
C VAL E 145 -7.37 48.37 -68.11
N TRP E 146 -6.32 47.56 -68.06
CA TRP E 146 -6.44 46.11 -67.86
C TRP E 146 -5.88 45.74 -66.51
N ASN E 147 -6.67 45.04 -65.71
CA ASN E 147 -6.26 44.57 -64.39
C ASN E 147 -6.06 43.06 -64.45
N ILE E 148 -4.90 42.59 -64.03
CA ILE E 148 -4.57 41.17 -64.04
C ILE E 148 -4.94 40.56 -62.70
N TYR E 149 -5.68 39.45 -62.74
CA TYR E 149 -6.09 38.75 -61.53
C TYR E 149 -5.54 37.33 -61.55
N ALA E 150 -5.39 36.76 -60.35
CA ALA E 150 -4.83 35.43 -60.18
C ALA E 150 -5.94 34.43 -59.92
N ASN E 151 -5.91 33.31 -60.63
CA ASN E 151 -6.89 32.24 -60.48
C ASN E 151 -6.38 31.11 -59.59
N ASN E 152 -5.21 31.26 -58.99
CA ASN E 152 -4.63 30.21 -58.16
C ASN E 152 -3.71 30.85 -57.12
N ASP E 153 -3.37 30.07 -56.11
CA ASP E 153 -2.51 30.52 -55.02
C ASP E 153 -1.07 30.07 -55.30
N VAL E 154 -0.16 31.02 -55.38
CA VAL E 154 1.25 30.74 -55.64
C VAL E 154 2.08 31.86 -55.05
N VAL E 155 3.31 31.53 -54.66
CA VAL E 155 4.23 32.50 -54.07
C VAL E 155 5.27 32.84 -55.12
N VAL E 156 5.24 34.09 -55.58
CA VAL E 156 6.22 34.55 -56.56
C VAL E 156 7.52 34.89 -55.84
N PRO E 157 8.66 34.33 -56.26
CA PRO E 157 9.93 34.65 -55.59
C PRO E 157 10.27 36.13 -55.72
N THR E 158 10.83 36.69 -54.65
CA THR E 158 11.29 38.06 -54.65
C THR E 158 12.80 38.19 -54.69
N GLY E 159 13.53 37.20 -54.18
CA GLY E 159 14.97 37.20 -54.22
C GLY E 159 15.52 36.46 -55.42
N GLY E 160 16.81 36.15 -55.35
CA GLY E 160 17.49 35.43 -56.40
C GLY E 160 17.61 33.93 -56.18
N CYS E 161 16.90 33.37 -55.22
CA CYS E 161 16.98 31.95 -54.93
C CYS E 161 15.59 31.40 -54.64
N ASP E 162 15.43 30.09 -54.86
CA ASP E 162 14.17 29.42 -54.67
C ASP E 162 14.38 28.20 -53.77
N VAL E 163 13.30 27.81 -53.08
CA VAL E 163 13.33 26.68 -52.16
C VAL E 163 12.30 25.65 -52.62
N SER E 164 12.47 24.42 -52.13
CA SER E 164 11.57 23.34 -52.52
C SER E 164 10.15 23.60 -52.04
N ALA E 165 9.98 24.07 -50.81
CA ALA E 165 8.66 24.32 -50.26
C ALA E 165 8.76 25.39 -49.18
N ARG E 166 7.86 26.37 -49.24
CA ARG E 166 7.85 27.43 -48.24
C ARG E 166 7.28 26.98 -46.90
N ASP E 167 6.44 25.95 -46.90
CA ASP E 167 5.88 25.39 -45.68
C ASP E 167 6.20 23.90 -45.64
N VAL E 168 6.95 23.47 -44.63
CA VAL E 168 7.32 22.06 -44.48
C VAL E 168 6.88 21.58 -43.10
N THR E 169 6.21 20.44 -43.06
CA THR E 169 5.73 19.84 -41.82
C THR E 169 6.39 18.48 -41.66
N VAL E 170 7.00 18.25 -40.51
CA VAL E 170 7.68 17.00 -40.20
C VAL E 170 7.14 16.44 -38.89
N THR E 171 6.83 15.15 -38.89
CA THR E 171 6.32 14.47 -37.71
C THR E 171 7.40 13.54 -37.16
N LEU E 172 7.89 13.85 -35.97
CA LEU E 172 8.87 13.02 -35.32
C LEU E 172 8.22 11.71 -34.84
N PRO E 173 9.02 10.66 -34.66
CA PRO E 173 8.53 9.49 -33.93
C PRO E 173 8.30 9.83 -32.47
N ASP E 174 7.74 8.87 -31.74
CA ASP E 174 7.52 9.06 -30.32
C ASP E 174 8.86 9.24 -29.60
N TYR E 175 8.79 9.87 -28.43
CA TYR E 175 10.01 10.23 -27.72
C TYR E 175 10.80 8.97 -27.36
N PRO E 176 12.10 8.92 -27.67
CA PRO E 176 12.88 9.91 -28.41
C PRO E 176 12.97 9.55 -29.89
N GLY E 177 13.34 10.49 -30.75
CA GLY E 177 13.43 10.21 -32.17
C GLY E 177 13.97 11.40 -32.92
N SER E 178 14.02 11.25 -34.24
CA SER E 178 14.51 12.31 -35.11
C SER E 178 13.88 12.16 -36.48
N VAL E 179 13.89 13.26 -37.24
CA VAL E 179 13.35 13.24 -38.60
C VAL E 179 14.10 14.24 -39.48
N PRO E 180 14.61 13.81 -40.64
CA PRO E 180 15.23 14.78 -41.56
C PRO E 180 14.16 15.63 -42.22
N ILE E 181 14.40 16.95 -42.25
CA ILE E 181 13.44 17.90 -42.81
C ILE E 181 13.73 18.04 -44.30
N PRO E 182 12.78 17.69 -45.18
CA PRO E 182 13.02 17.81 -46.62
C PRO E 182 12.92 19.25 -47.08
N LEU E 183 14.07 19.86 -47.36
CA LEU E 183 14.12 21.26 -47.77
C LEU E 183 15.43 21.51 -48.50
N THR E 184 15.34 21.94 -49.75
CA THR E 184 16.50 22.25 -50.57
C THR E 184 16.34 23.64 -51.15
N VAL E 185 17.47 24.25 -51.51
CA VAL E 185 17.49 25.60 -52.07
C VAL E 185 18.43 25.63 -53.27
N TYR E 186 18.01 26.31 -54.32
CA TYR E 186 18.85 26.55 -55.49
C TYR E 186 18.79 28.03 -55.85
N CYS E 187 19.71 28.46 -56.70
CA CYS E 187 19.80 29.86 -57.09
C CYS E 187 20.15 29.95 -58.57
N ALA E 188 19.83 31.11 -59.16
CA ALA E 188 20.12 31.32 -60.57
C ALA E 188 21.61 31.54 -60.83
N LYS E 189 22.35 32.00 -59.83
CA LYS E 189 23.78 32.26 -59.99
C LYS E 189 24.52 31.69 -58.78
N SER E 190 25.75 31.23 -59.02
CA SER E 190 26.57 30.67 -57.96
C SER E 190 26.91 31.76 -56.95
N GLN E 191 26.31 31.67 -55.76
CA GLN E 191 26.51 32.70 -54.75
C GLN E 191 26.49 32.05 -53.37
N ASN E 192 27.13 32.72 -52.41
CA ASN E 192 27.14 32.24 -51.05
C ASN E 192 25.80 32.48 -50.38
N LEU E 193 25.40 31.56 -49.51
CA LEU E 193 24.13 31.65 -48.80
C LEU E 193 24.35 31.36 -47.32
N GLY E 194 23.56 32.03 -46.49
CA GLY E 194 23.55 31.77 -45.06
C GLY E 194 22.16 31.83 -44.50
N TYR E 195 21.81 30.88 -43.64
CA TYR E 195 20.46 30.80 -43.08
C TYR E 195 20.52 30.74 -41.57
N TYR E 196 19.55 31.37 -40.92
CA TYR E 196 19.42 31.35 -39.48
C TYR E 196 17.99 31.04 -39.09
N LEU E 197 17.82 30.20 -38.08
CA LEU E 197 16.48 29.82 -37.65
C LEU E 197 15.85 30.97 -36.86
N SER E 198 14.60 30.77 -36.47
CA SER E 198 13.87 31.76 -35.68
C SER E 198 12.79 31.05 -34.89
N GLY E 199 12.27 31.73 -33.87
CA GLY E 199 11.23 31.17 -33.04
C GLY E 199 11.41 31.48 -31.57
N THR E 200 10.44 31.08 -30.75
CA THR E 200 10.47 31.33 -29.32
C THR E 200 11.22 30.17 -28.66
N THR E 201 12.52 30.35 -28.44
CA THR E 201 13.32 29.32 -27.82
C THR E 201 13.04 29.24 -26.32
N ALA E 202 13.49 28.15 -25.70
CA ALA E 202 13.24 27.87 -24.30
C ALA E 202 14.49 27.98 -23.43
N ASP E 203 15.56 27.26 -23.79
CA ASP E 203 16.76 27.28 -22.98
C ASP E 203 17.51 28.59 -23.14
N ALA E 204 18.45 28.83 -22.22
CA ALA E 204 19.24 30.06 -22.26
C ALA E 204 20.18 30.11 -23.45
N GLY E 205 20.48 28.97 -24.06
CA GLY E 205 21.34 28.92 -25.23
C GLY E 205 20.65 29.17 -26.55
N ASN E 206 19.34 29.43 -26.53
CA ASN E 206 18.56 29.70 -27.74
C ASN E 206 18.62 28.55 -28.73
N SER E 207 18.71 27.31 -28.23
CA SER E 207 18.83 26.15 -29.09
C SER E 207 17.60 25.25 -29.07
N ILE E 208 16.77 25.30 -28.03
CA ILE E 208 15.60 24.44 -27.88
C ILE E 208 14.37 25.30 -28.07
N PHE E 209 13.55 24.96 -29.06
CA PHE E 209 12.35 25.72 -29.35
C PHE E 209 11.20 25.27 -28.47
N THR E 210 10.42 26.23 -27.98
CA THR E 210 9.37 25.93 -27.02
C THR E 210 8.30 25.03 -27.63
N ASN E 211 7.77 24.13 -26.81
CA ASN E 211 6.68 23.24 -27.20
C ASN E 211 5.39 24.05 -27.17
N THR E 212 5.03 24.60 -28.32
CA THR E 212 3.82 25.42 -28.45
C THR E 212 2.62 24.59 -28.89
N ALA E 213 2.35 23.51 -28.16
CA ALA E 213 1.20 22.66 -28.48
C ALA E 213 -0.07 23.26 -27.90
N SER E 214 -1.16 23.14 -28.67
CA SER E 214 -2.44 23.71 -28.23
C SER E 214 -3.12 22.81 -27.21
N PHE E 215 -3.37 21.55 -27.58
CA PHE E 215 -4.12 20.62 -26.74
C PHE E 215 -3.17 19.62 -26.11
N SER E 216 -3.21 19.56 -24.77
CA SER E 216 -2.39 18.66 -23.96
C SER E 216 -0.93 18.73 -24.33
N PRO E 217 -0.24 19.84 -24.04
CA PRO E 217 1.18 19.92 -24.33
C PRO E 217 1.99 18.98 -23.43
N ALA E 218 3.09 18.48 -23.98
CA ALA E 218 4.02 17.64 -23.24
C ALA E 218 5.04 18.56 -22.58
N GLN E 219 4.88 18.78 -21.28
CA GLN E 219 5.75 19.71 -20.57
C GLN E 219 7.14 19.10 -20.37
N GLY E 220 8.15 19.96 -20.37
CA GLY E 220 9.52 19.54 -20.14
C GLY E 220 10.27 19.05 -21.35
N VAL E 221 9.71 19.17 -22.54
CA VAL E 221 10.37 18.70 -23.76
C VAL E 221 10.08 19.67 -24.89
N GLY E 222 11.10 19.94 -25.71
CA GLY E 222 10.98 20.82 -26.86
C GLY E 222 11.68 20.24 -28.07
N VAL E 223 11.80 21.01 -29.14
CA VAL E 223 12.34 20.54 -30.42
C VAL E 223 13.62 21.29 -30.74
N GLN E 224 14.67 20.53 -31.06
CA GLN E 224 15.94 21.06 -31.53
C GLN E 224 16.11 20.74 -33.01
N LEU E 225 16.97 21.52 -33.68
CA LEU E 225 17.35 21.26 -35.06
C LEU E 225 18.85 21.10 -35.13
N THR E 226 19.31 20.05 -35.82
CA THR E 226 20.72 19.77 -35.96
C THR E 226 21.08 19.65 -37.44
N ARG E 227 22.38 19.64 -37.73
CA ARG E 227 22.88 19.32 -39.05
C ARG E 227 24.25 18.67 -38.89
N ASN E 228 24.39 17.46 -39.44
CA ASN E 228 25.64 16.70 -39.33
C ASN E 228 26.06 16.54 -37.87
N GLY E 229 25.07 16.33 -37.00
CA GLY E 229 25.35 16.21 -35.57
C GLY E 229 25.85 17.48 -34.92
N THR E 230 25.38 18.64 -35.36
CA THR E 230 25.80 19.92 -34.79
C THR E 230 24.55 20.73 -34.46
N ILE E 231 24.46 21.17 -33.19
CA ILE E 231 23.30 21.93 -32.76
C ILE E 231 23.30 23.30 -33.43
N ILE E 232 22.13 23.73 -33.90
CA ILE E 232 21.96 25.03 -34.52
C ILE E 232 21.15 25.91 -33.55
N PRO E 233 21.78 26.86 -32.88
CA PRO E 233 21.00 27.82 -32.08
C PRO E 233 20.23 28.77 -32.99
N ALA E 234 19.15 29.31 -32.44
CA ALA E 234 18.33 30.26 -33.19
C ALA E 234 19.09 31.56 -33.41
N ASN E 235 18.81 32.20 -34.55
CA ASN E 235 19.42 33.48 -34.93
C ASN E 235 20.95 33.38 -34.98
N ASN E 236 21.46 32.23 -35.42
CA ASN E 236 22.87 32.04 -35.67
C ASN E 236 23.05 31.57 -37.11
N THR E 237 23.83 32.30 -37.89
CA THR E 237 23.93 32.04 -39.31
C THR E 237 24.77 30.80 -39.58
N VAL E 238 24.24 29.90 -40.41
CA VAL E 238 24.95 28.74 -40.91
C VAL E 238 25.15 28.94 -42.41
N SER E 239 26.38 28.77 -42.88
CA SER E 239 26.73 29.03 -44.26
C SER E 239 26.63 27.75 -45.09
N LEU E 240 25.91 27.83 -46.20
CA LEU E 240 25.75 26.70 -47.11
C LEU E 240 26.85 26.61 -48.14
N GLY E 241 27.78 27.56 -48.16
CA GLY E 241 28.84 27.54 -49.16
C GLY E 241 28.36 28.12 -50.49
N ALA E 242 28.93 27.58 -51.57
CA ALA E 242 28.59 28.02 -52.92
C ALA E 242 27.39 27.23 -53.41
N VAL E 243 26.28 27.92 -53.68
CA VAL E 243 25.06 27.31 -54.16
C VAL E 243 24.80 27.82 -55.57
N GLY E 244 24.70 26.89 -56.53
CA GLY E 244 24.44 27.25 -57.90
C GLY E 244 23.04 26.87 -58.34
N THR E 245 22.89 26.51 -59.62
CA THR E 245 21.58 26.08 -60.12
C THR E 245 21.16 24.73 -59.55
N SER E 246 22.10 23.94 -59.05
CA SER E 246 21.77 22.65 -58.45
C SER E 246 21.25 22.85 -57.04
N ALA E 247 20.21 22.10 -56.69
CA ALA E 247 19.61 22.21 -55.37
C ALA E 247 20.57 21.65 -54.32
N VAL E 248 20.73 22.39 -53.23
CA VAL E 248 21.61 22.00 -52.13
C VAL E 248 20.75 21.78 -50.89
N SER E 249 20.87 20.59 -50.30
CA SER E 249 20.09 20.26 -49.11
C SER E 249 20.70 20.92 -47.88
N LEU E 250 19.86 21.56 -47.07
CA LEU E 250 20.33 22.15 -45.83
C LEU E 250 20.79 21.11 -44.81
N GLY E 251 20.29 19.88 -44.91
CA GLY E 251 20.67 18.84 -43.98
C GLY E 251 20.01 18.91 -42.63
N LEU E 252 18.96 19.73 -42.48
CA LEU E 252 18.33 19.91 -41.19
C LEU E 252 17.68 18.62 -40.71
N THR E 253 17.84 18.32 -39.42
CA THR E 253 17.24 17.16 -38.80
C THR E 253 16.61 17.60 -37.48
N ALA E 254 15.30 17.41 -37.36
CA ALA E 254 14.61 17.73 -36.12
C ALA E 254 14.78 16.61 -35.11
N ASN E 255 14.97 17.00 -33.85
CA ASN E 255 15.19 16.07 -32.75
C ASN E 255 14.43 16.58 -31.53
N TYR E 256 14.23 15.69 -30.56
CA TYR E 256 13.70 16.11 -29.28
C TYR E 256 14.81 16.69 -28.40
N ALA E 257 14.41 17.40 -27.36
CA ALA E 257 15.35 17.91 -26.38
C ALA E 257 14.61 18.13 -25.07
N ARG E 258 15.35 18.10 -23.96
CA ARG E 258 14.77 18.26 -22.64
C ARG E 258 14.98 19.70 -22.18
N THR E 259 13.89 20.38 -21.84
CA THR E 259 13.94 21.78 -21.46
C THR E 259 14.02 21.95 -19.94
N GLY E 260 13.06 21.39 -19.22
CA GLY E 260 13.00 21.56 -17.78
C GLY E 260 13.26 20.28 -16.99
N GLY E 261 12.27 19.87 -16.21
CA GLY E 261 12.43 18.71 -15.34
C GLY E 261 11.70 17.47 -15.81
N GLN E 262 10.68 17.06 -15.05
CA GLN E 262 9.95 15.85 -15.38
C GLN E 262 9.23 16.01 -16.71
N VAL E 263 9.36 15.00 -17.57
CA VAL E 263 8.71 14.98 -18.87
C VAL E 263 7.36 14.28 -18.74
N THR E 264 6.31 14.94 -19.19
CA THR E 264 4.95 14.42 -19.12
C THR E 264 4.44 14.09 -20.52
N ALA E 265 3.71 12.99 -20.63
CA ALA E 265 3.19 12.55 -21.92
C ALA E 265 2.23 13.58 -22.49
N GLY E 266 2.23 13.69 -23.81
CA GLY E 266 1.35 14.64 -24.48
C GLY E 266 1.87 14.95 -25.87
N ASN E 267 1.33 16.02 -26.45
CA ASN E 267 1.70 16.47 -27.78
C ASN E 267 2.87 17.44 -27.71
N VAL E 268 3.63 17.50 -28.79
CA VAL E 268 4.74 18.42 -28.96
C VAL E 268 4.61 19.06 -30.33
N GLN E 269 4.70 20.38 -30.39
CA GLN E 269 4.63 21.09 -31.66
C GLN E 269 5.47 22.35 -31.58
N SER E 270 6.38 22.52 -32.53
CA SER E 270 7.24 23.69 -32.59
C SER E 270 7.22 24.27 -33.99
N ILE E 271 7.04 25.59 -34.09
CA ILE E 271 7.05 26.29 -35.36
C ILE E 271 8.33 27.09 -35.44
N ILE E 272 9.11 26.84 -36.49
CA ILE E 272 10.43 27.44 -36.66
C ILE E 272 10.45 28.19 -37.98
N GLY E 273 11.15 29.33 -37.99
CA GLY E 273 11.28 30.09 -39.21
C GLY E 273 12.73 30.24 -39.65
N VAL E 274 13.03 29.83 -40.87
CA VAL E 274 14.38 29.94 -41.42
C VAL E 274 14.39 31.06 -42.46
N THR E 275 15.36 31.95 -42.33
CA THR E 275 15.53 33.10 -43.21
C THR E 275 16.91 33.02 -43.85
N PHE E 276 16.99 33.34 -45.13
CA PHE E 276 18.24 33.23 -45.88
C PHE E 276 18.90 34.60 -46.00
N VAL E 277 20.22 34.62 -45.80
CA VAL E 277 21.00 35.85 -45.79
C VAL E 277 22.20 35.68 -46.71
N TYR E 278 22.41 36.67 -47.58
CA TYR E 278 23.56 36.65 -48.48
C TYR E 278 24.87 36.80 -47.70
N GLN E 279 25.93 36.22 -48.24
CA GLN E 279 27.25 36.32 -47.64
C GLN E 279 28.30 36.75 -48.66
#